data_7Q4V
#
_entry.id   7Q4V
#
loop_
_entity.id
_entity.type
_entity.pdbx_description
1 polymer 'Iron hydrogenase HydA1'
2 polymer 'Iron hydrogenase HydB'
3 polymer 'Iron hydrogenase HydC'
4 non-polymer 'IRON/SULFUR CLUSTER'
5 non-polymer 'FE2/S2 (INORGANIC) CLUSTER'
6 non-polymer 'ZINC ION'
7 non-polymer 'FLAVIN MONONUCLEOTIDE'
8 non-polymer NICOTINAMIDE-ADENINE-DINUCLEOTIDE
#
loop_
_entity_poly.entity_id
_entity_poly.type
_entity_poly.pdbx_seq_one_letter_code
_entity_poly.pdbx_strand_id
1 'polypeptide(L)'
;MKEITFKINGQEMIVPEGTTILEAARMNNIDIPTLCYLKDINEIGACRMCLVEIAGARALQAACVYPVANGIEVLTNSPK
VREARRVNLELILSNHNRECTTCIRSENCELQTLATDLGVSDIPFEGEKSGKLIDDLSTSVVRDESKCILCKRCVSVCRD
VQSVAVLGTVGRGFTSQVQPVFNKSLADVGCINCGQCIINCPVGALKEKSDIQRVWDAIADPSKTVIVQTAPAVRAALGE
EFGYPMGTSVTGKMAAALRRLGFDKVFDTDFGADVCIMEEGTELIGRVTNGGVLPMITSCSPGWIKFIETYYPEAIPHLS
SCKSPQNITGALLKNHYAQTNNIDPKDMVVVSIMPCTAKKYEVQREELCTDGNADVDISITTRELARMIKEARILFNKLP
DEDFDDYYGESTGAAVIFGATGGVMEAAVRTVADVLNKKDIQEIDYQIVRGVDGIKKASVEVTPDLTVNLVVAHGGANIR
EVMEQLKAGELADTHFIELMACPGGCVNGGGQPIVSAKDKMDIDIRTERAKALYDEDANVLTYRKSHQNPSVIRLYEEYL
EEPNSPKAHHILHTKYSAKPKLV
;
A,E
2 'polypeptide(L)'
;MAYKRSQILICGGTGCTSSGSMVLVKELKKELVKHDILDEVEVVTTGCFGLCELGPVVIVYPEGTFYSRVEAADIPEMVE
EHLVKGRPLDRLIYNEKGDGHHPLSINELGFFKKQRRIALANCGVINPENIDEYIGFDGYLALEKVLLTMSPVDVINEVK
ASGLRGRGGGGFPTGLKWQFAHDAVSEDGIKYVACNADEGDPGAFMDRSVLEGDPHAVIEAMAIAGYAVGASKGYVYVRA
EYPIAVNRLQIAIDQAKEYGILGENIFETDFSFDLEIRLGAGAFVCGEETALMNSIEGKRGEPRPRPPFPANKGLFGKPT
VLNNVETYANIPKIILNGAEWFASVGTEKSKGTKVFALGGKINNTGLLEIPMGTTLREIIYEIGGGIPNGKAFKAAQTGG
PSGGCLPESLLDTEIDYDNLIAAGSMMGSGGLIVMDEDNCMVDVARFFLDFTQDESCGKCPPCRIGTKRMLEILERICDG
KGVEGDIERLEELAVGIKSSALCGLGQTAPNPVLSTIRFFRDEYEAHIRDKKCPAGVCKHLLDFKINADTCKGCGICAKK
CPADAISGEKKKPYNIDTSKCIKCGACIEACPFGSISKA
;
B,F
3 'polypeptide(L)'
;MAELIPVENLDVVKAIVAEHREVPGCLMQILQETQLKYGYLPLELQGTIADELGIPLTEVYGVATFYSQFTLKPKGKYKI
GICLGTACYVRGSQAIIDKVNSVLGTQVGDTTEDGKWSVDATRCVGACGLAPVMMINEEVFGRLTVDEIPGILEKY
;
C,G
#
# COMPACT_ATOMS: atom_id res chain seq x y z
N MET A 1 29.58 33.70 -18.06
CA MET A 1 28.70 33.38 -16.94
C MET A 1 27.85 34.61 -16.59
N LYS A 2 26.56 34.39 -16.38
CA LYS A 2 25.63 35.44 -16.05
C LYS A 2 25.11 35.26 -14.63
N GLU A 3 24.86 36.37 -13.95
CA GLU A 3 24.41 36.36 -12.57
C GLU A 3 22.93 36.69 -12.51
N ILE A 4 22.18 35.89 -11.75
CA ILE A 4 20.73 35.99 -11.66
C ILE A 4 20.36 36.30 -10.22
N THR A 5 19.52 37.32 -10.04
CA THR A 5 19.08 37.78 -8.73
C THR A 5 17.64 37.37 -8.50
N PHE A 6 17.39 36.59 -7.45
CA PHE A 6 16.00 36.26 -7.14
C PHE A 6 15.83 36.06 -5.65
N LYS A 7 14.61 36.29 -5.18
CA LYS A 7 14.28 36.18 -3.77
C LYS A 7 13.34 35.02 -3.54
N ILE A 8 13.74 34.11 -2.66
CA ILE A 8 12.91 33.02 -2.19
C ILE A 8 12.59 33.23 -0.71
N ASN A 9 11.29 33.27 -0.40
CA ASN A 9 10.77 33.54 0.95
C ASN A 9 11.30 34.86 1.51
N GLY A 10 11.52 35.84 0.63
CA GLY A 10 12.07 37.12 1.02
C GLY A 10 13.57 37.19 1.13
N GLN A 11 14.28 36.13 0.73
CA GLN A 11 15.73 36.06 0.84
C GLN A 11 16.35 36.14 -0.55
N GLU A 12 17.26 37.09 -0.73
CA GLU A 12 17.86 37.38 -2.03
C GLU A 12 19.12 36.56 -2.27
N MET A 13 19.20 35.99 -3.47
CA MET A 13 20.31 35.15 -3.89
C MET A 13 20.81 35.61 -5.26
N ILE A 14 22.14 35.59 -5.40
CA ILE A 14 22.83 35.75 -6.68
C ILE A 14 23.35 34.38 -7.08
N VAL A 15 22.95 33.90 -8.26
CA VAL A 15 23.35 32.56 -8.69
C VAL A 15 23.94 32.66 -10.10
N PRO A 16 24.73 31.68 -10.51
CA PRO A 16 25.00 31.51 -11.94
C PRO A 16 23.72 31.18 -12.69
N GLU A 17 23.64 31.66 -13.93
CA GLU A 17 22.47 31.39 -14.75
C GLU A 17 22.42 29.93 -15.15
N GLY A 18 21.21 29.38 -15.24
CA GLY A 18 20.99 28.00 -15.59
C GLY A 18 20.74 27.08 -14.42
N THR A 19 21.20 27.45 -13.23
CA THR A 19 20.86 26.69 -12.03
C THR A 19 19.40 26.94 -11.68
N THR A 20 18.77 25.94 -11.05
CA THR A 20 17.34 26.00 -10.76
C THR A 20 17.11 26.26 -9.27
N ILE A 21 15.84 26.41 -8.92
CA ILE A 21 15.45 26.79 -7.57
C ILE A 21 15.66 25.65 -6.59
N LEU A 22 15.61 24.41 -7.07
CA LEU A 22 15.77 23.25 -6.18
C LEU A 22 17.14 23.25 -5.50
N GLU A 23 18.21 23.27 -6.30
CA GLU A 23 19.55 23.22 -5.71
C GLU A 23 19.94 24.55 -5.08
N ALA A 24 19.39 25.67 -5.58
CA ALA A 24 19.66 26.96 -4.96
C ALA A 24 19.05 27.04 -3.57
N ALA A 25 17.82 26.53 -3.42
CA ALA A 25 17.19 26.49 -2.10
C ALA A 25 17.85 25.45 -1.21
N ARG A 26 18.37 24.38 -1.80
CA ARG A 26 19.13 23.41 -1.01
C ARG A 26 20.40 24.04 -0.47
N MET A 27 21.06 24.89 -1.27
CA MET A 27 22.14 25.72 -0.78
C MET A 27 21.68 26.68 0.31
N ASN A 28 20.48 27.20 0.23
CA ASN A 28 19.99 28.02 1.32
C ASN A 28 19.33 27.26 2.47
N ASN A 29 19.46 25.93 2.52
CA ASN A 29 18.94 25.07 3.54
C ASN A 29 17.40 25.04 3.52
N ILE A 30 16.89 24.84 2.33
CA ILE A 30 15.47 24.64 2.06
C ILE A 30 15.33 23.40 1.19
N ASP A 31 14.36 22.55 1.51
CA ASP A 31 14.16 21.29 0.80
C ASP A 31 12.85 21.32 0.02
N ILE A 32 12.87 20.73 -1.18
CA ILE A 32 11.71 20.54 -2.04
C ILE A 32 11.62 19.03 -2.32
N PRO A 33 10.43 18.41 -2.31
CA PRO A 33 10.37 16.96 -2.51
C PRO A 33 10.76 16.59 -3.94
N THR A 34 11.25 15.36 -4.10
CA THR A 34 11.55 14.86 -5.43
C THR A 34 11.42 13.35 -5.50
N LEU A 35 10.85 12.87 -6.58
CA LEU A 35 10.93 11.49 -7.04
C LEU A 35 11.53 11.41 -8.43
N CYS A 36 11.14 12.32 -9.32
CA CYS A 36 11.57 12.31 -10.71
C CYS A 36 13.04 12.59 -10.89
N TYR A 37 13.57 13.62 -10.24
CA TYR A 37 14.87 14.19 -10.58
C TYR A 37 16.01 13.32 -10.12
N LEU A 38 17.03 13.22 -10.97
CA LEU A 38 18.36 12.80 -10.55
C LEU A 38 19.33 13.69 -11.33
N LYS A 39 20.48 13.96 -10.74
CA LYS A 39 21.41 14.93 -11.32
C LYS A 39 21.95 14.47 -12.67
N ASP A 40 22.03 15.42 -13.60
CA ASP A 40 22.77 15.35 -14.86
C ASP A 40 22.13 14.43 -15.91
N ILE A 41 21.07 13.69 -15.55
CA ILE A 41 20.51 12.71 -16.48
C ILE A 41 19.02 12.90 -16.73
N ASN A 42 18.22 13.11 -15.68
CA ASN A 42 16.77 13.06 -15.80
C ASN A 42 16.17 14.35 -15.24
N GLU A 43 15.79 15.25 -16.14
CA GLU A 43 15.12 16.50 -15.76
C GLU A 43 13.87 16.63 -16.63
N ILE A 44 12.80 15.96 -16.21
CA ILE A 44 11.54 15.99 -16.96
C ILE A 44 10.44 16.45 -16.02
N GLY A 45 10.60 16.16 -14.73
CA GLY A 45 9.62 16.57 -13.75
C GLY A 45 8.26 15.96 -13.88
N ALA A 46 8.18 14.67 -14.17
CA ALA A 46 6.88 14.04 -14.36
C ALA A 46 6.28 13.55 -13.05
N CYS A 47 7.01 13.63 -11.95
CA CYS A 47 6.48 13.12 -10.68
C CYS A 47 5.37 14.02 -10.16
N ARG A 48 5.46 15.32 -10.42
CA ARG A 48 4.48 16.32 -10.01
C ARG A 48 4.25 16.28 -8.50
N MET A 49 5.36 16.22 -7.78
CA MET A 49 5.36 16.36 -6.33
C MET A 49 6.08 17.62 -5.87
N CYS A 50 6.90 18.24 -6.71
CA CYS A 50 7.77 19.35 -6.34
C CYS A 50 7.13 20.70 -6.67
N LEU A 51 5.83 20.80 -6.47
CA LEU A 51 5.11 22.02 -6.82
C LEU A 51 5.40 23.14 -5.82
N VAL A 52 5.30 24.37 -6.33
CA VAL A 52 5.40 25.58 -5.52
C VAL A 52 4.75 26.70 -6.32
N GLU A 53 4.16 27.67 -5.62
CA GLU A 53 3.47 28.75 -6.30
C GLU A 53 4.46 29.87 -6.62
N ILE A 54 4.32 30.44 -7.82
CA ILE A 54 5.12 31.57 -8.24
C ILE A 54 4.20 32.75 -8.49
N ALA A 55 4.49 33.87 -7.84
CA ALA A 55 3.65 35.06 -7.95
C ALA A 55 3.74 35.65 -9.35
N GLY A 56 2.58 35.96 -9.91
CA GLY A 56 2.50 36.38 -11.29
C GLY A 56 2.29 35.26 -12.29
N ALA A 57 1.81 34.11 -11.84
CA ALA A 57 1.57 32.97 -12.73
C ALA A 57 0.09 32.63 -12.78
N ARG A 58 -0.34 32.12 -13.94
CA ARG A 58 -1.72 31.67 -14.09
C ARG A 58 -2.01 30.46 -13.22
N ALA A 59 -1.12 29.46 -13.25
CA ALA A 59 -1.32 28.21 -12.54
C ALA A 59 -0.01 27.85 -11.85
N LEU A 60 0.10 26.69 -11.18
CA LEU A 60 1.31 26.37 -10.44
C LEU A 60 2.42 25.77 -11.33
N GLN A 61 3.66 25.90 -10.88
CA GLN A 61 4.83 25.38 -11.62
C GLN A 61 5.68 24.45 -10.74
N ALA A 62 6.29 23.44 -11.32
CA ALA A 62 7.09 22.49 -10.58
C ALA A 62 8.50 23.05 -10.38
N ALA A 63 8.99 23.01 -9.14
CA ALA A 63 10.27 23.62 -8.81
C ALA A 63 11.46 22.83 -9.33
N CYS A 64 11.25 21.62 -9.85
CA CYS A 64 12.36 20.78 -10.27
C CYS A 64 13.11 21.38 -11.45
N VAL A 65 12.40 21.73 -12.52
CA VAL A 65 13.08 22.18 -13.73
C VAL A 65 12.64 23.59 -14.13
N TYR A 66 12.00 24.30 -13.21
CA TYR A 66 11.65 25.68 -13.48
C TYR A 66 12.93 26.52 -13.42
N PRO A 67 13.29 27.23 -14.48
CA PRO A 67 14.52 28.02 -14.44
C PRO A 67 14.33 29.28 -13.61
N VAL A 68 15.45 29.76 -13.05
CA VAL A 68 15.42 30.98 -12.28
C VAL A 68 15.30 32.18 -13.22
N ALA A 69 14.84 33.30 -12.66
CA ALA A 69 14.71 34.54 -13.40
C ALA A 69 14.84 35.71 -12.42
N ASN A 70 15.12 36.89 -12.98
CA ASN A 70 15.35 38.07 -12.16
C ASN A 70 14.03 38.62 -11.63
N GLY A 71 14.05 39.07 -10.37
CA GLY A 71 12.93 39.81 -9.83
C GLY A 71 11.71 38.98 -9.50
N ILE A 72 11.87 37.68 -9.34
CA ILE A 72 10.72 36.82 -9.04
C ILE A 72 10.70 36.52 -7.55
N GLU A 73 9.50 36.41 -7.00
CA GLU A 73 9.29 36.13 -5.58
C GLU A 73 8.70 34.73 -5.42
N VAL A 74 9.27 33.95 -4.51
CA VAL A 74 8.88 32.57 -4.29
C VAL A 74 8.45 32.38 -2.84
N LEU A 75 7.25 31.86 -2.65
CA LEU A 75 6.71 31.51 -1.33
C LEU A 75 6.25 30.06 -1.36
N THR A 76 6.72 29.29 -0.38
CA THR A 76 6.55 27.84 -0.38
C THR A 76 5.65 27.30 0.73
N ASN A 77 4.85 28.15 1.36
CA ASN A 77 4.03 27.70 2.48
C ASN A 77 2.60 28.21 2.36
N SER A 78 2.03 28.12 1.18
CA SER A 78 0.61 28.38 0.99
C SER A 78 -0.18 27.09 1.17
N PRO A 79 -1.42 27.16 1.66
CA PRO A 79 -2.21 25.93 1.83
C PRO A 79 -2.52 25.21 0.53
N LYS A 80 -2.63 25.95 -0.57
CA LYS A 80 -3.01 25.36 -1.85
C LYS A 80 -1.95 24.39 -2.37
N VAL A 81 -0.68 24.72 -2.22
CA VAL A 81 0.36 23.85 -2.74
C VAL A 81 0.49 22.59 -1.89
N ARG A 82 0.23 22.71 -0.58
CA ARG A 82 0.18 21.53 0.27
C ARG A 82 -0.97 20.62 -0.13
N GLU A 83 -2.13 21.22 -0.42
CA GLU A 83 -3.27 20.43 -0.89
C GLU A 83 -2.97 19.74 -2.21
N ALA A 84 -2.28 20.44 -3.12
CA ALA A 84 -1.91 19.85 -4.41
C ALA A 84 -0.98 18.66 -4.21
N ARG A 85 0.03 18.81 -3.36
CA ARG A 85 0.95 17.71 -3.12
C ARG A 85 0.23 16.52 -2.49
N ARG A 86 -0.67 16.77 -1.55
CA ARG A 86 -1.40 15.67 -0.92
C ARG A 86 -2.30 14.95 -1.92
N VAL A 87 -3.01 15.70 -2.78
CA VAL A 87 -3.93 15.04 -3.70
C VAL A 87 -3.18 14.24 -4.76
N ASN A 88 -2.04 14.76 -5.24
CA ASN A 88 -1.19 13.91 -6.07
C ASN A 88 -0.71 12.69 -5.31
N LEU A 89 -0.51 12.80 -3.99
CA LEU A 89 -0.05 11.65 -3.22
C LEU A 89 -1.10 10.54 -3.17
N GLU A 90 -2.38 10.88 -2.91
CA GLU A 90 -3.31 9.73 -2.90
C GLU A 90 -3.60 9.22 -4.31
N LEU A 91 -3.53 10.07 -5.34
CA LEU A 91 -3.69 9.53 -6.69
C LEU A 91 -2.54 8.60 -7.08
N ILE A 92 -1.34 8.86 -6.58
CA ILE A 92 -0.28 7.87 -6.77
C ILE A 92 -0.56 6.61 -5.95
N LEU A 93 -0.95 6.77 -4.69
CA LEU A 93 -1.14 5.61 -3.82
C LEU A 93 -2.31 4.72 -4.23
N SER A 94 -3.26 5.23 -5.00
CA SER A 94 -4.32 4.37 -5.49
C SER A 94 -3.87 3.45 -6.62
N ASN A 95 -2.67 3.63 -7.13
CA ASN A 95 -2.11 2.77 -8.16
C ASN A 95 -1.04 1.83 -7.65
N HIS A 96 -0.15 2.38 -6.84
CA HIS A 96 0.94 1.69 -6.34
C HIS A 96 0.68 0.71 -5.19
N ASN A 97 0.79 -0.61 -5.45
CA ASN A 97 0.57 -1.72 -4.51
C ASN A 97 0.72 -1.40 -3.00
N ARG A 98 -0.34 -1.61 -2.22
CA ARG A 98 -0.29 -1.27 -0.80
C ARG A 98 0.15 -2.34 0.19
N GLU A 99 0.57 -3.53 -0.26
CA GLU A 99 1.03 -4.49 0.74
C GLU A 99 2.52 -4.31 1.03
N CYS A 100 2.87 -3.11 1.52
CA CYS A 100 4.26 -2.75 1.74
C CYS A 100 4.90 -3.47 2.93
N THR A 101 4.21 -4.40 3.59
CA THR A 101 4.86 -5.27 4.56
C THR A 101 5.79 -6.27 3.91
N THR A 102 5.41 -6.82 2.76
CA THR A 102 6.19 -7.86 2.11
C THR A 102 6.91 -7.36 0.87
N CYS A 103 7.05 -6.05 0.72
CA CYS A 103 7.91 -5.53 -0.33
C CYS A 103 9.35 -5.89 -0.03
N ILE A 104 10.13 -6.06 -1.09
CA ILE A 104 11.57 -6.27 -0.91
C ILE A 104 12.21 -5.02 -0.35
N ARG A 105 11.80 -3.86 -0.85
CA ARG A 105 12.44 -2.61 -0.47
C ARG A 105 12.09 -2.23 0.96
N SER A 106 10.82 -2.38 1.35
CA SER A 106 10.35 -2.45 2.72
C SER A 106 10.64 -1.22 3.58
N GLU A 107 11.88 -1.10 4.04
CA GLU A 107 12.19 -0.07 5.03
C GLU A 107 12.25 1.32 4.41
N ASN A 108 13.17 1.51 3.47
CA ASN A 108 13.48 2.83 2.94
C ASN A 108 12.98 3.04 1.51
N CYS A 109 11.76 2.58 1.24
CA CYS A 109 11.03 2.97 0.03
C CYS A 109 10.80 4.46 0.03
N GLU A 110 11.05 5.12 -1.11
CA GLU A 110 10.82 6.55 -1.20
C GLU A 110 9.34 6.89 -1.03
N LEU A 111 8.45 6.03 -1.51
CA LEU A 111 7.03 6.33 -1.46
C LEU A 111 6.51 6.30 -0.02
N GLN A 112 6.99 5.37 0.81
CA GLN A 112 6.62 5.40 2.22
C GLN A 112 7.11 6.66 2.91
N THR A 113 8.35 7.08 2.60
CA THR A 113 8.89 8.28 3.21
C THR A 113 8.09 9.50 2.81
N LEU A 114 7.68 9.58 1.54
CA LEU A 114 6.85 10.71 1.12
C LEU A 114 5.44 10.63 1.69
N ALA A 115 4.90 9.43 1.87
CA ALA A 115 3.57 9.27 2.46
C ALA A 115 3.55 9.75 3.90
N THR A 116 4.58 9.42 4.66
CA THR A 116 4.73 9.98 6.00
C THR A 116 5.15 11.44 5.98
N ASP A 117 5.79 11.88 4.89
CA ASP A 117 6.28 13.24 4.78
C ASP A 117 5.13 14.22 4.62
N LEU A 118 4.17 13.90 3.77
CA LEU A 118 2.99 14.74 3.63
C LEU A 118 1.92 14.42 4.65
N GLY A 119 2.07 13.31 5.38
CA GLY A 119 1.16 12.99 6.48
C GLY A 119 -0.27 12.74 6.07
N VAL A 120 -0.48 12.05 4.96
CA VAL A 120 -1.84 11.76 4.51
C VAL A 120 -2.41 10.64 5.36
N SER A 121 -3.73 10.69 5.59
CA SER A 121 -4.41 9.73 6.43
C SER A 121 -5.45 8.92 5.66
N ASP A 122 -6.37 9.60 4.99
CA ASP A 122 -7.52 8.97 4.37
C ASP A 122 -7.17 8.50 2.95
N ILE A 123 -7.57 7.27 2.65
CA ILE A 123 -7.65 6.82 1.25
C ILE A 123 -9.12 6.51 0.96
N PRO A 124 -9.85 7.44 0.34
CA PRO A 124 -11.28 7.25 0.13
C PRO A 124 -11.62 6.48 -1.14
N PHE A 125 -10.63 5.89 -1.79
CA PHE A 125 -10.72 5.52 -3.20
C PHE A 125 -10.66 4.01 -3.37
N GLU A 126 -11.43 3.51 -4.33
CA GLU A 126 -11.28 2.16 -4.85
C GLU A 126 -11.07 2.23 -6.36
N GLY A 127 -10.08 1.48 -6.84
CA GLY A 127 -9.76 1.53 -8.26
C GLY A 127 -9.22 0.22 -8.75
N GLU A 128 -8.83 0.23 -10.03
CA GLU A 128 -8.30 -0.93 -10.72
C GLU A 128 -6.89 -0.62 -11.18
N LYS A 129 -5.99 -1.57 -11.01
CA LYS A 129 -4.56 -1.35 -11.17
C LYS A 129 -4.09 -1.90 -12.52
N SER A 130 -2.78 -1.90 -12.71
CA SER A 130 -2.21 -2.51 -13.91
C SER A 130 -2.21 -4.03 -13.78
N GLY A 131 -1.91 -4.69 -14.89
CA GLY A 131 -1.95 -6.14 -14.90
C GLY A 131 -0.80 -6.75 -14.10
N LYS A 132 -1.06 -7.93 -13.55
CA LYS A 132 -0.07 -8.63 -12.72
C LYS A 132 0.53 -9.78 -13.54
N LEU A 133 1.73 -9.56 -14.06
CA LEU A 133 2.44 -10.56 -14.86
C LEU A 133 3.85 -10.70 -14.30
N ILE A 134 4.20 -11.92 -13.92
CA ILE A 134 5.51 -12.20 -13.35
C ILE A 134 6.42 -12.75 -14.46
N ASP A 135 7.50 -12.02 -14.74
CA ASP A 135 8.46 -12.45 -15.75
C ASP A 135 9.66 -13.13 -15.09
N ASP A 136 9.39 -14.25 -14.41
CA ASP A 136 10.42 -14.98 -13.70
C ASP A 136 11.06 -16.02 -14.64
N LEU A 137 11.57 -15.52 -15.76
CA LEU A 137 12.25 -16.33 -16.75
C LEU A 137 13.67 -15.90 -17.04
N SER A 138 14.10 -14.73 -16.55
CA SER A 138 15.43 -14.24 -16.82
C SER A 138 16.43 -14.91 -15.88
N THR A 139 17.66 -14.39 -15.89
CA THR A 139 18.72 -14.90 -15.03
C THR A 139 19.03 -14.00 -13.85
N SER A 140 18.90 -12.69 -13.98
CA SER A 140 19.23 -11.78 -12.90
C SER A 140 18.11 -10.86 -12.46
N VAL A 141 17.40 -10.24 -13.40
CA VAL A 141 16.46 -9.16 -13.08
C VAL A 141 15.05 -9.66 -13.26
N VAL A 142 14.21 -9.46 -12.24
CA VAL A 142 12.78 -9.73 -12.32
C VAL A 142 12.03 -8.43 -12.12
N ARG A 143 11.12 -8.14 -13.03
CA ARG A 143 10.29 -6.95 -12.99
C ARG A 143 8.90 -7.30 -12.48
N ASP A 144 8.37 -6.46 -11.61
CA ASP A 144 6.99 -6.56 -11.17
C ASP A 144 6.34 -5.21 -11.47
N GLU A 145 5.69 -5.11 -12.64
CA GLU A 145 5.10 -3.86 -13.07
C GLU A 145 3.86 -3.48 -12.28
N SER A 146 3.37 -4.36 -11.40
CA SER A 146 2.32 -3.99 -10.46
C SER A 146 2.79 -2.93 -9.48
N LYS A 147 4.09 -2.79 -9.26
CA LYS A 147 4.64 -1.77 -8.38
C LYS A 147 5.12 -0.53 -9.12
N CYS A 148 5.47 -0.66 -10.40
CA CYS A 148 6.12 0.41 -11.13
C CYS A 148 5.20 1.61 -11.30
N ILE A 149 5.76 2.79 -11.05
CA ILE A 149 4.97 4.02 -11.00
C ILE A 149 5.45 5.03 -12.05
N LEU A 150 6.08 4.54 -13.12
CA LEU A 150 6.39 5.33 -14.32
C LEU A 150 7.34 6.47 -14.01
N CYS A 151 8.42 6.16 -13.28
CA CYS A 151 9.42 7.16 -12.96
C CYS A 151 10.21 7.60 -14.18
N LYS A 152 10.38 6.70 -15.14
CA LYS A 152 11.25 6.86 -16.31
C LYS A 152 12.71 7.09 -15.94
N ARG A 153 13.11 6.85 -14.70
CA ARG A 153 14.52 6.99 -14.35
C ARG A 153 15.30 5.79 -14.88
N CYS A 154 14.68 4.62 -14.85
CA CYS A 154 15.30 3.40 -15.34
C CYS A 154 15.61 3.49 -16.83
N VAL A 155 14.63 3.91 -17.62
CA VAL A 155 14.83 4.00 -19.06
C VAL A 155 15.85 5.08 -19.39
N SER A 156 15.89 6.15 -18.60
CA SER A 156 16.86 7.21 -18.84
C SER A 156 18.28 6.73 -18.56
N VAL A 157 18.49 6.02 -17.44
CA VAL A 157 19.84 5.60 -17.11
C VAL A 157 20.29 4.48 -18.05
N CYS A 158 19.38 3.63 -18.50
CA CYS A 158 19.77 2.66 -19.52
C CYS A 158 19.97 3.32 -20.88
N ARG A 159 19.39 4.50 -21.08
CA ARG A 159 19.47 5.16 -22.36
C ARG A 159 20.79 5.92 -22.52
N ASP A 160 21.13 6.75 -21.54
CA ASP A 160 22.27 7.65 -21.75
C ASP A 160 23.54 7.10 -21.12
N VAL A 161 23.48 6.78 -19.83
CA VAL A 161 24.68 6.34 -19.11
C VAL A 161 25.15 4.98 -19.64
N GLN A 162 24.23 4.03 -19.76
CA GLN A 162 24.56 2.74 -20.34
C GLN A 162 24.83 2.79 -21.83
N SER A 163 24.13 3.67 -22.57
CA SER A 163 24.13 3.69 -24.03
C SER A 163 23.76 2.31 -24.59
N VAL A 164 22.80 1.66 -23.93
CA VAL A 164 22.33 0.34 -24.32
C VAL A 164 20.89 0.47 -24.78
N ALA A 165 20.03 0.95 -23.87
CA ALA A 165 18.68 1.41 -24.17
C ALA A 165 17.84 0.30 -24.81
N VAL A 166 17.53 -0.70 -24.00
CA VAL A 166 16.73 -1.81 -24.47
C VAL A 166 15.34 -1.74 -23.83
N LEU A 167 14.95 -0.54 -23.40
CA LEU A 167 13.69 -0.36 -22.70
C LEU A 167 12.94 0.82 -23.30
N GLY A 168 11.61 0.77 -23.24
CA GLY A 168 10.81 1.84 -23.77
C GLY A 168 9.45 1.89 -23.09
N THR A 169 8.65 2.88 -23.50
CA THR A 169 7.32 3.07 -22.96
C THR A 169 6.30 2.89 -24.08
N VAL A 170 5.28 2.07 -23.82
CA VAL A 170 4.30 1.73 -24.84
C VAL A 170 2.90 1.83 -24.23
N GLY A 171 1.90 1.73 -25.10
CA GLY A 171 0.52 1.76 -24.66
C GLY A 171 0.04 3.15 -24.30
N ARG A 172 -1.25 3.26 -24.04
CA ARG A 172 -1.86 4.54 -23.71
C ARG A 172 -2.59 4.44 -22.38
N GLY A 173 -2.37 5.43 -21.53
CA GLY A 173 -3.01 5.44 -20.23
C GLY A 173 -2.45 4.35 -19.34
N PHE A 174 -3.33 3.44 -18.93
CA PHE A 174 -2.93 2.28 -18.15
C PHE A 174 -2.11 1.29 -18.94
N THR A 175 -2.33 1.21 -20.25
CA THR A 175 -1.47 0.37 -21.08
C THR A 175 -0.08 0.95 -21.27
N SER A 176 0.15 2.20 -20.88
CA SER A 176 1.49 2.78 -20.95
C SER A 176 2.36 2.13 -19.89
N GLN A 177 3.14 1.15 -20.31
CA GLN A 177 4.07 0.45 -19.45
C GLN A 177 5.46 0.60 -20.01
N VAL A 178 6.44 0.56 -19.13
CA VAL A 178 7.83 0.41 -19.55
C VAL A 178 8.10 -1.08 -19.72
N GLN A 179 8.68 -1.42 -20.87
CA GLN A 179 8.77 -2.79 -21.35
C GLN A 179 10.00 -2.92 -22.21
N PRO A 180 10.51 -4.12 -22.39
CA PRO A 180 11.41 -4.37 -23.52
C PRO A 180 10.63 -4.42 -24.82
N VAL A 181 11.33 -4.48 -25.94
CA VAL A 181 10.69 -4.44 -27.24
C VAL A 181 10.13 -5.84 -27.55
N PHE A 182 9.02 -5.86 -28.31
CA PHE A 182 8.35 -7.04 -28.86
C PHE A 182 7.64 -7.87 -27.81
N ASN A 183 7.41 -7.33 -26.61
CA ASN A 183 6.79 -8.03 -25.48
C ASN A 183 7.58 -9.31 -25.17
N LYS A 184 8.89 -9.19 -25.11
CA LYS A 184 9.78 -10.29 -24.81
C LYS A 184 10.28 -10.17 -23.37
N SER A 185 11.25 -11.00 -23.01
CA SER A 185 11.90 -10.93 -21.71
C SER A 185 13.33 -10.42 -21.85
N LEU A 186 13.92 -10.07 -20.71
CA LEU A 186 15.30 -9.58 -20.68
C LEU A 186 16.30 -10.62 -21.13
N ALA A 187 16.06 -11.90 -20.80
CA ALA A 187 16.91 -12.96 -21.34
C ALA A 187 16.73 -13.13 -22.84
N ASP A 188 15.61 -12.66 -23.39
CA ASP A 188 15.33 -12.73 -24.81
C ASP A 188 15.84 -11.52 -25.57
N VAL A 189 16.45 -10.55 -24.88
CA VAL A 189 17.11 -9.43 -25.56
C VAL A 189 18.50 -9.27 -24.99
N GLY A 190 19.21 -8.25 -25.45
CA GLY A 190 20.60 -8.06 -25.05
C GLY A 190 20.80 -7.22 -23.82
N CYS A 191 20.17 -7.58 -22.71
CA CYS A 191 20.42 -6.86 -21.47
C CYS A 191 21.79 -7.21 -20.92
N ILE A 192 22.52 -6.18 -20.51
CA ILE A 192 23.90 -6.33 -20.07
C ILE A 192 23.97 -6.90 -18.65
N ASN A 193 22.86 -6.86 -17.92
CA ASN A 193 22.81 -7.15 -16.49
C ASN A 193 23.80 -6.27 -15.73
N CYS A 194 23.76 -4.97 -16.04
CA CYS A 194 24.67 -4.03 -15.41
C CYS A 194 24.38 -3.87 -13.93
N GLY A 195 23.12 -3.64 -13.58
CA GLY A 195 22.73 -3.36 -12.22
C GLY A 195 22.45 -1.91 -11.90
N GLN A 196 22.75 -0.99 -12.82
CA GLN A 196 22.37 0.40 -12.59
C GLN A 196 20.86 0.57 -12.56
N CYS A 197 20.16 -0.18 -13.41
CA CYS A 197 18.71 -0.09 -13.47
C CYS A 197 18.07 -0.53 -12.15
N ILE A 198 18.60 -1.59 -11.55
CA ILE A 198 17.97 -2.09 -10.34
C ILE A 198 18.36 -1.25 -9.13
N ILE A 199 19.44 -0.50 -9.20
CA ILE A 199 19.83 0.31 -8.05
C ILE A 199 19.19 1.71 -8.10
N ASN A 200 18.88 2.22 -9.29
CA ASN A 200 18.31 3.56 -9.34
C ASN A 200 16.78 3.59 -9.27
N CYS A 201 16.11 2.45 -9.16
CA CYS A 201 14.66 2.51 -9.07
C CYS A 201 14.23 2.83 -7.65
N PRO A 202 13.41 3.86 -7.44
CA PRO A 202 13.12 4.33 -6.09
C PRO A 202 12.03 3.55 -5.36
N VAL A 203 11.37 2.59 -5.98
CA VAL A 203 10.27 1.88 -5.34
C VAL A 203 10.42 0.38 -5.38
N GLY A 204 11.55 -0.15 -5.83
CA GLY A 204 11.70 -1.59 -5.90
C GLY A 204 10.86 -2.26 -6.96
N ALA A 205 10.73 -1.65 -8.14
CA ALA A 205 10.11 -2.33 -9.26
C ALA A 205 10.98 -3.44 -9.82
N LEU A 206 12.30 -3.34 -9.63
CA LEU A 206 13.24 -4.33 -10.13
C LEU A 206 13.86 -5.07 -8.96
N LYS A 207 13.86 -6.40 -9.01
CA LYS A 207 14.43 -7.21 -7.96
C LYS A 207 15.33 -8.29 -8.56
N GLU A 208 16.08 -8.96 -7.68
CA GLU A 208 16.94 -10.06 -8.06
C GLU A 208 16.43 -11.36 -7.44
N LYS A 209 16.58 -12.47 -8.18
CA LYS A 209 16.07 -13.76 -7.75
C LYS A 209 16.84 -14.29 -6.55
N SER A 210 16.12 -14.81 -5.57
CA SER A 210 16.72 -15.50 -4.44
C SER A 210 17.37 -16.81 -4.90
N ASP A 211 18.51 -17.14 -4.30
CA ASP A 211 19.12 -18.45 -4.40
C ASP A 211 19.39 -18.98 -2.98
N ILE A 212 18.83 -18.29 -1.99
CA ILE A 212 19.22 -18.50 -0.62
C ILE A 212 18.56 -19.77 -0.09
N GLN A 213 17.48 -20.21 -0.72
CA GLN A 213 16.88 -21.49 -0.32
C GLN A 213 17.83 -22.63 -0.61
N ARG A 214 18.50 -22.57 -1.77
CA ARG A 214 19.57 -23.53 -2.07
C ARG A 214 20.76 -23.37 -1.12
N VAL A 215 21.07 -22.13 -0.71
CA VAL A 215 22.16 -21.90 0.25
C VAL A 215 21.82 -22.54 1.59
N TRP A 216 20.58 -22.34 2.06
CA TRP A 216 20.16 -22.87 3.35
C TRP A 216 20.04 -24.39 3.30
N ASP A 217 19.67 -24.95 2.15
CA ASP A 217 19.74 -26.39 1.99
C ASP A 217 21.19 -26.89 2.01
N ALA A 218 22.10 -26.11 1.42
CA ALA A 218 23.50 -26.50 1.39
C ALA A 218 24.13 -26.51 2.77
N ILE A 219 23.82 -25.48 3.59
CA ILE A 219 24.36 -25.45 4.94
C ILE A 219 23.68 -26.49 5.84
N ALA A 220 22.47 -26.92 5.47
CA ALA A 220 21.77 -27.94 6.25
C ALA A 220 22.15 -29.35 5.83
N ASP A 221 22.93 -29.52 4.77
CA ASP A 221 23.34 -30.84 4.32
C ASP A 221 24.69 -31.16 4.95
N PRO A 222 24.79 -32.17 5.83
CA PRO A 222 26.07 -32.48 6.47
C PRO A 222 27.08 -33.10 5.50
N SER A 223 26.60 -33.64 4.39
CA SER A 223 27.47 -34.24 3.40
C SER A 223 28.25 -33.20 2.60
N LYS A 224 27.88 -31.94 2.68
CA LYS A 224 28.55 -30.87 1.95
C LYS A 224 29.29 -29.97 2.93
N THR A 225 30.59 -29.81 2.70
CA THR A 225 31.38 -28.83 3.43
C THR A 225 31.39 -27.52 2.65
N VAL A 226 31.20 -26.42 3.37
CA VAL A 226 30.91 -25.13 2.77
C VAL A 226 32.16 -24.25 2.80
N ILE A 227 32.48 -23.67 1.66
CA ILE A 227 33.48 -22.63 1.61
C ILE A 227 32.82 -21.35 1.12
N VAL A 228 33.09 -20.22 1.80
CA VAL A 228 32.50 -18.94 1.44
C VAL A 228 33.60 -17.92 1.14
N GLN A 229 33.69 -17.44 -0.11
CA GLN A 229 34.72 -16.48 -0.48
C GLN A 229 34.27 -15.04 -0.21
N THR A 230 35.25 -14.14 -0.06
CA THR A 230 34.96 -12.75 0.22
C THR A 230 35.56 -11.81 -0.84
N ALA A 231 34.91 -10.66 -1.06
CA ALA A 231 35.38 -9.69 -2.02
C ALA A 231 36.21 -8.61 -1.34
N PRO A 232 37.12 -7.94 -2.07
CA PRO A 232 37.83 -6.80 -1.47
C PRO A 232 36.94 -5.59 -1.24
N ALA A 233 35.82 -5.47 -1.94
CA ALA A 233 34.98 -4.28 -1.85
C ALA A 233 33.65 -4.55 -1.16
N VAL A 234 33.48 -5.73 -0.56
CA VAL A 234 32.21 -6.05 0.08
C VAL A 234 32.02 -5.23 1.35
N ARG A 235 33.11 -4.87 2.03
CA ARG A 235 33.03 -4.10 3.25
C ARG A 235 33.15 -2.60 3.00
N ALA A 236 33.18 -2.18 1.74
CA ALA A 236 33.25 -0.77 1.40
C ALA A 236 32.01 0.00 1.83
N ALA A 237 30.84 -0.59 1.73
CA ALA A 237 29.61 0.09 2.11
C ALA A 237 28.66 -0.79 2.92
N LEU A 238 29.10 -1.95 3.40
CA LEU A 238 28.24 -2.82 4.18
C LEU A 238 27.82 -2.17 5.49
N GLY A 239 28.74 -1.45 6.14
CA GLY A 239 28.44 -0.83 7.42
C GLY A 239 27.36 0.23 7.33
N GLU A 240 27.21 0.86 6.17
CA GLU A 240 26.12 1.79 5.94
C GLU A 240 24.75 1.13 6.03
N GLU A 241 24.68 -0.19 5.90
CA GLU A 241 23.46 -0.94 6.18
C GLU A 241 23.05 -0.85 7.64
N PHE A 242 23.99 -0.68 8.56
CA PHE A 242 23.69 -0.62 9.99
C PHE A 242 23.73 0.80 10.54
N GLY A 243 23.68 1.82 9.67
CA GLY A 243 23.75 3.18 10.13
C GLY A 243 25.10 3.62 10.66
N TYR A 244 26.16 2.92 10.30
CA TYR A 244 27.51 3.27 10.71
C TYR A 244 27.91 4.60 10.07
N PRO A 245 28.86 5.34 10.65
CA PRO A 245 29.40 6.46 9.93
C PRO A 245 30.33 6.12 8.76
N MET A 246 30.64 7.16 7.99
CA MET A 246 30.94 6.95 6.58
C MET A 246 32.37 6.46 6.38
N GLY A 247 32.51 5.40 5.58
CA GLY A 247 33.83 4.85 5.28
C GLY A 247 34.39 3.90 6.32
N THR A 248 33.53 3.23 7.09
CA THR A 248 33.96 2.38 8.19
C THR A 248 34.36 1.00 7.70
N SER A 249 35.50 0.50 8.20
CA SER A 249 35.95 -0.84 7.86
C SER A 249 35.73 -1.78 9.05
N VAL A 250 35.09 -2.92 8.79
CA VAL A 250 34.69 -3.85 9.84
C VAL A 250 35.19 -5.25 9.53
N THR A 251 36.37 -5.35 8.89
CA THR A 251 36.85 -6.60 8.30
C THR A 251 37.01 -7.70 9.35
N GLY A 252 37.61 -7.37 10.49
CA GLY A 252 37.69 -8.36 11.56
C GLY A 252 36.33 -8.71 12.13
N LYS A 253 35.47 -7.71 12.31
CA LYS A 253 34.11 -7.94 12.75
C LYS A 253 33.33 -8.73 11.70
N MET A 254 33.58 -8.44 10.43
CA MET A 254 32.97 -9.20 9.34
C MET A 254 33.37 -10.67 9.40
N ALA A 255 34.66 -10.94 9.60
CA ALA A 255 35.15 -12.30 9.67
C ALA A 255 34.57 -13.03 10.88
N ALA A 256 34.49 -12.36 12.02
CA ALA A 256 33.92 -12.97 13.21
C ALA A 256 32.44 -13.27 13.01
N ALA A 257 31.70 -12.36 12.36
CA ALA A 257 30.29 -12.60 12.08
C ALA A 257 30.10 -13.78 11.13
N LEU A 258 30.95 -13.89 10.11
CA LEU A 258 30.87 -15.03 9.20
C LEU A 258 31.19 -16.34 9.92
N ARG A 259 32.19 -16.32 10.80
CA ARG A 259 32.52 -17.52 11.55
C ARG A 259 31.47 -17.87 12.60
N ARG A 260 30.68 -16.91 13.04
CA ARG A 260 29.53 -17.20 13.90
C ARG A 260 28.37 -17.83 13.15
N LEU A 261 28.41 -17.88 11.83
CA LEU A 261 27.33 -18.44 11.03
C LEU A 261 27.40 -19.95 10.85
N GLY A 262 28.42 -20.60 11.41
CA GLY A 262 28.61 -22.02 11.18
C GLY A 262 29.22 -22.36 9.84
N PHE A 263 29.70 -21.37 9.09
CA PHE A 263 30.36 -21.63 7.83
C PHE A 263 31.71 -22.29 8.06
N ASP A 264 31.97 -23.37 7.32
CA ASP A 264 33.12 -24.22 7.60
C ASP A 264 34.42 -23.52 7.25
N LYS A 265 34.53 -22.95 6.05
CA LYS A 265 35.80 -22.33 5.67
C LYS A 265 35.57 -21.02 4.93
N VAL A 266 36.46 -20.05 5.14
CA VAL A 266 36.35 -18.72 4.56
C VAL A 266 37.67 -18.31 3.90
N PHE A 267 37.61 -17.96 2.62
CA PHE A 267 38.74 -17.45 1.84
C PHE A 267 38.37 -16.11 1.21
N ASP A 268 39.34 -15.54 0.48
CA ASP A 268 39.17 -14.29 -0.24
C ASP A 268 39.56 -14.47 -1.71
N THR A 269 39.62 -13.35 -2.42
CA THR A 269 39.92 -13.33 -3.85
C THR A 269 41.42 -13.12 -4.11
N ASP A 270 42.15 -12.66 -3.10
CA ASP A 270 43.36 -11.86 -3.31
C ASP A 270 44.45 -12.67 -4.03
N PHE A 271 44.63 -13.93 -3.66
CA PHE A 271 45.61 -14.77 -4.35
C PHE A 271 45.20 -15.03 -5.79
N GLY A 272 43.90 -15.24 -6.04
CA GLY A 272 43.43 -15.41 -7.40
C GLY A 272 43.65 -14.17 -8.24
N ALA A 273 43.42 -12.99 -7.65
CA ALA A 273 43.70 -11.75 -8.37
C ALA A 273 45.19 -11.60 -8.65
N ASP A 274 46.03 -11.96 -7.69
CA ASP A 274 47.48 -11.87 -7.87
C ASP A 274 47.96 -12.75 -9.01
N VAL A 275 47.49 -14.00 -9.04
CA VAL A 275 47.93 -14.90 -10.10
C VAL A 275 47.32 -14.50 -11.44
N CYS A 276 46.10 -13.93 -11.43
CA CYS A 276 45.51 -13.44 -12.66
C CYS A 276 46.34 -12.32 -13.26
N ILE A 277 46.81 -11.40 -12.41
CA ILE A 277 47.75 -10.36 -12.83
C ILE A 277 49.06 -10.99 -13.31
N MET A 278 49.49 -12.10 -12.68
CA MET A 278 50.72 -12.76 -13.11
C MET A 278 50.62 -13.25 -14.55
N GLU A 279 49.59 -14.02 -14.88
CA GLU A 279 49.54 -14.48 -16.27
C GLU A 279 49.09 -13.39 -17.24
N GLU A 280 48.46 -12.33 -16.76
CA GLU A 280 48.25 -11.18 -17.64
C GLU A 280 49.58 -10.56 -18.06
N GLY A 281 50.48 -10.35 -17.10
CA GLY A 281 51.81 -9.87 -17.42
C GLY A 281 52.62 -10.86 -18.24
N THR A 282 52.44 -12.16 -17.96
CA THR A 282 53.19 -13.18 -18.68
C THR A 282 52.76 -13.26 -20.15
N GLU A 283 51.46 -13.25 -20.40
CA GLU A 283 51.00 -13.19 -21.78
C GLU A 283 51.34 -11.86 -22.43
N LEU A 284 51.45 -10.78 -21.66
CA LEU A 284 51.92 -9.52 -22.23
C LEU A 284 53.35 -9.63 -22.73
N ILE A 285 54.25 -10.15 -21.89
CA ILE A 285 55.64 -10.24 -22.32
C ILE A 285 55.77 -11.25 -23.46
N GLY A 286 54.92 -12.29 -23.48
CA GLY A 286 54.90 -13.20 -24.61
C GLY A 286 54.49 -12.53 -25.90
N ARG A 287 53.42 -11.74 -25.87
CA ARG A 287 52.93 -11.13 -27.10
C ARG A 287 53.81 -9.96 -27.55
N VAL A 288 54.54 -9.33 -26.64
CA VAL A 288 55.45 -8.28 -27.10
C VAL A 288 56.78 -8.87 -27.54
N THR A 289 57.10 -10.08 -27.11
CA THR A 289 58.29 -10.75 -27.64
C THR A 289 57.99 -11.53 -28.92
N ASN A 290 56.73 -11.84 -29.21
CA ASN A 290 56.36 -12.58 -30.40
C ASN A 290 55.56 -11.75 -31.39
N GLY A 291 55.25 -10.49 -31.06
CA GLY A 291 54.42 -9.69 -31.93
C GLY A 291 52.98 -10.15 -31.96
N GLY A 292 52.34 -10.18 -30.79
CA GLY A 292 50.99 -10.67 -30.67
C GLY A 292 49.95 -9.69 -31.18
N VAL A 293 48.68 -10.04 -30.93
CA VAL A 293 47.57 -9.21 -31.39
C VAL A 293 47.45 -7.99 -30.49
N LEU A 294 47.57 -6.82 -31.09
CA LEU A 294 47.46 -5.55 -30.38
C LEU A 294 46.51 -4.62 -31.12
N PRO A 295 45.81 -3.72 -30.42
CA PRO A 295 45.78 -3.43 -28.97
C PRO A 295 45.10 -4.51 -28.13
N MET A 296 45.59 -4.69 -26.91
CA MET A 296 45.15 -5.78 -26.06
C MET A 296 44.26 -5.25 -24.94
N ILE A 297 43.26 -6.04 -24.58
CA ILE A 297 42.31 -5.69 -23.54
C ILE A 297 42.26 -6.82 -22.52
N THR A 298 41.68 -6.52 -21.36
CA THR A 298 41.60 -7.47 -20.26
C THR A 298 40.47 -8.46 -20.51
N SER A 299 40.12 -9.25 -19.49
CA SER A 299 38.93 -10.11 -19.54
C SER A 299 38.28 -10.21 -18.17
N CYS A 300 38.37 -9.14 -17.37
CA CYS A 300 38.03 -9.26 -15.96
C CYS A 300 36.53 -9.22 -15.75
N SER A 301 35.89 -8.10 -16.05
CA SER A 301 34.47 -7.93 -15.74
C SER A 301 33.63 -8.61 -16.80
N PRO A 302 32.76 -9.55 -16.43
CA PRO A 302 32.01 -10.31 -17.44
C PRO A 302 31.00 -9.48 -18.21
N GLY A 303 30.54 -8.35 -17.64
CA GLY A 303 29.51 -7.57 -18.29
C GLY A 303 29.98 -6.96 -19.61
N TRP A 304 31.18 -6.37 -19.61
CA TRP A 304 31.63 -5.73 -20.83
C TRP A 304 32.07 -6.74 -21.88
N ILE A 305 32.60 -7.90 -21.48
CA ILE A 305 32.96 -8.89 -22.48
C ILE A 305 31.71 -9.50 -23.09
N LYS A 306 30.64 -9.61 -22.29
CA LYS A 306 29.34 -9.96 -22.87
C LYS A 306 28.85 -8.88 -23.82
N PHE A 307 29.03 -7.61 -23.43
CA PHE A 307 28.68 -6.49 -24.29
C PHE A 307 29.41 -6.55 -25.63
N ILE A 308 30.72 -6.72 -25.59
CA ILE A 308 31.53 -6.65 -26.80
C ILE A 308 31.35 -7.92 -27.64
N GLU A 309 30.95 -9.03 -27.00
CA GLU A 309 30.69 -10.22 -27.78
C GLU A 309 29.35 -10.13 -28.49
N THR A 310 28.29 -9.76 -27.76
CA THR A 310 26.96 -9.74 -28.37
C THR A 310 26.81 -8.59 -29.36
N TYR A 311 27.36 -7.43 -29.05
CA TYR A 311 27.12 -6.30 -29.94
C TYR A 311 28.05 -6.29 -31.14
N TYR A 312 29.36 -6.10 -30.92
CA TYR A 312 30.34 -5.92 -32.00
C TYR A 312 31.40 -6.99 -31.84
N PRO A 313 31.15 -8.21 -32.30
CA PRO A 313 32.10 -9.31 -32.03
C PRO A 313 33.39 -9.27 -32.85
N GLU A 314 33.54 -8.29 -33.75
CA GLU A 314 34.71 -8.22 -34.64
C GLU A 314 36.03 -8.13 -33.91
N ALA A 315 36.06 -7.63 -32.68
CA ALA A 315 37.27 -7.57 -31.89
C ALA A 315 37.48 -8.82 -31.04
N ILE A 316 36.87 -9.94 -31.42
CA ILE A 316 37.01 -11.20 -30.68
C ILE A 316 38.44 -11.76 -30.65
N PRO A 317 39.37 -11.50 -31.61
CA PRO A 317 40.75 -11.98 -31.36
C PRO A 317 41.49 -11.22 -30.28
N HIS A 318 40.98 -10.08 -29.83
CA HIS A 318 41.69 -9.25 -28.88
C HIS A 318 41.42 -9.61 -27.43
N LEU A 319 40.57 -10.60 -27.17
CA LEU A 319 40.29 -11.00 -25.79
C LEU A 319 41.44 -11.80 -25.20
N SER A 320 41.41 -11.96 -23.89
CA SER A 320 42.31 -12.89 -23.23
C SER A 320 41.57 -14.18 -22.89
N SER A 321 42.24 -15.32 -23.04
CA SER A 321 41.60 -16.59 -22.80
C SER A 321 41.42 -16.90 -21.33
N CYS A 322 42.10 -16.18 -20.44
CA CYS A 322 42.01 -16.43 -19.01
C CYS A 322 40.62 -16.04 -18.48
N LYS A 323 40.27 -16.65 -17.36
CA LYS A 323 38.98 -16.41 -16.74
C LYS A 323 39.07 -15.24 -15.76
N SER A 324 37.96 -14.98 -15.07
CA SER A 324 37.96 -14.00 -14.00
C SER A 324 38.77 -14.53 -12.82
N PRO A 325 39.34 -13.64 -11.99
CA PRO A 325 40.13 -14.10 -10.84
C PRO A 325 39.35 -14.98 -9.86
N GLN A 326 38.07 -14.71 -9.68
CA GLN A 326 37.26 -15.56 -8.80
C GLN A 326 37.08 -16.95 -9.41
N ASN A 327 37.00 -17.03 -10.74
CA ASN A 327 37.02 -18.34 -11.38
C ASN A 327 38.35 -19.05 -11.19
N ILE A 328 39.45 -18.30 -11.24
CA ILE A 328 40.77 -18.89 -11.08
C ILE A 328 40.92 -19.48 -9.68
N THR A 329 40.53 -18.72 -8.65
CA THR A 329 40.66 -19.24 -7.30
C THR A 329 39.63 -20.34 -7.02
N GLY A 330 38.48 -20.30 -7.69
CA GLY A 330 37.53 -21.39 -7.57
C GLY A 330 38.07 -22.69 -8.13
N ALA A 331 38.69 -22.63 -9.31
CA ALA A 331 39.29 -23.83 -9.90
C ALA A 331 40.46 -24.34 -9.07
N LEU A 332 41.30 -23.41 -8.56
CA LEU A 332 42.44 -23.80 -7.73
C LEU A 332 41.98 -24.47 -6.45
N LEU A 333 40.93 -23.92 -5.82
CA LEU A 333 40.35 -24.56 -4.65
C LEU A 333 39.73 -25.91 -4.99
N LYS A 334 39.09 -26.00 -6.15
CA LYS A 334 38.41 -27.23 -6.52
C LYS A 334 39.35 -28.35 -6.88
N ASN A 335 40.60 -28.06 -7.27
CA ASN A 335 41.51 -29.14 -7.60
C ASN A 335 42.65 -29.31 -6.58
N HIS A 336 43.42 -28.25 -6.27
CA HIS A 336 44.63 -28.47 -5.51
C HIS A 336 44.34 -28.66 -4.02
N TYR A 337 43.43 -27.85 -3.46
CA TYR A 337 43.02 -28.06 -2.09
C TYR A 337 42.25 -29.36 -1.93
N ALA A 338 41.51 -29.77 -2.96
CA ALA A 338 40.79 -31.04 -2.91
C ALA A 338 41.75 -32.21 -2.86
N GLN A 339 42.82 -32.18 -3.66
CA GLN A 339 43.80 -33.26 -3.57
C GLN A 339 44.65 -33.14 -2.31
N THR A 340 44.75 -31.92 -1.76
CA THR A 340 45.47 -31.74 -0.50
C THR A 340 44.74 -32.39 0.66
N ASN A 341 43.44 -32.14 0.79
CA ASN A 341 42.67 -32.65 1.91
C ASN A 341 42.03 -34.01 1.63
N ASN A 342 42.25 -34.56 0.42
CA ASN A 342 41.75 -35.87 0.01
C ASN A 342 40.23 -35.95 0.14
N ILE A 343 39.56 -34.90 -0.32
CA ILE A 343 38.11 -34.80 -0.27
C ILE A 343 37.59 -34.77 -1.70
N ASP A 344 36.55 -35.57 -1.97
CA ASP A 344 36.00 -35.72 -3.30
C ASP A 344 35.46 -34.39 -3.80
N PRO A 345 35.82 -33.95 -5.02
CA PRO A 345 35.37 -32.64 -5.51
C PRO A 345 33.87 -32.51 -5.70
N LYS A 346 33.12 -33.60 -5.65
CA LYS A 346 31.67 -33.55 -5.71
C LYS A 346 31.03 -33.47 -4.33
N ASP A 347 31.82 -33.24 -3.28
CA ASP A 347 31.32 -33.32 -1.91
C ASP A 347 31.43 -32.02 -1.13
N MET A 348 31.92 -30.95 -1.74
CA MET A 348 31.93 -29.63 -1.10
C MET A 348 31.16 -28.66 -1.98
N VAL A 349 30.82 -27.51 -1.40
CA VAL A 349 30.14 -26.45 -2.15
C VAL A 349 30.88 -25.13 -1.95
N VAL A 350 30.89 -24.33 -3.01
CA VAL A 350 31.60 -23.06 -3.07
C VAL A 350 30.57 -21.96 -3.26
N VAL A 351 30.69 -20.90 -2.46
CA VAL A 351 29.86 -19.71 -2.63
C VAL A 351 30.73 -18.47 -2.46
N SER A 352 30.53 -17.48 -3.32
CA SER A 352 31.35 -16.28 -3.37
C SER A 352 30.47 -15.04 -3.34
N ILE A 353 30.90 -13.99 -2.65
CA ILE A 353 30.13 -12.76 -2.57
C ILE A 353 30.77 -11.68 -3.45
N MET A 354 30.06 -11.30 -4.51
CA MET A 354 30.45 -10.30 -5.50
C MET A 354 29.45 -9.17 -5.57
N PRO A 355 29.93 -7.93 -5.54
CA PRO A 355 29.04 -6.78 -5.77
C PRO A 355 28.69 -6.54 -7.24
N CYS A 356 29.30 -7.27 -8.17
CA CYS A 356 28.93 -7.16 -9.57
C CYS A 356 27.89 -8.22 -9.91
N THR A 357 26.90 -7.83 -10.71
CA THR A 357 25.74 -8.69 -10.92
C THR A 357 25.99 -9.73 -12.01
N ALA A 358 27.05 -9.59 -12.78
CA ALA A 358 27.28 -10.49 -13.92
C ALA A 358 27.65 -11.91 -13.50
N LYS A 359 28.02 -12.12 -12.23
CA LYS A 359 28.52 -13.42 -11.83
C LYS A 359 27.43 -14.48 -11.76
N LYS A 360 26.21 -14.09 -11.38
CA LYS A 360 25.12 -15.06 -11.40
C LYS A 360 24.69 -15.41 -12.81
N TYR A 361 25.01 -14.54 -13.79
CA TYR A 361 24.90 -14.98 -15.17
C TYR A 361 26.02 -15.93 -15.54
N GLU A 362 27.25 -15.61 -15.10
CA GLU A 362 28.44 -16.35 -15.52
C GLU A 362 28.45 -17.76 -14.96
N VAL A 363 27.86 -17.97 -13.78
CA VAL A 363 27.81 -19.31 -13.20
C VAL A 363 26.92 -20.22 -14.04
N GLN A 364 25.93 -19.65 -14.74
CA GLN A 364 25.06 -20.46 -15.58
C GLN A 364 25.73 -20.90 -16.88
N ARG A 365 26.91 -20.36 -17.18
CA ARG A 365 27.59 -20.69 -18.43
C ARG A 365 28.07 -22.13 -18.40
N GLU A 366 28.12 -22.76 -19.57
CA GLU A 366 28.38 -24.19 -19.67
C GLU A 366 29.84 -24.51 -19.95
N GLU A 367 30.59 -23.60 -20.57
CA GLU A 367 31.97 -23.90 -20.94
C GLU A 367 32.94 -23.70 -19.79
N LEU A 368 32.53 -23.05 -18.71
CA LEU A 368 33.42 -22.83 -17.56
C LEU A 368 33.20 -23.92 -16.51
N CYS A 369 33.41 -25.16 -16.94
CA CYS A 369 33.38 -26.31 -16.05
C CYS A 369 34.69 -27.06 -16.17
N THR A 370 35.20 -27.51 -15.02
CA THR A 370 36.50 -28.17 -14.94
C THR A 370 36.33 -29.52 -14.27
N ASP A 371 36.99 -30.54 -14.83
CA ASP A 371 37.03 -31.90 -14.28
C ASP A 371 35.63 -32.50 -14.19
N GLY A 372 34.76 -32.15 -15.13
CA GLY A 372 33.40 -32.61 -15.12
C GLY A 372 32.49 -31.96 -14.10
N ASN A 373 32.95 -30.90 -13.43
CA ASN A 373 32.19 -30.23 -12.40
C ASN A 373 32.21 -28.72 -12.63
N ALA A 374 31.19 -28.05 -12.11
CA ALA A 374 31.10 -26.61 -12.24
C ALA A 374 32.19 -25.91 -11.44
N ASP A 375 32.66 -24.76 -11.95
CA ASP A 375 33.70 -24.01 -11.26
C ASP A 375 33.20 -23.45 -9.93
N VAL A 376 32.06 -22.77 -9.94
CA VAL A 376 31.44 -22.25 -8.73
C VAL A 376 29.98 -22.67 -8.75
N ASP A 377 29.34 -22.67 -7.58
CA ASP A 377 27.98 -23.16 -7.46
C ASP A 377 26.97 -22.02 -7.31
N ILE A 378 27.17 -21.15 -6.32
CA ILE A 378 26.20 -20.13 -5.94
C ILE A 378 26.91 -18.79 -5.87
N SER A 379 26.31 -17.75 -6.47
CA SER A 379 26.83 -16.40 -6.41
C SER A 379 25.86 -15.51 -5.61
N ILE A 380 26.42 -14.73 -4.68
CA ILE A 380 25.65 -13.93 -3.74
C ILE A 380 26.13 -12.48 -3.78
N THR A 381 25.18 -11.54 -3.72
CA THR A 381 25.49 -10.13 -3.59
C THR A 381 25.29 -9.63 -2.17
N THR A 382 25.53 -8.32 -1.98
CA THR A 382 25.63 -7.74 -0.66
C THR A 382 24.26 -7.57 -0.02
N ARG A 383 23.22 -7.35 -0.82
CA ARG A 383 21.88 -7.25 -0.25
C ARG A 383 21.44 -8.58 0.33
N GLU A 384 21.74 -9.67 -0.38
CA GLU A 384 21.43 -11.02 0.07
C GLU A 384 22.19 -11.37 1.34
N LEU A 385 23.53 -11.14 1.35
CA LEU A 385 24.35 -11.30 2.53
C LEU A 385 23.84 -10.44 3.66
N ALA A 386 23.37 -9.24 3.32
CA ALA A 386 22.94 -8.28 4.32
C ALA A 386 21.73 -8.79 5.09
N ARG A 387 20.66 -9.18 4.40
CA ARG A 387 19.54 -9.65 5.22
C ARG A 387 19.70 -11.12 5.59
N MET A 388 20.73 -11.81 5.08
CA MET A 388 21.04 -13.12 5.64
C MET A 388 21.69 -12.99 7.01
N ILE A 389 22.67 -12.09 7.14
CA ILE A 389 23.29 -11.88 8.44
C ILE A 389 22.31 -11.21 9.39
N LYS A 390 21.38 -10.42 8.84
CA LYS A 390 20.31 -9.86 9.64
C LYS A 390 19.27 -10.92 10.00
N GLU A 391 19.16 -11.97 9.18
CA GLU A 391 18.25 -13.07 9.45
C GLU A 391 18.77 -13.96 10.58
N ALA A 392 20.04 -14.34 10.52
CA ALA A 392 20.65 -15.04 11.64
C ALA A 392 20.73 -14.14 12.86
N ARG A 393 20.86 -12.83 12.62
CA ARG A 393 20.66 -11.75 13.59
C ARG A 393 21.59 -11.89 14.81
N ILE A 394 22.87 -11.71 14.53
CA ILE A 394 23.86 -11.47 15.57
C ILE A 394 24.16 -9.97 15.54
N LEU A 395 23.96 -9.31 16.67
CA LEU A 395 24.01 -7.85 16.76
C LEU A 395 25.42 -7.38 16.46
N PHE A 396 25.60 -6.78 15.28
CA PHE A 396 26.90 -6.70 14.61
C PHE A 396 27.92 -5.85 15.36
N ASN A 397 27.48 -4.76 16.01
CA ASN A 397 28.43 -3.79 16.55
C ASN A 397 29.19 -4.30 17.77
N LYS A 398 28.77 -5.41 18.37
CA LYS A 398 29.39 -5.90 19.59
C LYS A 398 30.18 -7.19 19.38
N LEU A 399 30.55 -7.49 18.14
CA LEU A 399 31.39 -8.64 17.87
C LEU A 399 32.86 -8.34 18.14
N PRO A 400 33.65 -9.34 18.48
CA PRO A 400 35.11 -9.19 18.48
C PRO A 400 35.65 -9.27 17.06
N ASP A 401 36.98 -9.28 16.97
CA ASP A 401 37.68 -9.30 15.69
C ASP A 401 38.28 -10.68 15.45
N GLU A 402 38.30 -11.10 14.19
CA GLU A 402 38.92 -12.36 13.79
C GLU A 402 39.69 -12.16 12.50
N ASP A 403 40.69 -13.00 12.30
CA ASP A 403 41.52 -12.98 11.10
C ASP A 403 41.15 -14.17 10.21
N PHE A 404 41.79 -14.23 9.05
CA PHE A 404 41.59 -15.31 8.10
C PHE A 404 42.61 -16.42 8.38
N ASP A 405 42.74 -17.37 7.46
CA ASP A 405 43.40 -18.63 7.79
C ASP A 405 44.45 -19.07 6.77
N ASP A 406 44.84 -20.34 6.91
CA ASP A 406 45.98 -20.96 6.24
C ASP A 406 45.45 -21.84 5.10
N TYR A 407 45.90 -21.60 3.86
CA TYR A 407 46.90 -20.62 3.44
C TYR A 407 46.33 -19.27 3.06
N TYR A 408 45.07 -19.28 2.62
CA TYR A 408 44.57 -18.34 1.62
C TYR A 408 43.85 -17.15 2.22
N GLY A 409 44.34 -16.62 3.34
CA GLY A 409 43.75 -15.43 3.90
C GLY A 409 44.61 -14.18 3.85
N GLU A 410 45.84 -14.28 3.36
CA GLU A 410 46.73 -13.12 3.33
C GLU A 410 46.30 -12.14 2.23
N SER A 411 46.65 -10.87 2.43
CA SER A 411 46.21 -9.80 1.55
C SER A 411 47.35 -8.83 1.26
N THR A 412 47.36 -8.31 0.03
CA THR A 412 48.28 -7.27 -0.40
C THR A 412 47.48 -6.10 -0.96
N GLY A 413 48.09 -4.92 -0.94
CA GLY A 413 47.39 -3.71 -1.35
C GLY A 413 47.04 -3.67 -2.82
N ALA A 414 47.78 -4.41 -3.65
CA ALA A 414 47.54 -4.42 -5.09
C ALA A 414 46.18 -5.03 -5.41
N ALA A 415 45.74 -6.03 -4.64
CA ALA A 415 44.38 -6.54 -4.76
C ALA A 415 43.42 -5.92 -3.75
N VAL A 416 43.92 -5.07 -2.85
CA VAL A 416 43.02 -4.19 -2.12
C VAL A 416 42.43 -3.15 -3.06
N ILE A 417 43.25 -2.64 -3.98
CA ILE A 417 42.81 -1.66 -4.97
C ILE A 417 42.30 -2.38 -6.22
N PHE A 418 42.05 -3.68 -6.11
CA PHE A 418 41.45 -4.44 -7.21
C PHE A 418 40.10 -3.88 -7.61
N GLY A 419 39.23 -3.61 -6.62
CA GLY A 419 37.94 -3.02 -6.92
C GLY A 419 38.00 -1.56 -7.34
N ALA A 420 39.13 -0.90 -7.09
CA ALA A 420 39.29 0.51 -7.38
C ALA A 420 39.41 0.77 -8.88
N THR A 421 39.62 2.03 -9.24
CA THR A 421 39.66 2.42 -10.64
C THR A 421 41.05 2.15 -11.21
N GLY A 422 41.17 1.03 -11.95
CA GLY A 422 42.37 0.72 -12.70
C GLY A 422 43.52 0.17 -11.89
N GLY A 423 43.29 -0.22 -10.63
CA GLY A 423 44.36 -0.75 -9.82
C GLY A 423 44.88 -2.09 -10.30
N VAL A 424 44.03 -2.85 -11.01
CA VAL A 424 44.44 -4.16 -11.53
C VAL A 424 45.56 -3.99 -12.54
N MET A 425 45.35 -3.11 -13.53
CA MET A 425 46.35 -2.93 -14.55
C MET A 425 47.52 -2.09 -14.04
N GLU A 426 47.27 -1.23 -13.05
CA GLU A 426 48.36 -0.57 -12.34
C GLU A 426 49.32 -1.60 -11.74
N ALA A 427 48.77 -2.58 -11.02
CA ALA A 427 49.59 -3.64 -10.44
C ALA A 427 50.24 -4.50 -11.52
N ALA A 428 49.55 -4.66 -12.65
CA ALA A 428 50.15 -5.38 -13.78
C ALA A 428 51.40 -4.66 -14.29
N VAL A 429 51.32 -3.34 -14.42
CA VAL A 429 52.46 -2.54 -14.84
C VAL A 429 53.58 -2.62 -13.80
N ARG A 430 53.23 -2.59 -12.51
CA ARG A 430 54.23 -2.73 -11.46
C ARG A 430 54.96 -4.06 -11.55
N THR A 431 54.20 -5.14 -11.76
CA THR A 431 54.81 -6.48 -11.81
C THR A 431 55.70 -6.64 -13.04
N VAL A 432 55.23 -6.17 -14.20
CA VAL A 432 56.04 -6.33 -15.40
C VAL A 432 57.29 -5.44 -15.35
N ALA A 433 57.18 -4.25 -14.74
CA ALA A 433 58.35 -3.39 -14.60
C ALA A 433 59.35 -3.98 -13.61
N ASP A 434 58.87 -4.60 -12.54
CA ASP A 434 59.77 -5.24 -11.59
C ASP A 434 60.43 -6.48 -12.19
N VAL A 435 59.71 -7.22 -13.04
CA VAL A 435 60.30 -8.38 -13.69
C VAL A 435 61.36 -7.95 -14.69
N LEU A 436 61.06 -6.95 -15.52
CA LEU A 436 61.95 -6.66 -16.64
C LEU A 436 63.09 -5.71 -16.26
N ASN A 437 62.80 -4.66 -15.48
CA ASN A 437 63.82 -3.64 -15.26
C ASN A 437 63.93 -3.18 -13.81
N LYS A 438 63.16 -3.76 -12.88
CA LYS A 438 63.26 -3.48 -11.44
C LYS A 438 63.02 -2.00 -11.12
N LYS A 439 61.87 -1.50 -11.56
CA LYS A 439 61.49 -0.11 -11.34
C LYS A 439 60.50 -0.01 -10.19
N ASP A 440 60.77 0.89 -9.24
CA ASP A 440 59.93 1.09 -8.07
C ASP A 440 59.08 2.34 -8.29
N ILE A 441 57.80 2.13 -8.56
CA ILE A 441 56.81 3.20 -8.70
C ILE A 441 55.67 2.89 -7.74
N GLN A 442 55.17 3.92 -7.05
CA GLN A 442 54.04 3.71 -6.16
C GLN A 442 52.74 4.30 -6.71
N GLU A 443 52.83 5.33 -7.56
CA GLU A 443 51.63 5.92 -8.16
C GLU A 443 51.99 6.50 -9.53
N ILE A 444 51.02 6.38 -10.45
CA ILE A 444 51.15 6.88 -11.82
C ILE A 444 49.94 7.78 -12.10
N ASP A 445 50.22 8.99 -12.59
CA ASP A 445 49.16 9.94 -12.89
C ASP A 445 48.39 9.54 -14.15
N TYR A 446 47.22 10.15 -14.33
CA TYR A 446 46.36 9.90 -15.48
C TYR A 446 46.02 11.25 -16.14
N GLN A 447 45.70 11.21 -17.42
CA GLN A 447 45.37 12.40 -18.18
C GLN A 447 43.88 12.40 -18.51
N ILE A 448 43.18 13.46 -18.12
CA ILE A 448 41.77 13.60 -18.43
C ILE A 448 41.61 14.20 -19.82
N VAL A 449 40.85 13.53 -20.68
CA VAL A 449 40.53 14.04 -22.00
C VAL A 449 39.49 15.14 -21.87
N ARG A 450 39.73 16.28 -22.50
CA ARG A 450 38.74 17.35 -22.48
C ARG A 450 37.60 17.03 -23.44
N GLY A 451 36.37 17.29 -22.98
CA GLY A 451 35.17 17.00 -23.71
C GLY A 451 34.36 15.86 -23.15
N VAL A 452 35.01 14.76 -22.76
CA VAL A 452 34.35 13.64 -22.10
C VAL A 452 35.14 13.28 -20.85
N ASP A 453 34.45 13.21 -19.72
CA ASP A 453 35.07 12.77 -18.47
C ASP A 453 34.88 11.26 -18.32
N GLY A 454 35.75 10.64 -17.53
CA GLY A 454 35.71 9.21 -17.32
C GLY A 454 36.74 8.42 -18.10
N ILE A 455 37.27 8.98 -19.17
CA ILE A 455 38.37 8.37 -19.92
C ILE A 455 39.70 8.97 -19.46
N LYS A 456 40.63 8.10 -19.12
CA LYS A 456 41.92 8.51 -18.56
C LYS A 456 43.03 7.86 -19.36
N LYS A 457 44.01 8.67 -19.76
CA LYS A 457 45.15 8.20 -20.53
C LYS A 457 46.43 8.31 -19.69
N ALA A 458 47.28 7.28 -19.79
CA ALA A 458 48.58 7.29 -19.14
C ALA A 458 49.57 6.57 -20.03
N SER A 459 50.81 7.08 -20.06
CA SER A 459 51.85 6.48 -20.87
C SER A 459 53.18 6.70 -20.18
N VAL A 460 53.61 5.71 -19.39
CA VAL A 460 54.87 5.75 -18.68
C VAL A 460 55.71 4.56 -19.15
N GLU A 461 56.97 4.83 -19.50
CA GLU A 461 57.88 3.81 -19.97
C GLU A 461 58.09 2.71 -18.94
N VAL A 462 58.08 1.47 -19.39
CA VAL A 462 58.55 0.37 -18.57
C VAL A 462 60.07 0.28 -18.64
N THR A 463 60.62 0.33 -19.85
CA THR A 463 62.05 0.45 -20.09
C THR A 463 62.25 1.59 -21.08
N PRO A 464 63.45 2.20 -21.10
CA PRO A 464 63.73 3.21 -22.13
C PRO A 464 63.61 2.71 -23.56
N ASP A 465 63.67 1.40 -23.78
CA ASP A 465 63.36 0.82 -25.07
C ASP A 465 61.88 0.52 -25.27
N LEU A 466 61.13 0.24 -24.20
CA LEU A 466 59.74 -0.20 -24.33
C LEU A 466 58.84 0.68 -23.48
N THR A 467 58.02 1.48 -24.15
CA THR A 467 56.99 2.30 -23.54
C THR A 467 55.64 1.65 -23.81
N VAL A 468 54.75 1.67 -22.82
CA VAL A 468 53.47 0.99 -22.90
C VAL A 468 52.37 2.03 -22.69
N ASN A 469 51.35 1.99 -23.53
CA ASN A 469 50.28 2.98 -23.51
C ASN A 469 49.04 2.43 -22.83
N LEU A 470 48.48 3.22 -21.92
CA LEU A 470 47.42 2.78 -21.02
C LEU A 470 46.23 3.71 -21.13
N VAL A 471 45.04 3.15 -21.37
CA VAL A 471 43.80 3.89 -21.20
C VAL A 471 42.81 3.03 -20.43
N VAL A 472 42.02 3.66 -19.56
CA VAL A 472 41.01 2.99 -18.75
C VAL A 472 39.69 3.72 -18.95
N ALA A 473 38.66 2.98 -19.35
CA ALA A 473 37.33 3.53 -19.60
C ALA A 473 36.32 2.80 -18.72
N HIS A 474 35.47 3.57 -18.05
CA HIS A 474 34.39 3.03 -17.22
C HIS A 474 33.08 3.65 -17.67
N GLY A 475 32.03 2.83 -17.73
CA GLY A 475 30.72 3.32 -18.12
C GLY A 475 30.37 2.97 -19.56
N GLY A 476 29.10 2.62 -19.79
CA GLY A 476 28.71 2.05 -21.07
C GLY A 476 28.89 3.01 -22.24
N ALA A 477 28.59 4.30 -22.03
CA ALA A 477 28.84 5.29 -23.07
C ALA A 477 30.33 5.40 -23.38
N ASN A 478 31.17 5.37 -22.35
CA ASN A 478 32.61 5.44 -22.55
C ASN A 478 33.11 4.23 -23.30
N ILE A 479 32.55 3.06 -22.99
CA ILE A 479 32.85 1.84 -23.74
C ILE A 479 32.46 2.02 -25.20
N ARG A 480 31.30 2.61 -25.45
CA ARG A 480 30.82 2.76 -26.82
C ARG A 480 31.73 3.69 -27.62
N GLU A 481 32.19 4.79 -27.02
CA GLU A 481 33.03 5.71 -27.79
C GLU A 481 34.43 5.15 -28.00
N VAL A 482 34.98 4.44 -27.00
CA VAL A 482 36.32 3.88 -27.22
C VAL A 482 36.26 2.74 -28.22
N MET A 483 35.15 1.99 -28.22
CA MET A 483 34.91 0.96 -29.23
C MET A 483 34.77 1.57 -30.62
N GLU A 484 34.09 2.72 -30.69
CA GLU A 484 33.94 3.44 -31.96
C GLU A 484 35.28 3.88 -32.52
N GLN A 485 36.14 4.45 -31.67
CA GLN A 485 37.44 4.88 -32.20
C GLN A 485 38.36 3.68 -32.45
N LEU A 486 38.16 2.57 -31.73
CA LEU A 486 38.92 1.36 -32.03
C LEU A 486 38.57 0.82 -33.41
N LYS A 487 37.28 0.82 -33.75
CA LYS A 487 36.90 0.48 -35.12
C LYS A 487 37.39 1.55 -36.10
N ALA A 488 37.46 2.80 -35.67
CA ALA A 488 38.13 3.82 -36.46
C ALA A 488 39.64 3.68 -36.44
N GLY A 489 40.20 2.92 -35.50
CA GLY A 489 41.63 2.75 -35.39
C GLY A 489 42.37 3.94 -34.85
N GLU A 490 41.70 4.82 -34.09
CA GLU A 490 42.37 6.00 -33.55
C GLU A 490 43.40 5.61 -32.51
N LEU A 491 43.12 4.59 -31.71
CA LEU A 491 44.05 4.07 -30.72
C LEU A 491 44.74 2.79 -31.19
N ALA A 492 45.12 2.74 -32.46
CA ALA A 492 45.92 1.62 -32.95
C ALA A 492 47.32 1.61 -32.34
N ASP A 493 47.78 2.75 -31.84
CA ASP A 493 49.10 2.84 -31.22
C ASP A 493 49.15 2.28 -29.81
N THR A 494 48.03 2.23 -29.10
CA THR A 494 48.04 1.91 -27.68
C THR A 494 48.25 0.41 -27.46
N HIS A 495 48.53 0.07 -26.20
CA HIS A 495 48.74 -1.31 -25.80
C HIS A 495 47.58 -1.83 -24.95
N PHE A 496 47.06 -1.04 -24.02
CA PHE A 496 46.03 -1.52 -23.11
C PHE A 496 44.83 -0.61 -23.03
N ILE A 497 43.65 -1.22 -23.15
CA ILE A 497 42.37 -0.58 -22.89
C ILE A 497 41.71 -1.38 -21.79
N GLU A 498 41.35 -0.72 -20.69
CA GLU A 498 40.78 -1.41 -19.53
C GLU A 498 39.32 -1.01 -19.39
N LEU A 499 38.43 -1.98 -19.56
CA LEU A 499 36.99 -1.69 -19.56
C LEU A 499 36.38 -2.04 -18.21
N MET A 500 35.82 -1.04 -17.55
CA MET A 500 34.98 -1.22 -16.38
C MET A 500 33.54 -1.04 -16.83
N ALA A 501 32.69 -2.00 -16.52
CA ALA A 501 31.31 -1.95 -17.03
C ALA A 501 30.51 -0.86 -16.31
N CYS A 502 30.31 -1.01 -15.01
CA CYS A 502 29.62 0.01 -14.25
C CYS A 502 30.54 1.23 -14.08
N PRO A 503 29.97 2.43 -13.97
CA PRO A 503 30.80 3.63 -13.89
C PRO A 503 31.54 3.73 -12.56
N GLY A 504 32.62 4.50 -12.56
CA GLY A 504 33.48 4.65 -11.40
C GLY A 504 34.29 3.43 -11.07
N GLY A 505 34.27 2.48 -11.97
CA GLY A 505 34.99 1.28 -11.80
C GLY A 505 34.30 0.03 -11.31
N CYS A 506 35.10 -0.90 -10.76
CA CYS A 506 34.59 -2.13 -10.18
C CYS A 506 34.03 -1.85 -8.76
N VAL A 507 34.43 -0.70 -8.19
CA VAL A 507 33.95 -0.24 -6.92
C VAL A 507 32.55 0.41 -6.97
N ASN A 508 31.82 0.42 -8.08
CA ASN A 508 30.43 0.90 -8.06
C ASN A 508 29.49 -0.21 -8.53
N GLY A 509 29.69 -1.42 -8.02
CA GLY A 509 28.88 -2.56 -8.41
C GLY A 509 27.40 -2.39 -8.06
N GLY A 510 26.47 -2.75 -8.97
CA GLY A 510 25.03 -2.66 -8.79
C GLY A 510 24.54 -3.47 -7.60
N GLY A 511 25.34 -4.44 -7.15
CA GLY A 511 24.99 -5.22 -5.99
C GLY A 511 25.20 -4.54 -4.67
N GLN A 512 25.76 -3.33 -4.66
CA GLN A 512 25.84 -2.55 -3.45
C GLN A 512 24.43 -2.13 -3.01
N PRO A 513 24.19 -1.95 -1.72
CA PRO A 513 22.83 -1.65 -1.27
C PRO A 513 22.37 -0.28 -1.71
N ILE A 514 21.06 -0.07 -1.64
CA ILE A 514 20.44 1.13 -2.20
C ILE A 514 20.87 2.36 -1.40
N VAL A 515 21.03 3.48 -2.12
CA VAL A 515 21.33 4.76 -1.51
C VAL A 515 20.16 5.68 -1.77
N SER A 516 20.04 6.71 -0.95
CA SER A 516 18.95 7.67 -1.07
C SER A 516 19.33 8.75 -2.08
N ALA A 517 18.29 9.41 -2.61
CA ALA A 517 18.52 10.58 -3.44
C ALA A 517 19.18 11.70 -2.64
N LYS A 518 18.73 11.88 -1.41
CA LYS A 518 19.35 12.86 -0.51
C LYS A 518 20.81 12.54 -0.27
N ASP A 519 21.12 11.26 -0.05
CA ASP A 519 22.51 10.85 0.16
C ASP A 519 23.35 11.04 -1.10
N LYS A 520 22.74 10.87 -2.27
CA LYS A 520 23.46 11.17 -3.50
C LYS A 520 23.62 12.68 -3.71
N MET A 521 22.77 13.49 -3.09
CA MET A 521 22.93 14.93 -3.22
C MET A 521 24.13 15.44 -2.43
N ASP A 522 24.34 14.93 -1.20
CA ASP A 522 25.30 15.52 -0.28
C ASP A 522 26.75 15.19 -0.67
N ILE A 523 27.12 13.91 -0.61
CA ILE A 523 28.49 13.48 -0.88
C ILE A 523 28.44 12.45 -2.00
N ASP A 524 29.24 12.67 -3.04
CA ASP A 524 29.37 11.70 -4.10
C ASP A 524 30.06 10.45 -3.55
N ILE A 525 29.36 9.33 -3.56
CA ILE A 525 29.66 8.25 -2.64
C ILE A 525 30.88 7.43 -3.09
N ARG A 526 31.26 7.51 -4.37
CA ARG A 526 32.47 6.79 -4.76
C ARG A 526 33.70 7.48 -4.21
N THR A 527 33.59 8.79 -3.91
CA THR A 527 34.68 9.48 -3.23
C THR A 527 34.89 8.93 -1.83
N GLU A 528 33.80 8.71 -1.08
CA GLU A 528 33.96 8.24 0.30
C GLU A 528 34.44 6.79 0.34
N ARG A 529 33.91 5.93 -0.54
CA ARG A 529 34.41 4.57 -0.53
C ARG A 529 35.81 4.50 -1.12
N ALA A 530 36.15 5.45 -1.99
CA ALA A 530 37.53 5.56 -2.48
C ALA A 530 38.47 5.93 -1.35
N LYS A 531 38.07 6.87 -0.48
CA LYS A 531 38.91 7.20 0.66
C LYS A 531 39.03 6.03 1.62
N ALA A 532 37.96 5.28 1.81
CA ALA A 532 38.02 4.10 2.69
C ALA A 532 39.00 3.05 2.15
N LEU A 533 38.93 2.77 0.84
CA LEU A 533 39.83 1.78 0.26
C LEU A 533 41.26 2.30 0.12
N TYR A 534 41.44 3.60 -0.09
CA TYR A 534 42.79 4.13 -0.16
C TYR A 534 43.45 4.17 1.21
N ASP A 535 42.67 4.44 2.26
CA ASP A 535 43.20 4.31 3.61
C ASP A 535 43.47 2.86 3.96
N GLU A 536 42.68 1.92 3.43
CA GLU A 536 43.01 0.50 3.59
C GLU A 536 44.30 0.15 2.87
N ASP A 537 44.51 0.69 1.66
CA ASP A 537 45.71 0.39 0.89
C ASP A 537 46.96 0.95 1.54
N ALA A 538 46.88 2.19 2.05
CA ALA A 538 47.98 2.73 2.84
C ALA A 538 48.11 2.01 4.18
N ASN A 539 47.04 1.38 4.66
CA ASN A 539 47.05 0.60 5.89
C ASN A 539 47.57 -0.81 5.67
N VAL A 540 47.79 -1.21 4.42
CA VAL A 540 48.46 -2.48 4.14
C VAL A 540 49.91 -2.33 4.53
N LEU A 541 50.30 -2.96 5.64
CA LEU A 541 51.61 -2.74 6.23
C LEU A 541 52.59 -3.86 5.94
N THR A 542 52.26 -4.79 5.05
CA THR A 542 53.14 -5.91 4.75
C THR A 542 53.75 -5.86 3.35
N TYR A 543 52.95 -5.82 2.29
CA TYR A 543 53.44 -5.97 0.92
C TYR A 543 52.61 -5.11 -0.02
N ARG A 544 53.30 -4.36 -0.88
CA ARG A 544 52.64 -3.62 -1.95
C ARG A 544 53.09 -4.05 -3.35
N LYS A 545 53.78 -5.18 -3.47
CA LYS A 545 54.06 -5.79 -4.76
C LYS A 545 53.52 -7.22 -4.76
N SER A 546 52.98 -7.64 -5.90
CA SER A 546 52.31 -8.93 -5.97
C SER A 546 53.32 -10.08 -6.00
N HIS A 547 54.40 -9.93 -6.76
CA HIS A 547 55.24 -11.09 -7.06
C HIS A 547 56.18 -11.46 -5.92
N GLN A 548 56.26 -10.59 -4.91
CA GLN A 548 57.09 -10.86 -3.76
C GLN A 548 56.37 -11.83 -2.83
N ASN A 549 55.05 -11.99 -2.99
CA ASN A 549 54.27 -12.91 -2.15
C ASN A 549 54.89 -14.40 -2.11
N PRO A 550 55.46 -14.86 -0.92
CA PRO A 550 56.07 -16.20 -0.95
C PRO A 550 55.08 -17.33 -1.18
N SER A 551 53.83 -17.15 -0.75
CA SER A 551 52.84 -18.23 -0.85
C SER A 551 52.52 -18.52 -2.32
N VAL A 552 52.33 -17.48 -3.13
CA VAL A 552 52.03 -17.70 -4.53
C VAL A 552 53.22 -18.29 -5.26
N ILE A 553 54.44 -17.94 -4.85
CA ILE A 553 55.64 -18.54 -5.45
C ILE A 553 55.72 -20.02 -5.08
N ARG A 554 55.35 -20.35 -3.85
CA ARG A 554 55.31 -21.75 -3.43
C ARG A 554 54.31 -22.55 -4.26
N LEU A 555 53.10 -22.00 -4.45
CA LEU A 555 52.12 -22.66 -5.31
C LEU A 555 52.58 -22.75 -6.76
N TYR A 556 53.36 -21.76 -7.21
CA TYR A 556 53.93 -21.84 -8.56
C TYR A 556 54.89 -23.00 -8.64
N GLU A 557 55.77 -23.14 -7.65
CA GLU A 557 56.78 -24.19 -7.64
C GLU A 557 56.19 -25.57 -7.49
N GLU A 558 55.11 -25.74 -6.72
CA GLU A 558 54.62 -27.08 -6.41
C GLU A 558 53.53 -27.56 -7.35
N TYR A 559 52.70 -26.68 -7.89
CA TYR A 559 51.65 -27.19 -8.75
C TYR A 559 51.57 -26.46 -10.10
N LEU A 560 51.84 -25.17 -10.14
CA LEU A 560 51.70 -24.39 -11.35
C LEU A 560 52.94 -24.42 -12.24
N GLU A 561 54.03 -25.03 -11.77
CA GLU A 561 55.29 -25.17 -12.50
C GLU A 561 55.86 -23.82 -12.93
N GLU A 562 55.57 -23.43 -14.16
CA GLU A 562 56.15 -22.24 -14.78
C GLU A 562 55.01 -21.38 -15.30
N PRO A 563 55.18 -20.04 -15.28
CA PRO A 563 54.14 -19.16 -15.82
C PRO A 563 53.83 -19.42 -17.29
N ASN A 564 52.53 -19.42 -17.60
CA ASN A 564 51.99 -19.85 -18.90
C ASN A 564 52.50 -21.25 -19.28
N SER A 565 52.29 -22.20 -18.37
CA SER A 565 52.59 -23.59 -18.65
C SER A 565 51.54 -24.18 -19.59
N PRO A 566 51.85 -25.29 -20.25
CA PRO A 566 50.79 -26.03 -20.96
C PRO A 566 49.67 -26.49 -20.04
N LYS A 567 49.98 -26.83 -18.79
CA LYS A 567 48.94 -27.11 -17.81
C LYS A 567 48.15 -25.85 -17.47
N ALA A 568 48.80 -24.69 -17.44
CA ALA A 568 48.09 -23.44 -17.26
C ALA A 568 47.20 -23.15 -18.46
N HIS A 569 47.65 -23.50 -19.67
CA HIS A 569 46.81 -23.38 -20.85
C HIS A 569 45.62 -24.34 -20.77
N HIS A 570 45.82 -25.49 -20.13
CA HIS A 570 44.74 -26.46 -20.02
C HIS A 570 43.69 -26.02 -19.00
N ILE A 571 44.14 -25.46 -17.88
CA ILE A 571 43.22 -25.22 -16.76
C ILE A 571 42.75 -23.78 -16.68
N LEU A 572 43.72 -22.86 -16.64
CA LEU A 572 43.51 -21.44 -16.45
C LEU A 572 43.11 -20.57 -17.65
N HIS A 573 42.97 -21.17 -18.84
CA HIS A 573 42.77 -20.44 -20.08
C HIS A 573 41.58 -21.09 -20.98
N THR A 574 40.43 -20.38 -21.23
CA THR A 574 39.17 -20.90 -21.97
C THR A 574 38.60 -20.24 -23.32
N LYS A 575 37.41 -20.63 -23.90
CA LYS A 575 37.07 -20.03 -25.18
C LYS A 575 35.57 -19.73 -25.23
N TYR A 576 35.23 -18.60 -25.83
CA TYR A 576 33.85 -18.14 -25.94
C TYR A 576 33.40 -18.19 -27.39
N SER A 577 32.12 -18.47 -27.59
CA SER A 577 31.54 -18.64 -28.91
C SER A 577 30.57 -17.50 -29.22
N ALA A 578 29.92 -17.59 -30.36
CA ALA A 578 29.01 -16.54 -30.80
C ALA A 578 27.65 -16.69 -30.14
N LYS A 579 27.36 -15.81 -29.18
CA LYS A 579 26.05 -15.80 -28.53
C LYS A 579 25.06 -15.05 -29.41
N PRO A 580 23.81 -15.54 -29.51
CA PRO A 580 22.86 -14.94 -30.45
C PRO A 580 22.42 -13.54 -30.01
N LYS A 581 22.22 -12.69 -31.00
CA LYS A 581 21.68 -11.34 -30.81
C LYS A 581 20.21 -11.36 -31.18
N LEU A 582 19.34 -11.18 -30.18
CA LEU A 582 17.92 -10.94 -30.43
C LEU A 582 17.68 -9.50 -30.02
N VAL A 583 18.04 -8.58 -30.90
CA VAL A 583 17.88 -7.15 -30.65
C VAL A 583 17.27 -6.54 -31.90
N MET B 1 -8.58 36.55 -71.31
CA MET B 1 -9.61 35.63 -70.83
C MET B 1 -10.84 35.69 -71.72
N ALA B 2 -11.34 34.51 -72.11
CA ALA B 2 -12.52 34.42 -72.94
C ALA B 2 -13.78 34.80 -72.15
N TYR B 3 -14.67 35.53 -72.81
CA TYR B 3 -15.89 35.99 -72.17
C TYR B 3 -16.89 34.84 -72.06
N LYS B 4 -17.52 34.71 -70.90
CA LYS B 4 -18.51 33.68 -70.65
C LYS B 4 -19.85 34.33 -70.33
N ARG B 5 -20.89 33.91 -71.06
CA ARG B 5 -22.24 34.41 -70.78
C ARG B 5 -22.72 33.95 -69.41
N SER B 6 -22.45 32.69 -69.07
CA SER B 6 -22.90 32.12 -67.80
C SER B 6 -21.72 31.52 -67.05
N GLN B 7 -21.81 31.55 -65.73
CA GLN B 7 -20.78 31.01 -64.85
C GLN B 7 -21.45 30.23 -63.73
N ILE B 8 -20.96 29.01 -63.46
CA ILE B 8 -21.53 28.13 -62.44
C ILE B 8 -20.41 27.70 -61.51
N LEU B 9 -20.65 27.82 -60.20
CA LEU B 9 -19.72 27.37 -59.17
C LEU B 9 -20.29 26.15 -58.48
N ILE B 10 -19.41 25.21 -58.11
CA ILE B 10 -19.79 24.00 -57.42
C ILE B 10 -19.04 23.93 -56.09
N CYS B 11 -19.70 23.43 -55.05
CA CYS B 11 -19.09 23.33 -53.74
C CYS B 11 -18.23 22.07 -53.65
N GLY B 12 -16.98 22.25 -53.23
CA GLY B 12 -16.07 21.13 -53.08
C GLY B 12 -15.80 20.77 -51.64
N GLY B 13 -16.73 21.10 -50.76
CA GLY B 13 -16.55 20.85 -49.34
C GLY B 13 -16.60 19.39 -48.98
N THR B 14 -16.24 19.11 -47.71
CA THR B 14 -16.22 17.75 -47.22
C THR B 14 -17.62 17.14 -47.17
N GLY B 15 -18.61 17.92 -46.72
CA GLY B 15 -19.98 17.44 -46.70
C GLY B 15 -20.56 17.24 -48.08
N CYS B 16 -20.15 18.07 -49.04
CA CYS B 16 -20.66 17.92 -50.40
C CYS B 16 -20.05 16.71 -51.09
N THR B 17 -18.76 16.45 -50.85
CA THR B 17 -18.12 15.28 -51.45
C THR B 17 -18.66 13.99 -50.86
N SER B 18 -19.19 14.04 -49.63
CA SER B 18 -19.82 12.87 -49.03
C SER B 18 -21.09 12.49 -49.78
N SER B 19 -21.85 13.47 -50.24
CA SER B 19 -23.08 13.21 -50.99
C SER B 19 -22.82 12.83 -52.44
N GLY B 20 -21.58 12.92 -52.91
CA GLY B 20 -21.27 12.58 -54.28
C GLY B 20 -21.18 13.78 -55.19
N SER B 21 -20.46 14.82 -54.76
CA SER B 21 -20.31 16.02 -55.58
C SER B 21 -19.42 15.75 -56.78
N MET B 22 -18.49 14.79 -56.66
CA MET B 22 -17.62 14.46 -57.79
C MET B 22 -18.40 13.76 -58.90
N VAL B 23 -19.52 13.11 -58.57
CA VAL B 23 -20.37 12.52 -59.59
C VAL B 23 -21.07 13.62 -60.38
N LEU B 24 -21.55 14.66 -59.68
CA LEU B 24 -22.28 15.73 -60.34
C LEU B 24 -21.39 16.54 -61.26
N VAL B 25 -20.15 16.81 -60.84
CA VAL B 25 -19.21 17.57 -61.66
C VAL B 25 -18.86 16.81 -62.93
N LYS B 26 -18.70 15.48 -62.80
CA LYS B 26 -18.51 14.63 -63.97
C LYS B 26 -19.70 14.67 -64.92
N GLU B 27 -20.91 14.66 -64.37
CA GLU B 27 -22.10 14.70 -65.20
C GLU B 27 -22.38 16.11 -65.73
N LEU B 28 -21.96 17.15 -65.00
CA LEU B 28 -22.28 18.51 -65.40
C LEU B 28 -21.55 18.90 -66.69
N LYS B 29 -20.27 18.54 -66.79
CA LYS B 29 -19.52 18.84 -68.02
C LYS B 29 -19.87 17.87 -69.14
N LYS B 30 -20.52 16.75 -68.80
CA LYS B 30 -20.99 15.83 -69.84
C LYS B 30 -22.11 16.45 -70.66
N GLU B 31 -23.06 17.13 -70.00
CA GLU B 31 -24.17 17.74 -70.72
C GLU B 31 -23.75 19.02 -71.43
N LEU B 32 -22.65 19.65 -70.99
CA LEU B 32 -22.13 20.80 -71.72
C LEU B 32 -21.58 20.38 -73.08
N VAL B 33 -21.04 19.17 -73.17
CA VAL B 33 -20.64 18.62 -74.46
C VAL B 33 -21.87 18.35 -75.32
N LYS B 34 -22.93 17.83 -74.70
CA LYS B 34 -24.12 17.42 -75.45
C LYS B 34 -24.87 18.62 -76.02
N HIS B 35 -25.08 19.66 -75.22
CA HIS B 35 -25.83 20.84 -75.66
C HIS B 35 -24.95 21.91 -76.29
N ASP B 36 -23.63 21.69 -76.34
CA ASP B 36 -22.67 22.53 -77.08
C ASP B 36 -22.67 23.98 -76.59
N ILE B 37 -22.80 24.16 -75.28
CA ILE B 37 -22.64 25.47 -74.66
C ILE B 37 -21.48 25.42 -73.69
N LEU B 38 -20.55 24.48 -73.94
CA LEU B 38 -19.42 24.26 -73.04
C LEU B 38 -18.49 25.47 -72.98
N ASP B 39 -18.23 26.11 -74.12
CA ASP B 39 -17.33 27.24 -74.15
C ASP B 39 -17.96 28.54 -73.67
N GLU B 40 -19.27 28.54 -73.38
CA GLU B 40 -19.94 29.71 -72.83
C GLU B 40 -20.31 29.55 -71.36
N VAL B 41 -20.36 28.32 -70.86
CA VAL B 41 -20.74 28.03 -69.48
C VAL B 41 -19.49 27.55 -68.74
N GLU B 42 -19.17 28.21 -67.64
CA GLU B 42 -17.95 27.94 -66.89
C GLU B 42 -18.28 27.17 -65.62
N VAL B 43 -17.56 26.07 -65.39
CA VAL B 43 -17.72 25.24 -64.21
C VAL B 43 -16.44 25.34 -63.40
N VAL B 44 -16.55 25.80 -62.16
CA VAL B 44 -15.40 26.06 -61.30
C VAL B 44 -15.61 25.36 -59.96
N THR B 45 -14.60 24.62 -59.51
CA THR B 45 -14.62 23.95 -58.21
C THR B 45 -14.13 24.94 -57.15
N THR B 46 -15.05 25.49 -56.37
CA THR B 46 -14.72 26.40 -55.29
C THR B 46 -14.80 25.68 -53.96
N GLY B 47 -14.59 26.42 -52.88
CA GLY B 47 -14.62 25.86 -51.54
C GLY B 47 -16.01 25.81 -50.96
N CYS B 48 -16.06 25.63 -49.64
CA CYS B 48 -17.33 25.56 -48.93
C CYS B 48 -18.02 26.92 -48.91
N PHE B 49 -19.34 26.90 -49.01
CA PHE B 49 -20.13 28.13 -49.01
C PHE B 49 -20.74 28.44 -47.65
N GLY B 50 -20.33 27.74 -46.59
CA GLY B 50 -20.79 28.01 -45.25
C GLY B 50 -22.08 27.32 -44.88
N LEU B 51 -22.72 26.61 -45.80
CA LEU B 51 -23.97 25.90 -45.55
C LEU B 51 -23.89 24.54 -46.23
N CYS B 52 -23.40 23.53 -45.50
CA CYS B 52 -23.32 22.17 -46.02
C CYS B 52 -24.60 21.38 -45.78
N GLU B 53 -25.59 21.99 -45.11
CA GLU B 53 -26.90 21.36 -45.01
C GLU B 53 -27.56 21.25 -46.38
N LEU B 54 -27.42 22.29 -47.20
CA LEU B 54 -28.00 22.32 -48.53
C LEU B 54 -27.06 21.78 -49.60
N GLY B 55 -25.99 21.09 -49.20
CA GLY B 55 -25.03 20.55 -50.13
C GLY B 55 -25.60 19.44 -50.98
N PRO B 56 -25.20 19.37 -52.26
CA PRO B 56 -24.29 20.29 -52.97
C PRO B 56 -24.95 21.60 -53.37
N VAL B 57 -24.14 22.63 -53.61
CA VAL B 57 -24.63 23.97 -53.90
C VAL B 57 -24.26 24.31 -55.34
N VAL B 58 -25.27 24.68 -56.13
CA VAL B 58 -25.08 25.14 -57.50
C VAL B 58 -25.64 26.55 -57.61
N ILE B 59 -24.80 27.50 -57.97
CA ILE B 59 -25.20 28.89 -58.20
C ILE B 59 -24.76 29.28 -59.60
N VAL B 60 -25.69 29.79 -60.39
CA VAL B 60 -25.42 30.18 -61.77
C VAL B 60 -25.28 31.70 -61.81
N TYR B 61 -24.09 32.16 -62.18
CA TYR B 61 -23.84 33.58 -62.33
C TYR B 61 -24.01 34.00 -63.79
N PRO B 62 -24.44 35.24 -64.05
CA PRO B 62 -24.67 36.37 -63.13
C PRO B 62 -26.05 36.37 -62.49
N GLU B 63 -26.79 35.27 -62.66
CA GLU B 63 -28.14 35.19 -62.09
C GLU B 63 -28.12 35.15 -60.56
N GLY B 64 -27.18 34.42 -59.98
CA GLY B 64 -27.12 34.27 -58.54
C GLY B 64 -28.28 33.49 -57.95
N THR B 65 -28.74 32.45 -58.65
CA THR B 65 -29.86 31.63 -58.21
C THR B 65 -29.33 30.49 -57.35
N PHE B 66 -29.89 30.35 -56.15
CA PHE B 66 -29.46 29.35 -55.19
C PHE B 66 -30.25 28.05 -55.39
N TYR B 67 -29.54 26.96 -55.59
CA TYR B 67 -30.12 25.63 -55.71
C TYR B 67 -29.67 24.76 -54.55
N SER B 68 -30.62 24.03 -53.97
CA SER B 68 -30.36 23.20 -52.80
C SER B 68 -30.84 21.78 -53.06
N ARG B 69 -30.13 20.81 -52.46
CA ARG B 69 -30.44 19.38 -52.55
C ARG B 69 -30.50 18.89 -53.99
N VAL B 70 -29.58 19.40 -54.83
CA VAL B 70 -29.52 18.97 -56.22
C VAL B 70 -28.85 17.61 -56.28
N GLU B 71 -29.52 16.64 -56.91
CA GLU B 71 -29.05 15.27 -57.00
C GLU B 71 -28.86 14.89 -58.46
N ALA B 72 -28.37 13.67 -58.67
CA ALA B 72 -27.97 13.20 -60.00
C ALA B 72 -29.16 12.83 -60.89
N ALA B 73 -30.37 12.78 -60.35
CA ALA B 73 -31.53 12.38 -61.15
C ALA B 73 -32.01 13.48 -62.09
N ASP B 74 -31.54 14.71 -61.91
CA ASP B 74 -31.97 15.84 -62.72
C ASP B 74 -30.79 16.58 -63.35
N ILE B 75 -29.76 15.87 -63.79
CA ILE B 75 -28.62 16.52 -64.44
C ILE B 75 -28.98 17.17 -65.77
N PRO B 76 -29.65 16.50 -66.74
CA PRO B 76 -29.90 17.17 -68.01
C PRO B 76 -30.94 18.27 -67.94
N GLU B 77 -31.79 18.29 -66.91
CA GLU B 77 -32.85 19.28 -66.83
C GLU B 77 -32.29 20.67 -66.55
N MET B 78 -31.38 20.77 -65.57
CA MET B 78 -30.88 22.08 -65.15
C MET B 78 -30.04 22.75 -66.23
N VAL B 79 -29.45 21.98 -67.13
CA VAL B 79 -28.76 22.57 -68.27
C VAL B 79 -29.75 23.24 -69.21
N GLU B 80 -30.86 22.57 -69.51
CA GLU B 80 -31.81 23.11 -70.47
C GLU B 80 -32.68 24.20 -69.85
N GLU B 81 -33.11 24.02 -68.59
CA GLU B 81 -34.15 24.88 -68.05
C GLU B 81 -33.64 26.28 -67.68
N HIS B 82 -32.36 26.41 -67.32
CA HIS B 82 -31.82 27.69 -66.88
C HIS B 82 -30.74 28.22 -67.80
N LEU B 83 -29.79 27.37 -68.21
CA LEU B 83 -28.71 27.85 -69.07
C LEU B 83 -29.16 28.08 -70.51
N VAL B 84 -30.27 27.47 -70.92
CA VAL B 84 -30.79 27.64 -72.28
C VAL B 84 -32.09 28.43 -72.27
N LYS B 85 -33.07 28.02 -71.45
CA LYS B 85 -34.36 28.69 -71.38
C LYS B 85 -34.32 29.99 -70.59
N GLY B 86 -33.33 30.17 -69.71
CA GLY B 86 -33.20 31.41 -68.98
C GLY B 86 -34.20 31.61 -67.85
N ARG B 87 -34.78 30.54 -67.33
CA ARG B 87 -35.75 30.63 -66.25
C ARG B 87 -35.38 29.68 -65.11
N PRO B 88 -35.70 30.03 -63.87
CA PRO B 88 -35.37 29.17 -62.74
C PRO B 88 -36.47 28.17 -62.42
N LEU B 89 -36.08 27.14 -61.67
CA LEU B 89 -36.99 26.15 -61.13
C LEU B 89 -37.24 26.44 -59.65
N ASP B 90 -38.51 26.59 -59.28
CA ASP B 90 -38.83 27.04 -57.93
C ASP B 90 -38.69 25.94 -56.90
N ARG B 91 -38.71 24.67 -57.34
CA ARG B 91 -38.74 23.57 -56.38
C ARG B 91 -37.39 23.35 -55.71
N LEU B 92 -36.30 23.68 -56.38
CA LEU B 92 -34.97 23.44 -55.82
C LEU B 92 -34.36 24.68 -55.19
N ILE B 93 -35.03 25.83 -55.24
CA ILE B 93 -34.56 27.04 -54.59
C ILE B 93 -34.88 26.95 -53.10
N TYR B 94 -33.93 27.27 -52.23
CA TYR B 94 -34.18 27.21 -50.79
C TYR B 94 -35.17 28.30 -50.37
N ASN B 95 -36.19 27.94 -49.59
CA ASN B 95 -37.19 28.92 -49.16
C ASN B 95 -37.34 28.92 -47.64
N GLU B 96 -36.52 29.71 -46.96
CA GLU B 96 -36.55 29.79 -45.50
C GLU B 96 -37.96 30.06 -44.94
N LYS B 97 -38.62 31.09 -45.47
CA LYS B 97 -39.95 31.43 -44.98
C LYS B 97 -41.03 30.47 -45.48
N GLY B 98 -40.89 29.98 -46.71
CA GLY B 98 -41.89 29.13 -47.29
C GLY B 98 -43.04 29.83 -47.98
N ASP B 99 -42.96 31.15 -48.13
CA ASP B 99 -44.03 31.92 -48.75
C ASP B 99 -43.83 32.12 -50.26
N GLY B 100 -42.73 31.65 -50.81
CA GLY B 100 -42.47 31.77 -52.23
C GLY B 100 -41.56 32.91 -52.64
N HIS B 101 -40.91 33.59 -51.69
CA HIS B 101 -39.99 34.68 -52.00
C HIS B 101 -38.58 34.11 -52.13
N HIS B 102 -37.91 34.44 -53.23
CA HIS B 102 -36.57 33.93 -53.49
C HIS B 102 -35.54 35.01 -53.19
N PRO B 103 -34.52 34.73 -52.39
CA PRO B 103 -33.51 35.75 -52.08
C PRO B 103 -32.60 36.01 -53.28
N LEU B 104 -32.41 37.30 -53.60
CA LEU B 104 -31.51 37.66 -54.69
C LEU B 104 -30.05 37.50 -54.33
N SER B 105 -29.68 37.77 -53.09
CA SER B 105 -28.31 37.64 -52.62
C SER B 105 -28.28 36.65 -51.47
N ILE B 106 -27.09 36.09 -51.24
CA ILE B 106 -26.94 35.13 -50.14
C ILE B 106 -27.13 35.80 -48.79
N ASN B 107 -26.70 37.06 -48.64
CA ASN B 107 -26.79 37.74 -47.35
C ASN B 107 -28.21 38.22 -47.05
N GLU B 108 -29.13 38.09 -48.01
CA GLU B 108 -30.53 38.39 -47.75
C GLU B 108 -31.21 37.34 -46.89
N LEU B 109 -30.66 36.12 -46.83
CA LEU B 109 -31.26 35.04 -46.07
C LEU B 109 -30.99 35.20 -44.58
N GLY B 110 -31.71 34.40 -43.79
CA GLY B 110 -31.48 34.39 -42.36
C GLY B 110 -30.17 33.77 -41.94
N PHE B 111 -29.59 32.90 -42.77
CA PHE B 111 -28.33 32.26 -42.45
C PHE B 111 -27.13 33.17 -42.64
N PHE B 112 -27.17 34.09 -43.61
CA PHE B 112 -26.02 34.91 -43.96
C PHE B 112 -26.17 36.38 -43.57
N LYS B 113 -27.23 36.74 -42.83
CA LYS B 113 -27.52 38.16 -42.62
C LYS B 113 -26.55 38.80 -41.64
N LYS B 114 -26.10 38.01 -40.67
CA LYS B 114 -25.16 38.48 -39.66
C LYS B 114 -23.78 37.85 -39.84
N GLN B 115 -23.48 37.41 -41.06
CA GLN B 115 -22.21 36.76 -41.35
C GLN B 115 -21.21 37.68 -42.08
N ARG B 116 -20.26 38.25 -41.35
CA ARG B 116 -19.26 39.12 -41.96
C ARG B 116 -18.06 38.27 -42.42
N ARG B 117 -17.94 38.04 -43.72
CA ARG B 117 -16.84 37.23 -44.23
C ARG B 117 -15.63 38.13 -44.49
N ILE B 118 -14.67 38.10 -43.56
CA ILE B 118 -13.43 38.86 -43.67
C ILE B 118 -12.26 37.96 -44.04
N ALA B 119 -11.96 36.97 -43.19
CA ALA B 119 -11.02 35.92 -43.56
C ALA B 119 -11.59 35.03 -44.65
N LEU B 120 -12.91 34.87 -44.68
CA LEU B 120 -13.60 34.08 -45.69
C LEU B 120 -14.18 34.96 -46.79
N ALA B 121 -13.57 36.12 -47.03
CA ALA B 121 -14.08 37.04 -48.05
C ALA B 121 -13.88 36.46 -49.45
N ASN B 122 -12.70 35.92 -49.72
CA ASN B 122 -12.41 35.36 -51.04
C ASN B 122 -12.48 33.84 -51.06
N CYS B 123 -12.49 33.19 -49.89
CA CYS B 123 -12.67 31.73 -49.85
C CYS B 123 -14.09 31.37 -50.27
N GLY B 124 -14.20 30.32 -51.08
CA GLY B 124 -15.49 29.93 -51.64
C GLY B 124 -15.92 30.76 -52.83
N VAL B 125 -15.10 31.71 -53.26
CA VAL B 125 -15.41 32.56 -54.40
C VAL B 125 -14.50 32.28 -55.58
N ILE B 126 -13.23 31.96 -55.32
CA ILE B 126 -12.21 31.86 -56.36
C ILE B 126 -11.98 30.40 -56.71
N ASN B 127 -11.25 30.19 -57.79
CA ASN B 127 -10.73 28.86 -58.10
C ASN B 127 -9.39 28.68 -57.43
N PRO B 128 -9.26 27.76 -56.48
CA PRO B 128 -7.96 27.58 -55.80
C PRO B 128 -6.87 27.03 -56.69
N GLU B 129 -7.21 26.18 -57.66
CA GLU B 129 -6.23 25.62 -58.57
C GLU B 129 -5.88 26.56 -59.71
N ASN B 130 -6.56 27.71 -59.81
CA ASN B 130 -6.25 28.73 -60.79
C ASN B 130 -5.58 29.90 -60.06
N ILE B 131 -4.30 30.14 -60.39
CA ILE B 131 -3.58 31.24 -59.78
C ILE B 131 -4.06 32.57 -60.35
N ASP B 132 -4.67 32.56 -61.53
CA ASP B 132 -5.08 33.80 -62.17
C ASP B 132 -6.33 34.39 -61.52
N GLU B 133 -7.19 33.55 -60.95
CA GLU B 133 -8.41 34.05 -60.32
C GLU B 133 -8.10 34.82 -59.03
N TYR B 134 -7.09 34.39 -58.29
CA TYR B 134 -6.75 35.08 -57.04
C TYR B 134 -6.09 36.43 -57.32
N ILE B 135 -5.15 36.47 -58.26
CA ILE B 135 -4.48 37.72 -58.57
C ILE B 135 -5.41 38.68 -59.32
N GLY B 136 -6.42 38.16 -60.00
CA GLY B 136 -7.44 39.01 -60.59
C GLY B 136 -8.50 39.46 -59.64
N PHE B 137 -8.53 38.90 -58.43
CA PHE B 137 -9.47 39.30 -57.40
C PHE B 137 -8.72 39.92 -56.22
N ASP B 138 -7.79 40.83 -56.54
CA ASP B 138 -6.98 41.57 -55.56
C ASP B 138 -6.13 40.62 -54.72
N GLY B 139 -5.25 39.88 -55.39
CA GLY B 139 -4.38 38.93 -54.72
C GLY B 139 -2.90 39.18 -54.91
N TYR B 140 -2.11 38.84 -53.89
CA TYR B 140 -0.67 39.06 -53.80
C TYR B 140 -0.32 40.54 -53.93
N LEU B 141 -1.19 41.42 -53.46
CA LEU B 141 -0.89 42.85 -53.40
C LEU B 141 -0.18 43.25 -52.13
N ALA B 142 -0.30 42.44 -51.07
CA ALA B 142 0.32 42.77 -49.79
C ALA B 142 1.84 42.68 -49.86
N LEU B 143 2.37 41.69 -50.58
CA LEU B 143 3.81 41.48 -50.65
C LEU B 143 4.51 42.61 -51.39
N GLU B 144 3.87 43.18 -52.42
CA GLU B 144 4.49 44.23 -53.20
C GLU B 144 4.64 45.52 -52.40
N LYS B 145 3.88 45.67 -51.32
CA LYS B 145 3.99 46.87 -50.50
C LYS B 145 5.05 46.71 -49.41
N VAL B 146 5.13 45.52 -48.82
CA VAL B 146 6.00 45.35 -47.66
C VAL B 146 7.43 45.00 -48.08
N LEU B 147 7.59 44.31 -49.21
CA LEU B 147 8.92 43.95 -49.68
C LEU B 147 9.67 45.12 -50.27
N LEU B 148 9.02 46.26 -50.51
CA LEU B 148 9.66 47.42 -51.11
C LEU B 148 9.76 48.60 -50.16
N THR B 149 8.71 48.91 -49.41
CA THR B 149 8.66 50.13 -48.61
C THR B 149 8.61 49.90 -47.12
N MET B 150 8.01 48.81 -46.63
CA MET B 150 7.73 48.66 -45.22
C MET B 150 8.84 47.89 -44.54
N SER B 151 9.34 48.43 -43.41
CA SER B 151 10.37 47.81 -42.60
C SER B 151 9.78 46.68 -41.75
N PRO B 152 10.59 45.67 -41.41
CA PRO B 152 10.12 44.63 -40.49
C PRO B 152 9.80 45.14 -39.10
N VAL B 153 10.40 46.27 -38.69
CA VAL B 153 10.05 46.87 -37.42
C VAL B 153 8.63 47.44 -37.45
N ASP B 154 8.26 48.10 -38.54
CA ASP B 154 6.99 48.83 -38.59
C ASP B 154 5.78 47.88 -38.61
N VAL B 155 5.93 46.68 -39.16
CA VAL B 155 4.78 45.81 -39.35
C VAL B 155 4.23 45.29 -38.02
N ILE B 156 5.10 45.09 -37.02
CA ILE B 156 4.58 44.64 -35.73
C ILE B 156 3.95 45.80 -34.98
N ASN B 157 4.29 47.03 -35.34
CA ASN B 157 3.61 48.19 -34.76
C ASN B 157 2.17 48.25 -35.23
N GLU B 158 1.89 47.76 -36.44
CA GLU B 158 0.53 47.75 -36.95
C GLU B 158 -0.32 46.74 -36.21
N VAL B 159 0.28 45.63 -35.76
CA VAL B 159 -0.49 44.55 -35.16
C VAL B 159 -1.00 44.94 -33.78
N LYS B 160 -0.14 45.55 -32.95
CA LYS B 160 -0.57 45.92 -31.61
C LYS B 160 -1.53 47.10 -31.65
N ALA B 161 -1.42 47.94 -32.68
CA ALA B 161 -2.45 48.94 -32.92
C ALA B 161 -3.77 48.30 -33.33
N SER B 162 -3.71 47.16 -34.02
CA SER B 162 -4.92 46.42 -34.38
C SER B 162 -5.51 45.65 -33.21
N GLY B 163 -4.72 45.34 -32.19
CA GLY B 163 -5.23 44.67 -31.00
C GLY B 163 -5.70 43.26 -31.20
N LEU B 164 -5.10 42.52 -32.15
CA LEU B 164 -5.51 41.14 -32.38
C LEU B 164 -5.02 40.25 -31.25
N ARG B 165 -5.93 39.43 -30.73
CA ARG B 165 -5.59 38.44 -29.72
C ARG B 165 -5.98 37.06 -30.24
N GLY B 166 -5.12 36.07 -29.96
CA GLY B 166 -5.20 34.75 -30.54
C GLY B 166 -6.48 33.98 -30.28
N ARG B 167 -7.01 33.34 -31.33
CA ARG B 167 -8.22 32.53 -31.23
C ARG B 167 -7.90 31.05 -31.10
N GLY B 168 -6.68 30.72 -30.69
CA GLY B 168 -6.36 29.33 -30.37
C GLY B 168 -6.93 28.84 -29.06
N GLY B 169 -7.49 29.74 -28.25
CA GLY B 169 -8.08 29.40 -26.96
C GLY B 169 -7.40 30.08 -25.79
N GLY B 170 -6.16 30.54 -25.97
CA GLY B 170 -5.42 31.15 -24.89
C GLY B 170 -5.76 32.60 -24.61
N GLY B 171 -6.21 33.35 -25.60
CA GLY B 171 -6.52 34.75 -25.42
C GLY B 171 -5.30 35.60 -25.11
N PHE B 172 -4.30 35.53 -25.97
CA PHE B 172 -3.08 36.32 -25.79
C PHE B 172 -2.89 37.24 -26.98
N PRO B 173 -2.41 38.47 -26.76
CA PRO B 173 -2.18 39.38 -27.90
C PRO B 173 -1.13 38.84 -28.85
N THR B 174 -1.45 38.89 -30.14
CA THR B 174 -0.61 38.27 -31.15
C THR B 174 0.66 39.07 -31.39
N GLY B 175 0.55 40.40 -31.38
CA GLY B 175 1.71 41.24 -31.65
C GLY B 175 2.80 41.14 -30.61
N LEU B 176 2.43 40.75 -29.38
CA LEU B 176 3.44 40.49 -28.36
C LEU B 176 4.27 39.25 -28.71
N LYS B 177 3.63 38.25 -29.33
CA LYS B 177 4.35 37.04 -29.72
C LYS B 177 5.44 37.34 -30.74
N TRP B 178 5.06 38.28 -31.61
CA TRP B 178 5.85 38.80 -32.71
C TRP B 178 7.07 39.56 -32.16
N GLN B 179 6.90 40.27 -31.04
CA GLN B 179 8.00 41.02 -30.43
C GLN B 179 8.82 40.10 -29.50
N PHE B 180 8.20 39.03 -29.02
CA PHE B 180 8.89 38.01 -28.21
C PHE B 180 9.79 37.08 -29.07
N ALA B 181 9.55 37.08 -30.38
CA ALA B 181 10.39 36.35 -31.34
C ALA B 181 11.49 37.23 -31.91
N HIS B 182 11.24 38.54 -32.01
CA HIS B 182 12.18 39.44 -32.66
C HIS B 182 13.39 39.72 -31.77
N ASP B 183 13.17 39.84 -30.46
CA ASP B 183 14.25 40.25 -29.58
C ASP B 183 15.26 39.14 -29.33
N ALA B 184 14.85 37.88 -29.43
CA ALA B 184 15.76 36.78 -29.18
C ALA B 184 16.80 36.69 -30.29
N VAL B 185 18.06 36.56 -29.89
CA VAL B 185 19.18 36.46 -30.81
C VAL B 185 19.80 35.08 -30.65
N SER B 186 19.88 34.34 -31.75
CA SER B 186 20.45 33.00 -31.76
C SER B 186 21.94 33.08 -32.07
N GLU B 187 22.62 31.95 -31.85
CA GLU B 187 24.07 31.91 -32.02
C GLU B 187 24.47 32.09 -33.48
N ASP B 188 23.74 31.46 -34.40
CA ASP B 188 24.09 31.46 -35.81
C ASP B 188 23.18 32.36 -36.64
N GLY B 189 22.28 33.11 -36.00
CA GLY B 189 21.34 33.94 -36.72
C GLY B 189 20.34 33.17 -37.57
N ILE B 190 19.84 32.05 -37.08
CA ILE B 190 18.96 31.17 -37.86
C ILE B 190 17.58 31.21 -37.23
N LYS B 191 16.55 31.34 -38.07
CA LYS B 191 15.19 31.54 -37.61
C LYS B 191 14.25 30.57 -38.32
N TYR B 192 13.25 30.10 -37.59
CA TYR B 192 12.24 29.18 -38.13
C TYR B 192 10.86 29.64 -37.70
N VAL B 193 9.85 29.20 -38.46
CA VAL B 193 8.45 29.50 -38.15
C VAL B 193 7.65 28.21 -38.30
N ALA B 194 6.42 28.24 -37.78
CA ALA B 194 5.55 27.08 -37.78
C ALA B 194 4.12 27.49 -38.06
N CYS B 195 3.31 26.51 -38.46
CA CYS B 195 1.91 26.71 -38.81
C CYS B 195 1.07 25.59 -38.22
N ASN B 196 0.01 25.95 -37.50
CA ASN B 196 -0.87 24.99 -36.84
C ASN B 196 -2.15 24.86 -37.67
N ALA B 197 -2.31 23.71 -38.34
CA ALA B 197 -3.53 23.37 -39.03
C ALA B 197 -4.13 22.05 -38.55
N ASP B 198 -3.81 21.63 -37.33
CA ASP B 198 -4.16 20.30 -36.83
C ASP B 198 -5.38 20.39 -35.92
N GLU B 199 -6.56 20.16 -36.50
CA GLU B 199 -7.79 20.10 -35.72
C GLU B 199 -8.18 18.64 -35.49
N GLY B 200 -8.47 18.30 -34.25
CA GLY B 200 -8.89 16.95 -33.94
C GLY B 200 -10.03 16.89 -32.95
N ASP B 201 -10.40 18.03 -32.40
CA ASP B 201 -11.54 18.08 -31.49
C ASP B 201 -12.83 17.86 -32.26
N PRO B 202 -13.78 17.09 -31.72
CA PRO B 202 -15.01 16.80 -32.45
C PRO B 202 -15.86 18.05 -32.62
N GLY B 203 -16.54 18.13 -33.76
CA GLY B 203 -17.40 19.25 -34.07
C GLY B 203 -16.69 20.46 -34.67
N ALA B 204 -15.36 20.47 -34.67
CA ALA B 204 -14.58 21.57 -35.25
C ALA B 204 -14.10 21.11 -36.62
N PHE B 205 -14.55 21.80 -37.66
CA PHE B 205 -14.19 21.44 -39.02
C PHE B 205 -13.84 22.66 -39.88
N MET B 206 -13.59 23.81 -39.27
CA MET B 206 -13.35 25.05 -39.99
C MET B 206 -11.89 25.25 -40.38
N ASP B 207 -10.98 24.40 -39.93
CA ASP B 207 -9.56 24.70 -40.08
C ASP B 207 -9.10 24.56 -41.52
N ARG B 208 -9.50 23.49 -42.20
CA ARG B 208 -9.09 23.34 -43.59
C ARG B 208 -10.08 23.98 -44.56
N SER B 209 -11.13 24.64 -44.06
CA SER B 209 -12.03 25.35 -44.96
C SER B 209 -11.29 26.46 -45.71
N VAL B 210 -10.37 27.13 -45.04
CA VAL B 210 -9.50 28.06 -45.75
C VAL B 210 -8.51 27.31 -46.62
N LEU B 211 -8.14 26.09 -46.24
CA LEU B 211 -7.29 25.27 -47.11
C LEU B 211 -8.08 24.72 -48.28
N GLU B 212 -9.32 24.28 -48.05
CA GLU B 212 -10.19 23.86 -49.13
C GLU B 212 -10.81 25.03 -49.87
N GLY B 213 -10.60 26.26 -49.40
CA GLY B 213 -11.04 27.43 -50.13
C GLY B 213 -9.93 28.17 -50.83
N ASP B 214 -8.79 28.38 -50.15
CA ASP B 214 -7.70 29.15 -50.74
C ASP B 214 -6.35 28.82 -50.13
N PRO B 215 -5.53 28.00 -50.80
CA PRO B 215 -4.14 27.83 -50.35
C PRO B 215 -3.26 29.04 -50.60
N HIS B 216 -3.62 29.92 -51.54
CA HIS B 216 -2.76 31.03 -51.94
C HIS B 216 -2.59 32.05 -50.80
N ALA B 217 -3.68 32.33 -50.08
CA ALA B 217 -3.61 33.30 -49.00
C ALA B 217 -2.85 32.79 -47.80
N VAL B 218 -2.78 31.46 -47.63
CA VAL B 218 -2.06 30.90 -46.48
C VAL B 218 -0.55 31.11 -46.64
N ILE B 219 -0.03 30.81 -47.82
CA ILE B 219 1.41 30.93 -48.05
C ILE B 219 1.82 32.39 -48.21
N GLU B 220 0.89 33.24 -48.64
CA GLU B 220 1.18 34.66 -48.77
C GLU B 220 1.44 35.29 -47.39
N ALA B 221 0.70 34.84 -46.37
CA ALA B 221 0.93 35.32 -45.02
C ALA B 221 2.25 34.79 -44.46
N MET B 222 2.68 33.61 -44.91
CA MET B 222 3.97 33.07 -44.50
C MET B 222 5.14 33.92 -44.95
N ALA B 223 5.10 34.44 -46.18
CA ALA B 223 6.16 35.35 -46.63
C ALA B 223 6.12 36.66 -45.86
N ILE B 224 4.92 37.12 -45.51
CA ILE B 224 4.78 38.26 -44.62
C ILE B 224 5.36 37.93 -43.25
N ALA B 225 5.10 36.71 -42.78
CA ALA B 225 5.54 36.31 -41.45
C ALA B 225 7.06 36.25 -41.34
N GLY B 226 7.72 35.68 -42.36
CA GLY B 226 9.17 35.59 -42.31
C GLY B 226 9.84 36.93 -42.48
N TYR B 227 9.16 37.88 -43.13
CA TYR B 227 9.75 39.19 -43.36
C TYR B 227 9.87 39.98 -42.06
N ALA B 228 8.91 39.81 -41.15
CA ALA B 228 8.92 40.55 -39.89
C ALA B 228 10.05 40.07 -38.97
N VAL B 229 10.18 38.75 -38.80
CA VAL B 229 11.13 38.21 -37.83
C VAL B 229 12.42 37.71 -38.45
N GLY B 230 12.60 37.86 -39.75
CA GLY B 230 13.81 37.39 -40.39
C GLY B 230 13.95 35.89 -40.45
N ALA B 231 12.89 35.18 -40.86
CA ALA B 231 12.92 33.73 -40.96
C ALA B 231 13.26 33.32 -42.39
N SER B 232 14.16 32.38 -42.52
CA SER B 232 14.58 31.86 -43.83
C SER B 232 13.94 30.51 -44.14
N LYS B 233 13.41 29.82 -43.15
CA LYS B 233 12.86 28.48 -43.33
C LYS B 233 11.52 28.39 -42.62
N GLY B 234 10.56 27.70 -43.24
CA GLY B 234 9.26 27.53 -42.65
C GLY B 234 8.74 26.10 -42.81
N TYR B 235 7.94 25.69 -41.83
CA TYR B 235 7.24 24.41 -41.85
C TYR B 235 5.75 24.66 -41.73
N VAL B 236 4.95 23.77 -42.33
CA VAL B 236 3.51 23.73 -42.15
C VAL B 236 3.11 22.29 -41.85
N TYR B 237 2.07 22.13 -41.04
CA TYR B 237 1.69 20.82 -40.50
C TYR B 237 0.25 20.52 -40.91
N VAL B 238 0.01 19.32 -41.41
CA VAL B 238 -1.32 18.88 -41.84
C VAL B 238 -1.59 17.48 -41.31
N ARG B 239 -2.82 17.02 -41.54
CA ARG B 239 -3.23 15.66 -41.21
C ARG B 239 -3.28 14.81 -42.47
N ALA B 240 -3.04 13.51 -42.30
CA ALA B 240 -2.96 12.60 -43.45
C ALA B 240 -4.33 12.14 -43.94
N GLU B 241 -5.36 12.21 -43.09
CA GLU B 241 -6.65 11.60 -43.44
C GLU B 241 -7.56 12.55 -44.21
N TYR B 242 -7.02 13.64 -44.78
CA TYR B 242 -7.76 14.56 -45.64
C TYR B 242 -7.15 14.45 -47.03
N PRO B 243 -7.52 13.41 -47.78
CA PRO B 243 -6.76 13.11 -49.01
C PRO B 243 -6.96 14.10 -50.14
N ILE B 244 -8.14 14.74 -50.19
CA ILE B 244 -8.38 15.75 -51.21
C ILE B 244 -7.58 17.02 -50.90
N ALA B 245 -7.54 17.42 -49.63
CA ALA B 245 -6.92 18.69 -49.27
C ALA B 245 -5.40 18.65 -49.42
N VAL B 246 -4.78 17.51 -49.13
CA VAL B 246 -3.32 17.43 -49.13
C VAL B 246 -2.77 17.52 -50.55
N ASN B 247 -3.52 17.03 -51.54
CA ASN B 247 -3.04 17.06 -52.91
C ASN B 247 -3.03 18.47 -53.47
N ARG B 248 -4.13 19.21 -53.29
CA ARG B 248 -4.27 20.51 -53.93
C ARG B 248 -3.34 21.55 -53.33
N LEU B 249 -3.02 21.43 -52.05
CA LEU B 249 -2.15 22.42 -51.40
C LEU B 249 -0.73 22.33 -51.94
N GLN B 250 -0.27 21.13 -52.27
CA GLN B 250 1.07 20.99 -52.86
C GLN B 250 1.09 21.51 -54.28
N ILE B 251 -0.04 21.48 -54.98
CA ILE B 251 -0.11 22.03 -56.33
C ILE B 251 0.09 23.54 -56.29
N ALA B 252 -0.51 24.21 -55.31
CA ALA B 252 -0.36 25.65 -55.18
C ALA B 252 1.06 26.04 -54.82
N ILE B 253 1.82 25.12 -54.22
CA ILE B 253 3.24 25.37 -53.97
C ILE B 253 3.99 25.47 -55.29
N ASP B 254 3.59 24.66 -56.27
CA ASP B 254 4.28 24.62 -57.56
C ASP B 254 4.14 25.94 -58.31
N GLN B 255 2.96 26.55 -58.25
CA GLN B 255 2.75 27.84 -58.91
C GLN B 255 3.56 28.93 -58.24
N ALA B 256 3.78 28.82 -56.93
CA ALA B 256 4.66 29.73 -56.23
C ALA B 256 6.09 29.59 -56.72
N LYS B 257 6.54 28.35 -56.95
CA LYS B 257 7.83 28.13 -57.59
C LYS B 257 7.81 28.51 -59.07
N GLU B 258 6.65 28.42 -59.73
CA GLU B 258 6.59 28.70 -61.16
C GLU B 258 6.77 30.18 -61.45
N TYR B 259 6.19 31.05 -60.61
CA TYR B 259 6.41 32.48 -60.76
C TYR B 259 7.64 32.95 -60.00
N GLY B 260 8.11 32.18 -59.03
CA GLY B 260 9.17 32.60 -58.15
C GLY B 260 8.70 33.22 -56.84
N ILE B 261 7.43 33.02 -56.47
CA ILE B 261 6.87 33.65 -55.27
C ILE B 261 7.51 33.09 -54.01
N LEU B 262 7.58 31.78 -53.90
CA LEU B 262 8.13 31.12 -52.72
C LEU B 262 9.52 30.60 -53.02
N GLY B 263 10.49 31.01 -52.21
CA GLY B 263 11.85 30.57 -52.43
C GLY B 263 12.88 31.62 -52.09
N GLU B 264 13.74 31.94 -53.05
CA GLU B 264 14.85 32.85 -52.85
C GLU B 264 14.73 34.03 -53.80
N ASN B 265 15.23 35.18 -53.35
CA ASN B 265 15.18 36.46 -54.07
C ASN B 265 13.75 36.81 -54.47
N ILE B 266 12.90 36.87 -53.45
CA ILE B 266 11.46 36.97 -53.68
C ILE B 266 11.13 38.38 -54.15
N PHE B 267 10.61 38.47 -55.39
CA PHE B 267 10.15 39.72 -56.01
C PHE B 267 11.27 40.75 -56.08
N GLU B 268 12.44 40.29 -56.54
CA GLU B 268 13.64 41.11 -56.73
C GLU B 268 14.06 41.81 -55.44
N THR B 269 13.92 41.10 -54.32
CA THR B 269 14.37 41.57 -53.02
C THR B 269 15.45 40.63 -52.49
N ASP B 270 15.99 40.94 -51.33
CA ASP B 270 16.96 40.09 -50.66
C ASP B 270 16.30 39.07 -49.74
N PHE B 271 14.97 39.02 -49.72
CA PHE B 271 14.24 38.11 -48.85
C PHE B 271 14.15 36.73 -49.48
N SER B 272 14.58 35.72 -48.73
CA SER B 272 14.53 34.33 -49.14
C SER B 272 13.81 33.51 -48.09
N PHE B 273 12.82 32.73 -48.52
CA PHE B 273 11.97 32.00 -47.59
C PHE B 273 11.22 30.91 -48.35
N ASP B 274 11.22 29.69 -47.80
CA ASP B 274 10.71 28.52 -48.49
C ASP B 274 9.89 27.66 -47.55
N LEU B 275 9.04 26.82 -48.13
CA LEU B 275 8.18 25.91 -47.38
C LEU B 275 8.24 24.52 -47.97
N GLU B 276 7.98 23.53 -47.12
CA GLU B 276 7.60 22.19 -47.59
C GLU B 276 6.72 21.54 -46.53
N ILE B 277 5.99 20.52 -46.95
CA ILE B 277 4.91 19.97 -46.15
C ILE B 277 5.46 18.98 -45.13
N ARG B 278 4.83 18.95 -43.96
CA ARG B 278 5.02 17.90 -42.96
C ARG B 278 3.76 17.05 -42.90
N LEU B 279 3.95 15.75 -42.71
CA LEU B 279 2.85 14.79 -42.81
C LEU B 279 2.53 14.23 -41.43
N GLY B 280 1.64 14.90 -40.72
CA GLY B 280 1.02 14.31 -39.55
C GLY B 280 -0.17 13.46 -39.93
N ALA B 281 -0.62 12.64 -38.99
CA ALA B 281 -1.65 11.66 -39.28
C ALA B 281 -2.78 11.71 -38.25
N GLY B 282 -3.08 12.89 -37.75
CA GLY B 282 -4.26 13.06 -36.93
C GLY B 282 -4.09 12.82 -35.45
N ALA B 283 -3.03 13.32 -34.84
CA ALA B 283 -2.87 13.29 -33.39
C ALA B 283 -3.33 14.63 -32.83
N PHE B 284 -4.45 14.62 -32.09
CA PHE B 284 -4.97 15.86 -31.51
C PHE B 284 -4.05 16.44 -30.46
N VAL B 285 -3.24 15.61 -29.79
CA VAL B 285 -2.28 16.12 -28.82
C VAL B 285 -1.14 16.86 -29.48
N CYS B 286 -0.91 16.63 -30.78
CA CYS B 286 0.14 17.33 -31.49
C CYS B 286 -0.17 18.81 -31.68
N GLY B 287 -1.42 19.23 -31.50
CA GLY B 287 -1.77 20.63 -31.60
C GLY B 287 -1.21 21.50 -30.50
N GLU B 288 -0.64 20.90 -29.46
CA GLU B 288 0.06 21.65 -28.43
C GLU B 288 1.35 22.21 -29.03
N GLU B 289 1.78 23.36 -28.50
CA GLU B 289 2.81 24.17 -29.15
C GLU B 289 4.16 23.45 -29.23
N THR B 290 4.56 22.74 -28.18
CA THR B 290 5.82 22.03 -28.24
C THR B 290 5.67 20.52 -28.40
N ALA B 291 4.45 20.00 -28.41
CA ALA B 291 4.23 18.63 -28.78
C ALA B 291 4.39 18.41 -30.28
N LEU B 292 4.22 19.45 -31.09
CA LEU B 292 4.48 19.38 -32.51
C LEU B 292 5.96 19.57 -32.84
N MET B 293 6.71 20.16 -31.92
CA MET B 293 8.15 20.34 -32.10
C MET B 293 8.86 19.00 -32.04
N ASN B 294 8.54 18.18 -31.04
CA ASN B 294 9.19 16.87 -30.92
C ASN B 294 8.52 15.76 -31.73
N SER B 295 7.38 16.07 -32.36
CA SER B 295 6.69 15.12 -33.21
C SER B 295 7.42 15.09 -34.56
N ILE B 296 7.74 16.29 -35.05
CA ILE B 296 8.49 16.45 -36.29
C ILE B 296 9.90 15.90 -36.15
N GLU B 297 10.53 16.11 -35.00
CA GLU B 297 11.86 15.59 -34.78
C GLU B 297 11.88 14.08 -34.60
N GLY B 298 10.72 13.44 -34.48
CA GLY B 298 10.62 12.00 -34.54
C GLY B 298 10.64 11.27 -33.22
N LYS B 299 10.43 11.96 -32.10
CA LYS B 299 10.44 11.32 -30.80
C LYS B 299 9.01 11.05 -30.34
N ARG B 300 8.85 10.60 -29.10
CA ARG B 300 7.53 10.49 -28.50
C ARG B 300 6.89 11.87 -28.38
N GLY B 301 5.58 11.91 -28.53
CA GLY B 301 4.85 13.17 -28.49
C GLY B 301 4.63 13.73 -27.10
N GLU B 302 5.69 13.84 -26.32
CA GLU B 302 5.60 14.39 -24.97
C GLU B 302 5.47 15.90 -25.01
N PRO B 303 4.52 16.49 -24.31
CA PRO B 303 4.47 17.96 -24.22
C PRO B 303 5.48 18.47 -23.19
N ARG B 304 6.55 19.08 -23.71
CA ARG B 304 7.67 19.68 -23.00
C ARG B 304 7.17 20.79 -22.07
N PRO B 305 7.58 20.75 -20.80
CA PRO B 305 7.13 21.77 -19.83
C PRO B 305 7.61 23.16 -20.18
N ARG B 306 6.81 24.14 -19.82
CA ARG B 306 7.08 25.55 -20.01
C ARG B 306 7.24 26.23 -18.67
N PRO B 307 8.25 27.10 -18.48
CA PRO B 307 9.33 27.51 -19.37
C PRO B 307 10.44 26.45 -19.43
N PRO B 308 11.38 26.54 -20.41
CA PRO B 308 11.66 27.52 -21.46
C PRO B 308 10.57 27.63 -22.52
N PHE B 309 10.38 28.84 -23.02
CA PHE B 309 9.25 29.12 -23.88
C PHE B 309 9.49 28.52 -25.26
N PRO B 310 8.44 28.32 -26.06
CA PRO B 310 8.67 28.03 -27.49
C PRO B 310 9.28 29.20 -28.24
N ALA B 311 9.19 30.42 -27.69
CA ALA B 311 9.67 31.60 -28.39
C ALA B 311 11.19 31.68 -28.46
N ASN B 312 11.90 31.28 -27.40
CA ASN B 312 13.35 31.44 -27.38
C ASN B 312 14.12 30.18 -27.71
N LYS B 313 13.54 29.00 -27.46
CA LYS B 313 14.19 27.76 -27.88
C LYS B 313 13.18 26.98 -28.73
N GLY B 314 13.63 26.54 -29.90
CA GLY B 314 12.79 25.78 -30.80
C GLY B 314 13.59 24.79 -31.64
N LEU B 315 13.36 24.83 -32.95
CA LEU B 315 14.02 23.91 -33.86
C LEU B 315 15.52 24.13 -33.88
N PHE B 316 16.26 23.12 -33.40
CA PHE B 316 17.73 23.10 -33.36
C PHE B 316 18.27 24.28 -32.56
N GLY B 317 17.61 24.62 -31.46
CA GLY B 317 17.99 25.75 -30.65
C GLY B 317 17.80 27.09 -31.33
N LYS B 318 16.76 27.24 -32.14
CA LYS B 318 16.53 28.50 -32.82
C LYS B 318 15.10 28.97 -32.56
N PRO B 319 14.87 30.28 -32.52
CA PRO B 319 13.53 30.78 -32.17
C PRO B 319 12.47 30.42 -33.20
N THR B 320 11.23 30.28 -32.73
CA THR B 320 10.09 29.89 -33.55
C THR B 320 8.84 30.63 -33.08
N VAL B 321 7.76 30.48 -33.85
CA VAL B 321 6.46 31.07 -33.52
C VAL B 321 5.38 30.03 -33.80
N LEU B 322 4.33 30.04 -32.97
CA LEU B 322 3.23 29.08 -33.07
C LEU B 322 1.91 29.82 -33.14
N ASN B 323 1.12 29.54 -34.18
CA ASN B 323 -0.21 30.12 -34.32
C ASN B 323 -0.99 29.31 -35.35
N ASN B 324 -2.31 29.46 -35.32
CA ASN B 324 -3.20 28.75 -36.23
C ASN B 324 -3.53 29.59 -37.46
N VAL B 325 -3.99 28.89 -38.50
CA VAL B 325 -4.04 29.45 -39.86
C VAL B 325 -5.03 30.60 -39.97
N GLU B 326 -6.20 30.47 -39.34
CA GLU B 326 -7.26 31.46 -39.54
C GLU B 326 -6.90 32.81 -38.94
N THR B 327 -5.96 32.83 -37.98
CA THR B 327 -5.43 34.10 -37.52
C THR B 327 -4.39 34.66 -38.47
N TYR B 328 -3.83 33.84 -39.36
CA TYR B 328 -2.95 34.38 -40.39
C TYR B 328 -3.74 35.00 -41.54
N ALA B 329 -5.03 34.69 -41.62
CA ALA B 329 -5.79 35.00 -42.84
C ALA B 329 -6.12 36.49 -42.94
N ASN B 330 -6.38 37.14 -41.80
CA ASN B 330 -6.75 38.55 -41.80
C ASN B 330 -5.55 39.48 -41.92
N ILE B 331 -4.33 38.92 -41.93
CA ILE B 331 -3.13 39.76 -41.98
C ILE B 331 -3.04 40.60 -43.26
N PRO B 332 -3.28 40.07 -44.46
CA PRO B 332 -3.35 40.99 -45.62
C PRO B 332 -4.51 41.96 -45.55
N LYS B 333 -5.60 41.61 -44.85
CA LYS B 333 -6.68 42.56 -44.66
C LYS B 333 -6.25 43.72 -43.78
N ILE B 334 -5.26 43.50 -42.90
CA ILE B 334 -4.73 44.58 -42.08
C ILE B 334 -4.00 45.60 -42.95
N ILE B 335 -3.11 45.13 -43.83
CA ILE B 335 -2.25 46.05 -44.57
C ILE B 335 -3.02 46.73 -45.70
N LEU B 336 -3.98 46.03 -46.31
CA LEU B 336 -4.71 46.62 -47.43
C LEU B 336 -5.71 47.67 -46.97
N ASN B 337 -6.44 47.41 -45.90
CA ASN B 337 -7.54 48.28 -45.51
C ASN B 337 -7.31 48.98 -44.17
N GLY B 338 -6.14 48.85 -43.59
CA GLY B 338 -5.85 49.59 -42.37
C GLY B 338 -6.16 48.81 -41.12
N ALA B 339 -5.36 49.07 -40.07
CA ALA B 339 -5.60 48.44 -38.77
C ALA B 339 -6.86 48.95 -38.11
N GLU B 340 -7.25 50.21 -38.38
CA GLU B 340 -8.47 50.75 -37.79
C GLU B 340 -9.72 50.13 -38.42
N TRP B 341 -9.58 49.53 -39.60
CA TRP B 341 -10.66 48.70 -40.13
C TRP B 341 -10.90 47.49 -39.25
N PHE B 342 -9.81 46.86 -38.77
CA PHE B 342 -9.94 45.77 -37.82
C PHE B 342 -10.51 46.26 -36.50
N ALA B 343 -10.06 47.44 -36.04
CA ALA B 343 -10.53 47.99 -34.79
C ALA B 343 -11.91 48.61 -34.88
N SER B 344 -12.47 48.71 -36.09
CA SER B 344 -13.81 49.29 -36.25
C SER B 344 -14.90 48.37 -35.74
N VAL B 345 -14.63 47.07 -35.60
CA VAL B 345 -15.63 46.08 -35.24
C VAL B 345 -15.24 45.45 -33.91
N GLY B 346 -16.20 45.37 -33.00
CA GLY B 346 -16.01 44.69 -31.73
C GLY B 346 -16.12 45.66 -30.55
N THR B 347 -15.94 45.09 -29.36
CA THR B 347 -15.97 45.86 -28.13
C THR B 347 -14.60 46.50 -27.90
N GLU B 348 -14.42 47.17 -26.76
CA GLU B 348 -13.20 47.92 -26.52
C GLU B 348 -12.04 47.00 -26.13
N LYS B 349 -12.35 45.89 -25.46
CA LYS B 349 -11.28 44.98 -25.00
C LYS B 349 -10.57 44.32 -26.17
N SER B 350 -11.32 43.73 -27.09
CA SER B 350 -10.76 43.05 -28.24
C SER B 350 -11.58 43.41 -29.47
N LYS B 351 -10.93 43.45 -30.63
CA LYS B 351 -11.53 43.98 -31.83
C LYS B 351 -11.78 42.86 -32.83
N GLY B 352 -12.66 43.15 -33.79
CA GLY B 352 -12.85 42.28 -34.94
C GLY B 352 -13.99 41.28 -34.85
N THR B 353 -14.00 40.34 -35.78
CA THR B 353 -15.04 39.31 -35.88
C THR B 353 -14.46 37.97 -35.48
N LYS B 354 -15.35 37.01 -35.28
CA LYS B 354 -14.96 35.67 -34.85
C LYS B 354 -15.70 34.63 -35.68
N VAL B 355 -15.03 33.50 -35.91
CA VAL B 355 -15.54 32.45 -36.80
C VAL B 355 -15.82 31.21 -35.97
N PHE B 356 -17.00 30.63 -36.17
CA PHE B 356 -17.43 29.45 -35.42
C PHE B 356 -17.94 28.38 -36.37
N ALA B 357 -18.20 27.20 -35.80
CA ALA B 357 -18.78 26.06 -36.52
C ALA B 357 -19.85 25.43 -35.62
N LEU B 358 -21.09 25.43 -36.09
CA LEU B 358 -22.21 24.98 -35.28
C LEU B 358 -22.49 23.50 -35.44
N GLY B 359 -23.22 22.93 -34.48
CA GLY B 359 -23.62 21.54 -34.52
C GLY B 359 -24.75 21.29 -33.55
N GLY B 360 -25.26 20.06 -33.57
CA GLY B 360 -26.37 19.67 -32.72
C GLY B 360 -27.70 19.62 -33.46
N LYS B 361 -28.81 19.56 -32.73
CA LYS B 361 -30.14 19.57 -33.35
C LYS B 361 -30.41 20.99 -33.84
N ILE B 362 -30.08 21.22 -35.10
CA ILE B 362 -30.27 22.52 -35.72
C ILE B 362 -30.86 22.31 -37.11
N ASN B 363 -31.71 23.25 -37.52
CA ASN B 363 -32.37 23.14 -38.82
C ASN B 363 -31.36 23.29 -39.96
N ASN B 364 -30.47 24.26 -39.86
CA ASN B 364 -29.44 24.49 -40.88
C ASN B 364 -28.07 24.23 -40.26
N THR B 365 -27.26 23.43 -40.94
CA THR B 365 -25.95 23.05 -40.46
C THR B 365 -24.88 23.64 -41.38
N GLY B 366 -23.93 24.36 -40.80
CA GLY B 366 -22.86 24.94 -41.58
C GLY B 366 -21.89 25.73 -40.71
N LEU B 367 -21.36 26.80 -41.30
CA LEU B 367 -20.37 27.66 -40.67
C LEU B 367 -21.03 28.96 -40.25
N LEU B 368 -20.43 29.66 -39.29
CA LEU B 368 -20.99 30.90 -38.79
C LEU B 368 -19.89 31.83 -38.29
N GLU B 369 -19.94 33.08 -38.78
CA GLU B 369 -18.87 34.07 -38.62
C GLU B 369 -19.54 35.37 -38.17
N ILE B 370 -19.45 35.66 -36.87
CA ILE B 370 -20.24 36.74 -36.29
C ILE B 370 -19.32 37.84 -35.77
N PRO B 371 -19.64 39.11 -36.01
CA PRO B 371 -18.91 40.19 -35.33
C PRO B 371 -19.07 40.12 -33.83
N MET B 372 -18.01 40.54 -33.14
CA MET B 372 -17.91 40.36 -31.69
C MET B 372 -18.90 41.26 -30.97
N GLY B 373 -19.56 40.73 -29.94
CA GLY B 373 -20.54 41.47 -29.18
C GLY B 373 -21.98 41.02 -29.34
N THR B 374 -22.21 39.80 -29.81
CA THR B 374 -23.57 39.36 -30.11
C THR B 374 -24.09 38.42 -29.04
N THR B 375 -25.38 38.54 -28.73
CA THR B 375 -26.02 37.73 -27.71
C THR B 375 -26.25 36.30 -28.20
N LEU B 376 -26.32 35.37 -27.24
CA LEU B 376 -26.54 33.96 -27.55
C LEU B 376 -27.97 33.70 -28.00
N ARG B 377 -28.94 34.48 -27.51
CA ARG B 377 -30.35 34.28 -27.86
C ARG B 377 -30.58 34.46 -29.35
N GLU B 378 -29.90 35.44 -29.95
CA GLU B 378 -30.05 35.68 -31.38
C GLU B 378 -29.46 34.55 -32.22
N ILE B 379 -28.53 33.79 -31.65
CA ILE B 379 -27.80 32.77 -32.42
C ILE B 379 -28.72 31.60 -32.76
N ILE B 380 -29.48 31.12 -31.78
CA ILE B 380 -30.24 29.89 -31.99
C ILE B 380 -31.52 30.16 -32.77
N TYR B 381 -32.17 31.30 -32.51
CA TYR B 381 -33.55 31.47 -32.94
C TYR B 381 -33.65 31.88 -34.42
N GLU B 382 -33.08 33.03 -34.77
CA GLU B 382 -33.26 33.53 -36.14
C GLU B 382 -32.09 33.24 -37.06
N ILE B 383 -30.93 32.90 -36.52
CA ILE B 383 -29.76 32.58 -37.33
C ILE B 383 -29.76 31.12 -37.77
N GLY B 384 -29.94 30.21 -36.81
CA GLY B 384 -30.00 28.80 -37.13
C GLY B 384 -31.36 28.32 -37.60
N GLY B 385 -32.33 29.21 -37.71
CA GLY B 385 -33.67 28.82 -38.09
C GLY B 385 -34.50 28.24 -36.97
N GLY B 386 -34.06 28.38 -35.73
CA GLY B 386 -34.78 27.83 -34.59
C GLY B 386 -34.51 26.36 -34.41
N ILE B 387 -35.04 25.83 -33.31
CA ILE B 387 -34.85 24.42 -32.99
C ILE B 387 -35.75 23.58 -33.90
N PRO B 388 -35.23 22.50 -34.49
CA PRO B 388 -36.08 21.66 -35.35
C PRO B 388 -37.08 20.86 -34.55
N ASN B 389 -38.23 20.60 -35.18
CA ASN B 389 -39.29 19.71 -34.68
C ASN B 389 -39.90 20.18 -33.37
N GLY B 390 -39.74 21.45 -33.02
CA GLY B 390 -40.35 21.99 -31.82
C GLY B 390 -39.83 21.45 -30.52
N LYS B 391 -38.56 21.03 -30.46
CA LYS B 391 -38.01 20.48 -29.25
C LYS B 391 -37.70 21.59 -28.24
N ALA B 392 -37.37 21.17 -27.02
CA ALA B 392 -37.10 22.09 -25.92
C ALA B 392 -35.60 22.18 -25.70
N PHE B 393 -35.02 23.35 -25.98
CA PHE B 393 -33.60 23.57 -25.79
C PHE B 393 -33.25 23.57 -24.30
N LYS B 394 -32.17 22.87 -23.95
CA LYS B 394 -31.76 22.75 -22.56
C LYS B 394 -30.42 23.45 -22.29
N ALA B 395 -29.38 23.09 -23.03
CA ALA B 395 -28.06 23.69 -22.82
C ALA B 395 -27.29 23.66 -24.13
N ALA B 396 -26.40 24.62 -24.40
CA ALA B 396 -25.58 24.68 -25.66
C ALA B 396 -24.08 24.60 -25.34
N GLN B 397 -23.34 23.64 -25.88
CA GLN B 397 -21.98 23.42 -25.50
C GLN B 397 -21.05 24.09 -26.50
N THR B 398 -20.03 24.73 -25.96
CA THR B 398 -19.04 25.44 -26.75
C THR B 398 -17.66 24.86 -26.49
N GLY B 399 -16.83 24.84 -27.53
CA GLY B 399 -15.47 24.37 -27.40
C GLY B 399 -15.31 22.87 -27.28
N GLY B 400 -16.38 22.10 -27.46
CA GLY B 400 -16.34 20.67 -27.31
C GLY B 400 -16.02 20.27 -25.88
N PRO B 401 -15.09 19.33 -25.70
CA PRO B 401 -14.67 18.95 -24.35
C PRO B 401 -13.90 20.03 -23.63
N SER B 402 -13.36 21.01 -24.36
CA SER B 402 -12.54 22.06 -23.78
C SER B 402 -13.36 23.12 -23.06
N GLY B 403 -14.68 23.12 -23.21
CA GLY B 403 -15.50 24.15 -22.60
C GLY B 403 -16.57 23.63 -21.66
N GLY B 404 -17.75 24.23 -21.72
CA GLY B 404 -18.83 23.84 -20.84
C GLY B 404 -20.17 24.12 -21.48
N CYS B 405 -21.23 23.72 -20.77
CA CYS B 405 -22.59 23.87 -21.26
C CYS B 405 -23.13 25.25 -20.91
N LEU B 406 -24.01 25.75 -21.77
CA LEU B 406 -24.67 27.04 -21.55
C LEU B 406 -26.17 26.82 -21.47
N PRO B 407 -26.76 26.79 -20.27
CA PRO B 407 -28.20 26.51 -20.16
C PRO B 407 -29.09 27.67 -20.57
N GLU B 408 -30.40 27.50 -20.35
CA GLU B 408 -31.38 28.47 -20.84
C GLU B 408 -31.38 29.77 -20.05
N SER B 409 -30.70 29.82 -18.91
CA SER B 409 -30.68 31.06 -18.14
C SER B 409 -29.69 32.08 -18.69
N LEU B 410 -28.89 31.70 -19.68
CA LEU B 410 -27.81 32.54 -20.19
C LEU B 410 -27.94 32.81 -21.67
N LEU B 411 -29.17 33.02 -22.16
CA LEU B 411 -29.35 33.29 -23.58
C LEU B 411 -28.94 34.70 -23.99
N ASP B 412 -28.96 35.65 -23.06
CA ASP B 412 -28.49 37.00 -23.37
C ASP B 412 -27.02 37.19 -23.02
N THR B 413 -26.22 36.13 -23.09
CA THR B 413 -24.80 36.23 -22.81
C THR B 413 -24.06 36.78 -24.02
N GLU B 414 -23.31 37.87 -23.81
CA GLU B 414 -22.40 38.36 -24.83
C GLU B 414 -21.20 37.44 -24.90
N ILE B 415 -21.05 36.72 -26.01
CA ILE B 415 -20.00 35.71 -26.13
C ILE B 415 -18.69 36.42 -26.44
N ASP B 416 -17.81 36.46 -25.45
CA ASP B 416 -16.48 37.07 -25.60
C ASP B 416 -15.57 36.46 -24.54
N TYR B 417 -14.43 37.11 -24.31
CA TYR B 417 -13.43 36.54 -23.42
C TYR B 417 -13.87 36.60 -21.96
N ASP B 418 -14.15 37.79 -21.46
CA ASP B 418 -14.46 38.00 -20.04
C ASP B 418 -15.81 37.53 -19.51
N ASN B 419 -16.75 37.27 -20.40
CA ASN B 419 -18.08 36.85 -19.95
C ASN B 419 -18.24 35.33 -19.84
N LEU B 420 -17.69 34.61 -20.79
CA LEU B 420 -17.85 33.15 -20.82
C LEU B 420 -16.85 32.48 -19.88
N ILE B 421 -15.69 33.10 -19.65
CA ILE B 421 -14.84 32.63 -18.56
C ILE B 421 -15.49 32.93 -17.21
N ALA B 422 -16.17 34.07 -17.09
CA ALA B 422 -16.99 34.31 -15.90
C ALA B 422 -18.18 33.35 -15.85
N ALA B 423 -18.61 32.85 -17.00
CA ALA B 423 -19.56 31.74 -17.08
C ALA B 423 -18.87 30.39 -17.03
N GLY B 424 -17.54 30.37 -16.89
CA GLY B 424 -16.82 29.12 -16.73
C GLY B 424 -16.71 28.25 -17.97
N SER B 425 -16.46 28.86 -19.13
CA SER B 425 -16.25 28.10 -20.36
C SER B 425 -15.35 28.92 -21.28
N MET B 426 -14.74 28.22 -22.24
CA MET B 426 -13.82 28.86 -23.17
C MET B 426 -14.14 28.41 -24.59
N MET B 427 -13.91 29.30 -25.55
CA MET B 427 -14.38 29.06 -26.91
C MET B 427 -13.53 28.03 -27.63
N GLY B 428 -12.21 28.07 -27.46
CA GLY B 428 -11.31 27.16 -28.15
C GLY B 428 -11.31 27.33 -29.65
N SER B 429 -11.69 26.28 -30.37
CA SER B 429 -11.80 26.36 -31.82
C SER B 429 -13.11 26.98 -32.28
N GLY B 430 -14.07 27.15 -31.39
CA GLY B 430 -15.33 27.76 -31.72
C GLY B 430 -16.44 26.82 -32.11
N GLY B 431 -16.36 25.55 -31.72
CA GLY B 431 -17.45 24.63 -32.01
C GLY B 431 -18.63 24.88 -31.09
N LEU B 432 -19.83 24.86 -31.68
CA LEU B 432 -21.06 25.14 -30.96
C LEU B 432 -22.01 23.96 -31.14
N ILE B 433 -22.45 23.37 -30.03
CA ILE B 433 -23.28 22.18 -30.04
C ILE B 433 -24.51 22.44 -29.18
N VAL B 434 -25.69 22.21 -29.76
CA VAL B 434 -26.96 22.49 -29.11
C VAL B 434 -27.61 21.18 -28.67
N MET B 435 -28.10 21.16 -27.44
CA MET B 435 -28.76 20.00 -26.87
C MET B 435 -30.23 20.30 -26.59
N ASP B 436 -31.03 19.24 -26.50
CA ASP B 436 -32.45 19.37 -26.22
C ASP B 436 -32.84 18.45 -25.07
N GLU B 437 -34.15 18.31 -24.86
CA GLU B 437 -34.70 17.45 -23.81
C GLU B 437 -34.63 15.98 -24.17
N ASP B 438 -34.27 15.63 -25.40
CA ASP B 438 -34.37 14.25 -25.86
C ASP B 438 -33.16 13.41 -25.47
N ASN B 439 -32.13 14.00 -24.90
CA ASN B 439 -30.98 13.25 -24.40
C ASN B 439 -30.67 13.63 -22.96
N CYS B 440 -30.27 12.62 -22.18
CA CYS B 440 -29.88 12.83 -20.80
C CYS B 440 -28.56 13.57 -20.74
N MET B 441 -28.49 14.56 -19.86
CA MET B 441 -27.28 15.37 -19.74
C MET B 441 -26.24 14.77 -18.80
N VAL B 442 -26.53 13.62 -18.19
CA VAL B 442 -25.54 12.97 -17.35
C VAL B 442 -24.46 12.30 -18.19
N ASP B 443 -24.86 11.36 -19.04
CA ASP B 443 -23.89 10.52 -19.74
C ASP B 443 -23.19 11.27 -20.86
N VAL B 444 -23.74 12.40 -21.31
CA VAL B 444 -23.04 13.16 -22.34
C VAL B 444 -21.83 13.86 -21.75
N ALA B 445 -21.84 14.12 -20.44
CA ALA B 445 -20.63 14.56 -19.77
C ALA B 445 -19.57 13.46 -19.82
N ARG B 446 -20.01 12.20 -19.66
CA ARG B 446 -19.09 11.07 -19.82
C ARG B 446 -18.64 10.93 -21.27
N PHE B 447 -19.43 11.41 -22.21
CA PHE B 447 -19.02 11.33 -23.62
C PHE B 447 -17.81 12.20 -23.91
N PHE B 448 -17.80 13.43 -23.42
CA PHE B 448 -16.60 14.26 -23.57
C PHE B 448 -15.49 13.71 -22.70
N LEU B 449 -15.86 13.06 -21.61
CA LEU B 449 -14.92 12.44 -20.69
C LEU B 449 -14.35 11.16 -21.30
N ASP B 450 -15.05 10.57 -22.26
CA ASP B 450 -14.49 9.48 -23.06
C ASP B 450 -13.33 9.99 -23.91
N PHE B 451 -13.46 11.19 -24.47
CA PHE B 451 -12.44 11.75 -25.35
C PHE B 451 -11.10 11.93 -24.65
N THR B 452 -11.14 12.44 -23.42
CA THR B 452 -9.89 12.78 -22.76
C THR B 452 -9.10 11.56 -22.29
N GLN B 453 -9.78 10.44 -22.03
CA GLN B 453 -9.06 9.28 -21.54
C GLN B 453 -8.33 8.58 -22.67
N ASP B 454 -8.94 8.51 -23.85
CA ASP B 454 -8.36 7.80 -24.97
C ASP B 454 -7.34 8.61 -25.74
N GLU B 455 -7.15 9.88 -25.41
CA GLU B 455 -6.20 10.71 -26.13
C GLU B 455 -5.05 11.20 -25.25
N SER B 456 -5.15 11.05 -23.94
CA SER B 456 -4.15 11.57 -23.00
C SER B 456 -2.76 11.02 -23.28
N CYS B 457 -1.77 11.92 -23.30
CA CYS B 457 -0.42 11.55 -23.71
C CYS B 457 0.30 10.72 -22.65
N GLY B 458 -0.25 10.59 -21.46
CA GLY B 458 0.27 9.63 -20.52
C GLY B 458 1.49 10.05 -19.73
N LYS B 459 1.70 11.35 -19.54
CA LYS B 459 2.87 11.79 -18.77
C LYS B 459 2.49 12.17 -17.34
N CYS B 460 1.56 13.09 -17.18
CA CYS B 460 1.38 13.43 -15.78
C CYS B 460 0.37 12.48 -15.13
N PRO B 461 0.62 12.12 -13.88
CA PRO B 461 -0.20 11.11 -13.20
C PRO B 461 -1.67 11.50 -13.05
N PRO B 462 -2.03 12.81 -12.86
CA PRO B 462 -3.47 13.12 -12.90
C PRO B 462 -4.14 12.83 -14.23
N CYS B 463 -3.49 13.14 -15.35
CA CYS B 463 -4.14 12.91 -16.63
C CYS B 463 -4.05 11.45 -17.05
N ARG B 464 -3.26 10.63 -16.33
CA ARG B 464 -3.40 9.19 -16.47
C ARG B 464 -4.37 8.61 -15.45
N ILE B 465 -4.05 8.76 -14.17
CA ILE B 465 -4.73 7.97 -13.15
C ILE B 465 -6.05 8.62 -12.76
N GLY B 466 -6.05 9.94 -12.58
CA GLY B 466 -7.23 10.62 -12.08
C GLY B 466 -8.41 10.57 -13.04
N THR B 467 -8.13 10.37 -14.32
CA THR B 467 -9.21 10.34 -15.30
C THR B 467 -10.06 9.09 -15.17
N LYS B 468 -9.45 7.90 -15.30
CA LYS B 468 -10.29 6.70 -15.34
C LYS B 468 -10.82 6.40 -13.96
N ARG B 469 -10.10 6.85 -12.92
CA ARG B 469 -10.60 6.73 -11.56
C ARG B 469 -11.80 7.64 -11.33
N MET B 470 -12.07 8.56 -12.26
CA MET B 470 -13.25 9.39 -12.15
C MET B 470 -14.40 8.88 -13.03
N LEU B 471 -14.14 7.96 -13.96
CA LEU B 471 -15.24 7.32 -14.69
C LEU B 471 -16.16 6.48 -13.81
N GLU B 472 -15.61 5.68 -12.88
CA GLU B 472 -16.46 4.68 -12.22
C GLU B 472 -17.47 5.33 -11.30
N ILE B 473 -17.23 6.57 -10.89
CA ILE B 473 -18.24 7.30 -10.11
C ILE B 473 -19.45 7.60 -10.97
N LEU B 474 -19.22 7.99 -12.23
CA LEU B 474 -20.34 8.32 -13.11
C LEU B 474 -21.11 7.08 -13.54
N GLU B 475 -20.41 6.00 -13.91
CA GLU B 475 -21.13 4.86 -14.45
C GLU B 475 -21.87 4.09 -13.37
N ARG B 476 -21.40 4.14 -12.12
CA ARG B 476 -22.16 3.48 -11.06
C ARG B 476 -23.47 4.21 -10.80
N ILE B 477 -23.49 5.52 -11.05
CA ILE B 477 -24.75 6.24 -11.14
C ILE B 477 -25.50 5.81 -12.41
N CYS B 478 -24.75 5.61 -13.51
CA CYS B 478 -25.39 5.32 -14.79
C CYS B 478 -25.94 3.90 -14.86
N ASP B 479 -25.54 3.03 -13.93
CA ASP B 479 -26.17 1.73 -13.81
C ASP B 479 -26.89 1.53 -12.49
N GLY B 480 -26.97 2.56 -11.65
CA GLY B 480 -27.71 2.48 -10.40
C GLY B 480 -27.00 1.81 -9.26
N LYS B 481 -25.67 1.78 -9.26
CA LYS B 481 -24.91 1.21 -8.16
C LYS B 481 -24.32 2.26 -7.23
N GLY B 482 -24.59 3.54 -7.48
CA GLY B 482 -24.00 4.60 -6.69
C GLY B 482 -24.68 4.78 -5.35
N VAL B 483 -24.06 5.64 -4.52
CA VAL B 483 -24.56 5.97 -3.20
C VAL B 483 -24.54 7.49 -3.05
N GLU B 484 -25.28 7.98 -2.06
CA GLU B 484 -25.32 9.40 -1.77
C GLU B 484 -23.98 9.88 -1.23
N GLY B 485 -23.58 11.07 -1.66
CA GLY B 485 -22.30 11.63 -1.29
C GLY B 485 -21.19 11.42 -2.30
N ASP B 486 -21.43 10.65 -3.35
CA ASP B 486 -20.42 10.47 -4.38
C ASP B 486 -20.19 11.72 -5.20
N ILE B 487 -21.21 12.58 -5.34
CA ILE B 487 -21.04 13.82 -6.10
C ILE B 487 -20.13 14.79 -5.35
N GLU B 488 -20.11 14.70 -4.02
CA GLU B 488 -19.16 15.49 -3.25
C GLU B 488 -17.75 14.89 -3.27
N ARG B 489 -17.62 13.61 -3.63
CA ARG B 489 -16.29 13.08 -3.90
C ARG B 489 -15.76 13.58 -5.23
N LEU B 490 -16.65 13.85 -6.18
CA LEU B 490 -16.26 14.47 -7.44
C LEU B 490 -15.69 15.86 -7.21
N GLU B 491 -16.28 16.61 -6.27
CA GLU B 491 -15.85 17.97 -5.99
C GLU B 491 -14.49 18.02 -5.31
N GLU B 492 -14.01 16.88 -4.78
CA GLU B 492 -12.66 16.83 -4.24
C GLU B 492 -11.63 16.88 -5.36
N LEU B 493 -11.90 16.20 -6.47
CA LEU B 493 -10.99 16.22 -7.61
C LEU B 493 -11.19 17.47 -8.47
N ALA B 494 -12.21 18.26 -8.15
CA ALA B 494 -12.59 19.40 -8.99
C ALA B 494 -11.49 20.46 -9.03
N VAL B 495 -10.94 20.83 -7.89
CA VAL B 495 -9.90 21.85 -7.88
C VAL B 495 -8.51 21.25 -7.76
N GLY B 496 -8.41 19.97 -7.39
CA GLY B 496 -7.10 19.35 -7.28
C GLY B 496 -6.45 19.13 -8.63
N ILE B 497 -7.21 18.66 -9.61
CA ILE B 497 -6.64 18.30 -10.91
C ILE B 497 -6.20 19.54 -11.68
N LYS B 498 -7.03 20.59 -11.66
CA LYS B 498 -6.76 21.77 -12.48
C LYS B 498 -5.51 22.51 -12.05
N SER B 499 -5.12 22.39 -10.79
CA SER B 499 -3.88 22.99 -10.31
C SER B 499 -2.70 22.04 -10.42
N SER B 500 -2.91 20.83 -10.91
CA SER B 500 -1.84 19.82 -10.91
C SER B 500 -1.69 19.16 -12.27
N ALA B 501 -1.63 19.96 -13.34
CA ALA B 501 -1.58 19.43 -14.70
C ALA B 501 -0.39 20.02 -15.43
N LEU B 502 0.21 19.22 -16.32
CA LEU B 502 1.24 19.72 -17.22
C LEU B 502 0.72 19.84 -18.64
N CYS B 503 0.19 18.74 -19.17
CA CYS B 503 -0.37 18.72 -20.51
C CYS B 503 -1.61 19.60 -20.57
N GLY B 504 -1.82 20.22 -21.75
CA GLY B 504 -2.90 21.16 -21.93
C GLY B 504 -4.29 20.58 -21.76
N LEU B 505 -4.42 19.25 -21.89
CA LEU B 505 -5.69 18.60 -21.61
C LEU B 505 -6.08 18.75 -20.15
N GLY B 506 -5.10 18.59 -19.25
CA GLY B 506 -5.38 18.47 -17.83
C GLY B 506 -6.01 19.69 -17.20
N GLN B 507 -5.64 20.88 -17.64
CA GLN B 507 -6.30 22.08 -17.13
C GLN B 507 -7.75 22.13 -17.56
N THR B 508 -8.04 21.71 -18.79
CA THR B 508 -9.36 21.88 -19.37
C THR B 508 -10.20 20.62 -19.34
N ALA B 509 -9.69 19.52 -18.78
CA ALA B 509 -10.44 18.27 -18.80
C ALA B 509 -11.69 18.26 -17.91
N PRO B 510 -11.63 18.54 -16.60
CA PRO B 510 -12.82 18.37 -15.77
C PRO B 510 -13.84 19.50 -15.86
N ASN B 511 -13.56 20.55 -16.62
CA ASN B 511 -14.48 21.69 -16.70
C ASN B 511 -15.87 21.37 -17.24
N PRO B 512 -16.07 20.39 -18.14
CA PRO B 512 -17.45 19.95 -18.39
C PRO B 512 -18.19 19.45 -17.15
N VAL B 513 -17.49 18.77 -16.23
CA VAL B 513 -18.13 18.39 -14.99
C VAL B 513 -18.41 19.63 -14.13
N LEU B 514 -17.49 20.58 -14.13
CA LEU B 514 -17.64 21.79 -13.33
C LEU B 514 -18.81 22.64 -13.80
N SER B 515 -19.00 22.72 -15.12
CA SER B 515 -20.05 23.58 -15.68
C SER B 515 -21.45 23.07 -15.32
N THR B 516 -21.66 21.76 -15.38
CA THR B 516 -23.01 21.23 -15.28
C THR B 516 -23.54 21.15 -13.85
N ILE B 517 -22.66 21.00 -12.85
CA ILE B 517 -23.13 20.77 -11.50
C ILE B 517 -23.69 22.04 -10.86
N ARG B 518 -23.26 23.22 -11.31
CA ARG B 518 -23.73 24.45 -10.69
C ARG B 518 -25.06 24.91 -11.26
N PHE B 519 -25.59 24.22 -12.27
CA PHE B 519 -26.97 24.44 -12.71
C PHE B 519 -27.86 23.22 -12.59
N PHE B 520 -27.33 22.03 -12.85
CA PHE B 520 -28.11 20.81 -12.99
C PHE B 520 -27.85 19.86 -11.84
N ARG B 521 -27.75 20.39 -10.62
CA ARG B 521 -27.50 19.56 -9.46
C ARG B 521 -28.69 18.65 -9.15
N ASP B 522 -29.91 19.16 -9.37
CA ASP B 522 -31.11 18.44 -8.99
C ASP B 522 -31.33 17.16 -9.81
N GLU B 523 -30.95 17.19 -11.09
CA GLU B 523 -31.24 16.05 -11.95
C GLU B 523 -30.32 14.87 -11.65
N TYR B 524 -29.14 15.12 -11.08
CA TYR B 524 -28.35 14.03 -10.53
C TYR B 524 -29.08 13.34 -9.39
N GLU B 525 -29.75 14.11 -8.54
CA GLU B 525 -30.50 13.54 -7.42
C GLU B 525 -31.62 12.63 -7.92
N ALA B 526 -32.19 12.94 -9.08
CA ALA B 526 -33.11 12.01 -9.72
C ALA B 526 -32.42 10.72 -10.12
N HIS B 527 -31.21 10.83 -10.67
CA HIS B 527 -30.42 9.64 -10.99
C HIS B 527 -30.00 8.90 -9.72
N ILE B 528 -29.72 9.65 -8.64
CA ILE B 528 -29.18 9.03 -7.43
C ILE B 528 -30.30 8.50 -6.54
N ARG B 529 -31.32 9.31 -6.27
CA ARG B 529 -32.36 8.93 -5.32
C ARG B 529 -33.55 8.26 -5.98
N ASP B 530 -34.17 8.92 -6.96
CA ASP B 530 -35.34 8.34 -7.62
C ASP B 530 -34.98 7.18 -8.54
N LYS B 531 -33.70 7.02 -8.88
CA LYS B 531 -33.21 5.97 -9.78
C LYS B 531 -33.94 6.02 -11.13
N LYS B 532 -34.16 7.23 -11.64
CA LYS B 532 -34.90 7.40 -12.88
C LYS B 532 -34.21 8.44 -13.74
N CYS B 533 -34.09 8.12 -15.03
CA CYS B 533 -33.52 9.04 -16.01
C CYS B 533 -34.62 9.96 -16.51
N PRO B 534 -34.45 11.28 -16.41
CA PRO B 534 -35.49 12.19 -16.93
C PRO B 534 -35.71 12.07 -18.43
N ALA B 535 -34.66 11.82 -19.20
CA ALA B 535 -34.81 11.65 -20.64
C ALA B 535 -35.05 10.21 -21.05
N GLY B 536 -35.01 9.27 -20.12
CA GLY B 536 -35.16 7.86 -20.46
C GLY B 536 -34.05 7.33 -21.33
N VAL B 537 -32.82 7.79 -21.10
CA VAL B 537 -31.67 7.44 -21.92
C VAL B 537 -30.79 6.41 -21.24
N CYS B 538 -30.55 6.56 -19.93
CA CYS B 538 -29.71 5.65 -19.18
C CYS B 538 -30.33 4.26 -19.16
N LYS B 539 -29.66 3.32 -19.83
CA LYS B 539 -30.26 2.02 -20.16
C LYS B 539 -30.61 1.23 -18.91
N HIS B 540 -29.71 1.20 -17.94
CA HIS B 540 -29.97 0.41 -16.75
C HIS B 540 -30.88 1.12 -15.76
N LEU B 541 -31.22 2.37 -16.00
CA LEU B 541 -32.13 3.10 -15.12
C LEU B 541 -33.51 3.31 -15.75
N LEU B 542 -33.77 2.73 -16.90
CA LEU B 542 -35.07 2.85 -17.54
C LEU B 542 -35.84 1.52 -17.48
N ASP B 543 -37.17 1.65 -17.47
CA ASP B 543 -38.06 0.51 -17.51
C ASP B 543 -39.13 0.76 -18.57
N PHE B 544 -39.63 -0.33 -19.16
CA PHE B 544 -40.65 -0.27 -20.19
C PHE B 544 -42.02 -0.58 -19.62
N LYS B 545 -43.00 0.24 -19.99
CA LYS B 545 -44.40 0.00 -19.69
C LYS B 545 -45.18 0.06 -20.99
N ILE B 546 -46.16 -0.82 -21.12
CA ILE B 546 -47.06 -0.78 -22.26
C ILE B 546 -48.35 -0.08 -21.85
N ASN B 547 -49.09 0.40 -22.85
CA ASN B 547 -50.39 1.02 -22.62
C ASN B 547 -51.49 0.02 -23.00
N ALA B 548 -52.47 -0.14 -22.10
CA ALA B 548 -53.52 -1.13 -22.32
C ALA B 548 -54.44 -0.77 -23.47
N ASP B 549 -54.63 0.53 -23.74
CA ASP B 549 -55.56 0.94 -24.78
C ASP B 549 -55.01 0.71 -26.19
N THR B 550 -53.74 1.00 -26.42
CA THR B 550 -53.16 0.94 -27.76
C THR B 550 -52.61 -0.45 -28.10
N CYS B 551 -52.18 -1.21 -27.10
CA CYS B 551 -51.69 -2.56 -27.34
C CYS B 551 -52.80 -3.47 -27.82
N LYS B 552 -52.54 -4.17 -28.93
CA LYS B 552 -53.47 -5.19 -29.40
C LYS B 552 -53.36 -6.48 -28.58
N GLY B 553 -52.17 -6.82 -28.10
CA GLY B 553 -51.98 -8.09 -27.44
C GLY B 553 -51.68 -9.23 -28.38
N CYS B 554 -51.10 -8.93 -29.54
CA CYS B 554 -50.80 -9.97 -30.52
C CYS B 554 -49.65 -10.86 -30.05
N GLY B 555 -48.65 -10.29 -29.38
CA GLY B 555 -47.52 -11.05 -28.90
C GLY B 555 -46.30 -11.07 -29.80
N ILE B 556 -46.15 -10.10 -30.69
CA ILE B 556 -44.93 -10.01 -31.49
C ILE B 556 -43.73 -9.69 -30.61
N CYS B 557 -43.92 -8.81 -29.64
CA CYS B 557 -42.84 -8.48 -28.70
C CYS B 557 -42.52 -9.65 -27.79
N ALA B 558 -43.47 -10.57 -27.60
CA ALA B 558 -43.21 -11.75 -26.77
C ALA B 558 -42.19 -12.66 -27.44
N LYS B 559 -42.17 -12.69 -28.77
CA LYS B 559 -41.16 -13.48 -29.48
C LYS B 559 -39.79 -12.81 -29.44
N LYS B 560 -39.75 -11.49 -29.29
CA LYS B 560 -38.50 -10.74 -29.37
C LYS B 560 -37.88 -10.45 -28.01
N CYS B 561 -38.43 -10.98 -26.92
CA CYS B 561 -37.82 -10.80 -25.61
C CYS B 561 -36.82 -11.92 -25.38
N PRO B 562 -35.53 -11.64 -25.25
CA PRO B 562 -34.55 -12.72 -25.08
C PRO B 562 -34.53 -13.26 -23.65
N ALA B 563 -34.88 -12.42 -22.68
CA ALA B 563 -34.93 -12.81 -21.29
C ALA B 563 -36.30 -13.34 -20.88
N ASP B 564 -37.28 -13.27 -21.79
CA ASP B 564 -38.65 -13.74 -21.56
C ASP B 564 -39.28 -13.08 -20.33
N ALA B 565 -39.13 -11.76 -20.25
CA ALA B 565 -39.72 -10.97 -19.18
C ALA B 565 -41.13 -10.52 -19.50
N ILE B 566 -41.67 -10.92 -20.64
CA ILE B 566 -43.04 -10.61 -21.03
C ILE B 566 -43.77 -11.91 -21.34
N SER B 567 -45.00 -12.03 -20.84
CA SER B 567 -45.78 -13.24 -20.98
C SER B 567 -47.26 -12.87 -20.86
N GLY B 568 -48.11 -13.81 -21.22
CA GLY B 568 -49.53 -13.59 -21.08
C GLY B 568 -50.32 -14.38 -22.11
N GLU B 569 -51.52 -13.89 -22.39
CA GLU B 569 -52.48 -14.54 -23.27
C GLU B 569 -52.74 -13.64 -24.48
N LYS B 570 -53.23 -14.24 -25.55
CA LYS B 570 -53.49 -13.53 -26.79
C LYS B 570 -54.66 -12.56 -26.63
N LYS B 571 -54.74 -11.60 -27.56
CA LYS B 571 -55.77 -10.57 -27.69
C LYS B 571 -55.87 -9.64 -26.50
N LYS B 572 -54.91 -9.65 -25.57
CA LYS B 572 -54.91 -8.72 -24.46
C LYS B 572 -53.50 -8.23 -24.17
N PRO B 573 -53.35 -6.99 -23.71
CA PRO B 573 -52.02 -6.46 -23.39
C PRO B 573 -51.33 -7.25 -22.28
N TYR B 574 -50.04 -7.48 -22.47
CA TYR B 574 -49.31 -8.47 -21.70
C TYR B 574 -48.83 -7.88 -20.37
N ASN B 575 -48.01 -8.65 -19.65
CA ASN B 575 -47.42 -8.20 -18.40
C ASN B 575 -45.91 -8.10 -18.57
N ILE B 576 -45.30 -7.13 -17.87
CA ILE B 576 -43.89 -6.83 -18.01
C ILE B 576 -43.20 -7.09 -16.68
N ASP B 577 -42.17 -7.92 -16.69
CA ASP B 577 -41.30 -8.14 -15.54
C ASP B 577 -40.13 -7.18 -15.65
N THR B 578 -40.09 -6.17 -14.77
CA THR B 578 -39.07 -5.14 -14.85
C THR B 578 -37.70 -5.69 -14.50
N SER B 579 -37.61 -6.47 -13.42
CA SER B 579 -36.31 -6.91 -12.93
C SER B 579 -35.73 -8.09 -13.71
N LYS B 580 -36.49 -8.69 -14.62
CA LYS B 580 -36.06 -9.94 -15.25
C LYS B 580 -35.36 -9.71 -16.59
N CYS B 581 -35.80 -8.73 -17.37
CA CYS B 581 -35.11 -8.47 -18.63
C CYS B 581 -33.82 -7.69 -18.36
N ILE B 582 -32.98 -7.63 -19.39
CA ILE B 582 -31.66 -7.03 -19.29
C ILE B 582 -31.79 -5.58 -19.78
N LYS B 583 -33.03 -5.16 -20.03
CA LYS B 583 -33.36 -3.83 -20.57
C LYS B 583 -32.67 -3.60 -21.91
N CYS B 584 -32.60 -4.65 -22.73
CA CYS B 584 -31.96 -4.54 -24.03
C CYS B 584 -32.72 -3.61 -24.96
N GLY B 585 -34.05 -3.63 -24.87
CA GLY B 585 -34.88 -2.80 -25.72
C GLY B 585 -35.20 -3.38 -27.07
N ALA B 586 -35.05 -4.68 -27.25
CA ALA B 586 -35.36 -5.29 -28.54
C ALA B 586 -36.85 -5.40 -28.80
N CYS B 587 -37.68 -5.26 -27.77
CA CYS B 587 -39.12 -5.47 -27.93
C CYS B 587 -39.83 -4.22 -28.42
N ILE B 588 -39.25 -3.03 -28.21
CA ILE B 588 -39.97 -1.80 -28.47
C ILE B 588 -40.12 -1.55 -29.98
N GLU B 589 -39.14 -1.95 -30.78
CA GLU B 589 -39.23 -1.71 -32.22
C GLU B 589 -40.03 -2.79 -32.93
N ALA B 590 -40.11 -3.99 -32.35
CA ALA B 590 -40.81 -5.08 -32.99
C ALA B 590 -42.33 -4.93 -32.93
N CYS B 591 -42.84 -4.10 -32.04
CA CYS B 591 -44.26 -3.82 -32.01
C CYS B 591 -44.62 -2.93 -33.20
N PRO B 592 -45.50 -3.36 -34.08
CA PRO B 592 -45.87 -2.49 -35.22
C PRO B 592 -46.81 -1.36 -34.83
N PHE B 593 -47.30 -1.35 -33.59
CA PHE B 593 -48.26 -0.35 -33.13
C PHE B 593 -47.64 0.72 -32.25
N GLY B 594 -46.38 0.54 -31.83
CA GLY B 594 -45.73 1.49 -30.96
C GLY B 594 -46.36 1.56 -29.59
N SER B 595 -46.68 0.40 -29.01
CA SER B 595 -47.38 0.33 -27.73
C SER B 595 -46.44 0.38 -26.53
N ILE B 596 -45.13 0.46 -26.75
CA ILE B 596 -44.16 0.42 -25.65
C ILE B 596 -43.54 1.80 -25.49
N SER B 597 -43.53 2.30 -24.25
CA SER B 597 -42.95 3.60 -23.94
C SER B 597 -41.93 3.45 -22.82
N LYS B 598 -41.09 4.47 -22.69
CA LYS B 598 -40.04 4.50 -21.66
C LYS B 598 -40.59 5.20 -20.42
N ALA B 599 -40.39 4.57 -19.26
CA ALA B 599 -40.79 5.16 -17.99
C ALA B 599 -39.56 5.57 -17.19
N MET C 1 -6.67 -0.04 -56.30
CA MET C 1 -5.64 0.06 -55.29
C MET C 1 -4.50 -0.90 -55.58
N ALA C 2 -3.26 -0.43 -55.39
CA ALA C 2 -2.09 -1.24 -55.68
C ALA C 2 -1.92 -2.37 -54.69
N GLU C 3 -1.21 -3.41 -55.11
CA GLU C 3 -0.98 -4.58 -54.27
C GLU C 3 -0.08 -4.24 -53.08
N LEU C 4 -0.34 -4.90 -51.96
CA LEU C 4 0.52 -4.79 -50.80
C LEU C 4 1.60 -5.86 -50.85
N ILE C 5 2.85 -5.41 -50.80
CA ILE C 5 4.02 -6.27 -50.96
C ILE C 5 4.15 -7.19 -49.76
N PRO C 6 4.42 -8.48 -49.95
CA PRO C 6 4.58 -9.39 -48.80
C PRO C 6 5.80 -9.05 -47.98
N VAL C 7 5.83 -9.61 -46.76
CA VAL C 7 6.77 -9.18 -45.74
C VAL C 7 8.19 -9.68 -45.99
N GLU C 8 8.37 -10.66 -46.87
CA GLU C 8 9.68 -11.23 -47.11
C GLU C 8 10.56 -10.36 -48.01
N ASN C 9 10.02 -9.30 -48.59
CA ASN C 9 10.75 -8.46 -49.52
C ASN C 9 11.37 -7.30 -48.74
N LEU C 10 12.68 -7.38 -48.50
CA LEU C 10 13.39 -6.40 -47.69
C LEU C 10 14.09 -5.33 -48.51
N ASP C 11 14.13 -5.47 -49.84
CA ASP C 11 14.92 -4.55 -50.66
C ASP C 11 14.22 -3.19 -50.81
N VAL C 12 12.89 -3.19 -50.83
CA VAL C 12 12.16 -1.93 -50.87
C VAL C 12 12.40 -1.12 -49.61
N VAL C 13 12.49 -1.82 -48.47
CA VAL C 13 12.73 -1.17 -47.19
C VAL C 13 14.06 -0.42 -47.21
N LYS C 14 15.12 -1.12 -47.61
CA LYS C 14 16.44 -0.48 -47.62
C LYS C 14 16.52 0.58 -48.71
N ALA C 15 15.80 0.42 -49.81
CA ALA C 15 15.78 1.45 -50.85
C ALA C 15 15.15 2.74 -50.31
N ILE C 16 14.05 2.62 -49.57
CA ILE C 16 13.40 3.81 -49.03
C ILE C 16 14.25 4.44 -47.93
N VAL C 17 14.90 3.61 -47.09
CA VAL C 17 15.81 4.14 -46.08
C VAL C 17 16.97 4.89 -46.71
N ALA C 18 17.56 4.33 -47.78
CA ALA C 18 18.63 5.02 -48.49
C ALA C 18 18.11 6.29 -49.15
N GLU C 19 16.83 6.31 -49.51
CA GLU C 19 16.24 7.53 -50.05
C GLU C 19 15.99 8.60 -48.99
N HIS C 20 15.57 8.21 -47.78
CA HIS C 20 15.10 9.18 -46.80
C HIS C 20 15.98 9.26 -45.57
N ARG C 21 17.29 9.31 -45.75
CA ARG C 21 18.22 9.43 -44.63
C ARG C 21 18.55 10.87 -44.26
N GLU C 22 18.69 11.76 -45.25
CA GLU C 22 19.28 13.07 -45.02
C GLU C 22 18.35 14.03 -44.28
N VAL C 23 17.05 13.79 -44.29
CA VAL C 23 16.12 14.72 -43.64
C VAL C 23 16.08 14.44 -42.15
N PRO C 24 16.06 15.47 -41.31
CA PRO C 24 15.95 15.24 -39.86
C PRO C 24 14.57 14.76 -39.47
N GLY C 25 14.53 13.90 -38.45
CA GLY C 25 13.27 13.38 -37.94
C GLY C 25 12.52 12.51 -38.93
N CYS C 26 13.23 11.64 -39.63
CA CYS C 26 12.62 10.90 -40.73
C CYS C 26 11.82 9.69 -40.28
N LEU C 27 11.73 9.43 -38.98
CA LEU C 27 11.08 8.22 -38.48
C LEU C 27 9.60 8.19 -38.84
N MET C 28 8.89 9.29 -38.55
CA MET C 28 7.45 9.33 -38.80
C MET C 28 7.13 9.17 -40.28
N GLN C 29 7.87 9.87 -41.13
CA GLN C 29 7.61 9.79 -42.57
C GLN C 29 7.97 8.40 -43.10
N ILE C 30 9.08 7.81 -42.66
CA ILE C 30 9.47 6.52 -43.21
C ILE C 30 8.46 5.44 -42.77
N LEU C 31 7.97 5.54 -41.53
CA LEU C 31 6.94 4.60 -41.08
C LEU C 31 5.65 4.78 -41.85
N GLN C 32 5.32 6.01 -42.25
CA GLN C 32 4.05 6.15 -42.96
C GLN C 32 4.15 5.66 -44.40
N GLU C 33 5.31 5.80 -45.09
CA GLU C 33 5.30 5.15 -46.41
C GLU C 33 5.41 3.63 -46.30
N THR C 34 6.04 3.11 -45.23
CA THR C 34 5.96 1.65 -45.06
C THR C 34 4.54 1.20 -44.78
N GLN C 35 3.75 2.02 -44.07
CA GLN C 35 2.34 1.72 -43.88
C GLN C 35 1.59 1.76 -45.20
N LEU C 36 1.92 2.73 -46.06
CA LEU C 36 1.27 2.82 -47.37
C LEU C 36 1.61 1.65 -48.26
N LYS C 37 2.85 1.16 -48.19
CA LYS C 37 3.32 0.16 -49.14
C LYS C 37 3.09 -1.26 -48.67
N TYR C 38 3.05 -1.52 -47.36
CA TYR C 38 2.89 -2.88 -46.86
C TYR C 38 1.55 -3.12 -46.19
N GLY C 39 0.95 -2.08 -45.59
CA GLY C 39 -0.34 -2.18 -44.96
C GLY C 39 -0.27 -2.41 -43.46
N TYR C 40 0.76 -3.09 -42.98
CA TYR C 40 0.90 -3.39 -41.57
C TYR C 40 2.38 -3.57 -41.25
N LEU C 41 2.70 -3.60 -39.96
CA LEU C 41 4.08 -3.58 -39.51
C LEU C 41 4.41 -4.84 -38.72
N PRO C 42 4.93 -5.90 -39.36
CA PRO C 42 5.47 -7.02 -38.60
C PRO C 42 6.89 -6.76 -38.14
N LEU C 43 7.34 -7.52 -37.14
CA LEU C 43 8.45 -7.13 -36.26
C LEU C 43 9.79 -7.03 -36.98
N GLU C 44 10.06 -7.98 -37.89
CA GLU C 44 11.37 -8.05 -38.52
C GLU C 44 11.63 -6.84 -39.41
N LEU C 45 10.54 -6.37 -40.02
CA LEU C 45 10.55 -5.26 -40.94
C LEU C 45 10.99 -3.99 -40.25
N GLN C 46 10.48 -3.73 -39.05
CA GLN C 46 10.87 -2.54 -38.30
C GLN C 46 12.24 -2.77 -37.66
N GLY C 47 12.62 -4.03 -37.46
CA GLY C 47 13.93 -4.34 -36.94
C GLY C 47 15.04 -4.10 -37.93
N THR C 48 14.83 -4.50 -39.17
CA THR C 48 15.75 -4.17 -40.26
C THR C 48 15.92 -2.66 -40.39
N ILE C 49 14.86 -1.90 -40.15
CA ILE C 49 14.95 -0.44 -40.16
C ILE C 49 15.92 0.05 -39.08
N ALA C 50 15.83 -0.54 -37.89
CA ALA C 50 16.75 -0.19 -36.81
C ALA C 50 18.18 -0.58 -37.14
N ASP C 51 18.37 -1.71 -37.85
CA ASP C 51 19.72 -2.06 -38.31
C ASP C 51 20.25 -1.05 -39.32
N GLU C 52 19.38 -0.59 -40.23
CA GLU C 52 19.83 0.34 -41.26
C GLU C 52 20.13 1.73 -40.69
N LEU C 53 19.27 2.22 -39.79
CA LEU C 53 19.48 3.54 -39.22
C LEU C 53 20.61 3.57 -38.20
N GLY C 54 20.93 2.43 -37.59
CA GLY C 54 21.87 2.41 -36.47
C GLY C 54 21.33 3.08 -35.23
N ILE C 55 20.05 2.90 -34.93
CA ILE C 55 19.41 3.51 -33.78
C ILE C 55 18.58 2.36 -33.21
N PRO C 56 18.47 2.16 -31.88
CA PRO C 56 17.86 0.92 -31.40
C PRO C 56 16.34 0.93 -31.47
N LEU C 57 15.76 -0.24 -31.17
CA LEU C 57 14.36 -0.51 -31.46
C LEU C 57 13.38 0.25 -30.59
N THR C 58 13.82 0.82 -29.47
CA THR C 58 12.88 1.26 -28.43
C THR C 58 12.01 2.42 -28.91
N GLU C 59 12.63 3.47 -29.44
CA GLU C 59 11.85 4.63 -29.87
C GLU C 59 11.02 4.31 -31.11
N VAL C 60 11.51 3.45 -32.00
CA VAL C 60 10.74 3.07 -33.19
C VAL C 60 9.51 2.28 -32.80
N TYR C 61 9.68 1.31 -31.90
CA TYR C 61 8.56 0.49 -31.45
C TYR C 61 7.57 1.34 -30.65
N GLY C 62 8.09 2.29 -29.87
CA GLY C 62 7.21 3.18 -29.11
C GLY C 62 6.36 4.06 -29.99
N VAL C 63 6.97 4.68 -31.01
CA VAL C 63 6.19 5.53 -31.90
C VAL C 63 5.32 4.68 -32.81
N ALA C 64 5.65 3.41 -33.01
CA ALA C 64 4.72 2.51 -33.68
C ALA C 64 3.48 2.27 -32.83
N THR C 65 3.67 2.11 -31.52
CA THR C 65 2.55 1.83 -30.63
C THR C 65 1.91 3.09 -30.05
N PHE C 66 2.44 4.28 -30.34
CA PHE C 66 1.87 5.49 -29.75
C PHE C 66 0.66 5.97 -30.53
N TYR C 67 0.74 6.00 -31.85
CA TYR C 67 -0.33 6.54 -32.69
C TYR C 67 -1.24 5.42 -33.16
N SER C 68 -2.55 5.65 -33.08
CA SER C 68 -3.53 4.65 -33.49
C SER C 68 -3.61 4.50 -35.01
N GLN C 69 -3.00 5.42 -35.76
CA GLN C 69 -2.99 5.34 -37.21
C GLN C 69 -1.97 4.34 -37.74
N PHE C 70 -1.17 3.74 -36.87
CA PHE C 70 -0.25 2.67 -37.24
C PHE C 70 -0.73 1.37 -36.63
N THR C 71 -0.62 0.28 -37.39
CA THR C 71 -1.13 -1.02 -37.00
C THR C 71 0.00 -2.01 -36.79
N LEU C 72 -0.19 -2.90 -35.82
CA LEU C 72 0.72 -4.03 -35.61
C LEU C 72 0.15 -5.33 -36.12
N LYS C 73 -1.03 -5.30 -36.74
CA LYS C 73 -1.74 -6.48 -37.17
C LYS C 73 -2.14 -6.35 -38.63
N PRO C 74 -2.07 -7.44 -39.39
CA PRO C 74 -2.69 -7.44 -40.73
C PRO C 74 -4.19 -7.22 -40.64
N LYS C 75 -4.73 -6.50 -41.61
CA LYS C 75 -6.11 -6.07 -41.58
C LYS C 75 -6.92 -6.68 -42.71
N GLY C 76 -8.24 -6.57 -42.60
CA GLY C 76 -9.15 -7.14 -43.56
C GLY C 76 -9.25 -6.30 -44.83
N LYS C 77 -10.10 -6.79 -45.75
CA LYS C 77 -10.25 -6.13 -47.04
C LYS C 77 -10.96 -4.79 -46.92
N TYR C 78 -12.07 -4.75 -46.19
CA TYR C 78 -12.93 -3.57 -46.11
C TYR C 78 -12.94 -3.05 -44.69
N LYS C 79 -12.75 -1.74 -44.54
CA LYS C 79 -12.77 -1.09 -43.23
C LYS C 79 -14.16 -0.57 -42.92
N ILE C 80 -14.52 -0.59 -41.64
CA ILE C 80 -15.85 -0.20 -41.18
C ILE C 80 -15.65 0.97 -40.24
N GLY C 81 -16.35 2.08 -40.48
CA GLY C 81 -16.18 3.23 -39.62
C GLY C 81 -17.43 3.99 -39.27
N ILE C 82 -17.69 4.15 -37.97
CA ILE C 82 -18.71 5.03 -37.46
C ILE C 82 -18.04 6.30 -36.97
N CYS C 83 -18.51 7.45 -37.45
CA CYS C 83 -18.02 8.74 -36.95
C CYS C 83 -18.43 8.89 -35.50
N LEU C 84 -17.46 8.84 -34.58
CA LEU C 84 -17.73 8.91 -33.15
C LEU C 84 -17.59 10.30 -32.59
N GLY C 85 -17.76 11.33 -33.41
CA GLY C 85 -17.76 12.70 -32.92
C GLY C 85 -19.04 13.05 -32.22
N THR C 86 -19.04 14.23 -31.60
CA THR C 86 -20.18 14.66 -30.79
C THR C 86 -21.40 14.93 -31.66
N ALA C 87 -21.20 15.50 -32.85
CA ALA C 87 -22.31 15.80 -33.74
C ALA C 87 -23.01 14.54 -34.21
N CYS C 88 -22.24 13.47 -34.47
CA CYS C 88 -22.86 12.21 -34.83
C CYS C 88 -23.42 11.48 -33.62
N TYR C 89 -22.76 11.62 -32.46
CA TYR C 89 -23.23 10.96 -31.25
C TYR C 89 -24.57 11.52 -30.77
N VAL C 90 -24.77 12.82 -30.93
CA VAL C 90 -25.89 13.48 -30.26
C VAL C 90 -27.21 13.11 -30.92
N ARG C 91 -27.16 12.59 -32.15
CA ARG C 91 -28.34 12.05 -32.81
C ARG C 91 -28.66 10.62 -32.38
N GLY C 92 -27.79 9.99 -31.59
CA GLY C 92 -28.00 8.63 -31.14
C GLY C 92 -27.15 7.59 -31.83
N SER C 93 -25.85 7.86 -31.97
CA SER C 93 -24.95 6.94 -32.66
C SER C 93 -24.66 5.68 -31.85
N GLN C 94 -25.02 5.65 -30.56
CA GLN C 94 -24.88 4.42 -29.80
C GLN C 94 -25.83 3.34 -30.34
N ALA C 95 -26.98 3.75 -30.86
CA ALA C 95 -27.85 2.81 -31.56
C ALA C 95 -27.17 2.26 -32.81
N ILE C 96 -26.40 3.10 -33.51
CA ILE C 96 -25.64 2.63 -34.67
C ILE C 96 -24.62 1.59 -34.25
N ILE C 97 -23.92 1.84 -33.14
CA ILE C 97 -22.92 0.90 -32.64
C ILE C 97 -23.57 -0.42 -32.24
N ASP C 98 -24.71 -0.35 -31.53
CA ASP C 98 -25.37 -1.56 -31.07
C ASP C 98 -25.94 -2.36 -32.24
N LYS C 99 -26.46 -1.68 -33.26
CA LYS C 99 -26.97 -2.39 -34.43
C LYS C 99 -25.84 -3.02 -35.24
N VAL C 100 -24.68 -2.35 -35.29
CA VAL C 100 -23.52 -2.94 -35.94
C VAL C 100 -23.08 -4.20 -35.21
N ASN C 101 -23.03 -4.14 -33.87
CA ASN C 101 -22.68 -5.32 -33.09
C ASN C 101 -23.71 -6.43 -33.22
N SER C 102 -24.99 -6.06 -33.39
CA SER C 102 -26.04 -7.07 -33.54
C SER C 102 -25.96 -7.76 -34.90
N VAL C 103 -25.81 -6.98 -35.97
CA VAL C 103 -25.83 -7.56 -37.32
C VAL C 103 -24.54 -8.33 -37.59
N LEU C 104 -23.38 -7.72 -37.32
CA LEU C 104 -22.13 -8.40 -37.63
C LEU C 104 -21.81 -9.50 -36.64
N GLY C 105 -22.22 -9.33 -35.38
CA GLY C 105 -21.96 -10.33 -34.37
C GLY C 105 -20.59 -10.25 -33.74
N THR C 106 -19.78 -9.27 -34.13
CA THR C 106 -18.47 -9.05 -33.54
C THR C 106 -18.47 -7.69 -32.85
N GLN C 107 -17.73 -7.61 -31.76
CA GLN C 107 -17.68 -6.38 -30.97
C GLN C 107 -16.88 -5.31 -31.70
N VAL C 108 -16.91 -4.10 -31.15
CA VAL C 108 -16.12 -3.00 -31.71
C VAL C 108 -14.64 -3.29 -31.51
N GLY C 109 -13.83 -2.97 -32.52
CA GLY C 109 -12.43 -3.29 -32.48
C GLY C 109 -12.09 -4.74 -32.71
N ASP C 110 -13.00 -5.51 -33.31
CA ASP C 110 -12.75 -6.91 -33.62
C ASP C 110 -12.89 -7.13 -35.12
N THR C 111 -12.00 -7.97 -35.64
CA THR C 111 -11.92 -8.27 -37.07
C THR C 111 -12.60 -9.60 -37.33
N THR C 112 -13.52 -9.63 -38.29
CA THR C 112 -14.20 -10.86 -38.64
C THR C 112 -13.24 -11.83 -39.32
N GLU C 113 -13.58 -13.13 -39.24
CA GLU C 113 -12.68 -14.17 -39.68
C GLU C 113 -12.50 -14.18 -41.20
N ASP C 114 -13.46 -13.62 -41.94
CA ASP C 114 -13.40 -13.62 -43.40
C ASP C 114 -12.28 -12.77 -43.96
N GLY C 115 -11.70 -11.86 -43.16
CA GLY C 115 -10.80 -10.88 -43.72
C GLY C 115 -11.47 -9.84 -44.59
N LYS C 116 -12.78 -9.68 -44.45
CA LYS C 116 -13.55 -8.72 -45.22
C LYS C 116 -14.16 -7.62 -44.38
N TRP C 117 -14.93 -7.97 -43.35
CA TRP C 117 -15.46 -6.98 -42.41
C TRP C 117 -14.47 -6.76 -41.28
N SER C 118 -14.10 -5.50 -41.08
CA SER C 118 -13.16 -5.13 -40.04
C SER C 118 -13.54 -3.75 -39.53
N VAL C 119 -13.65 -3.61 -38.21
CA VAL C 119 -14.18 -2.40 -37.58
C VAL C 119 -13.13 -1.81 -36.65
N ASP C 120 -13.22 -0.49 -36.46
CA ASP C 120 -12.33 0.22 -35.55
C ASP C 120 -13.08 1.41 -34.96
N ALA C 121 -12.31 2.34 -34.40
CA ALA C 121 -12.87 3.53 -33.74
C ALA C 121 -12.35 4.77 -34.45
N THR C 122 -13.09 5.21 -35.46
CA THR C 122 -12.77 6.45 -36.16
C THR C 122 -13.48 7.62 -35.49
N ARG C 123 -12.73 8.65 -35.11
CA ARG C 123 -13.30 9.70 -34.28
C ARG C 123 -14.09 10.71 -35.10
N CYS C 124 -13.41 11.41 -36.00
CA CYS C 124 -14.08 12.29 -36.95
C CYS C 124 -13.44 12.20 -38.31
N VAL C 125 -14.25 11.93 -39.33
CA VAL C 125 -13.81 12.08 -40.71
C VAL C 125 -13.84 13.54 -41.12
N GLY C 126 -14.52 14.39 -40.35
CA GLY C 126 -14.65 15.80 -40.65
C GLY C 126 -15.97 16.18 -41.28
N ALA C 127 -16.70 15.23 -41.85
CA ALA C 127 -18.00 15.51 -42.45
C ALA C 127 -19.13 15.33 -41.45
N CYS C 128 -19.00 15.99 -40.29
CA CYS C 128 -19.96 15.83 -39.21
C CYS C 128 -21.30 16.49 -39.50
N GLY C 129 -21.40 17.31 -40.55
CA GLY C 129 -22.64 18.00 -40.85
C GLY C 129 -23.73 17.14 -41.44
N LEU C 130 -23.42 15.90 -41.79
CA LEU C 130 -24.40 14.97 -42.35
C LEU C 130 -24.58 13.79 -41.42
N ALA C 131 -24.70 14.06 -40.13
CA ALA C 131 -24.85 13.02 -39.13
C ALA C 131 -26.19 12.31 -39.28
N PRO C 132 -26.24 10.98 -39.09
CA PRO C 132 -25.14 10.04 -38.80
C PRO C 132 -24.26 9.75 -40.02
N VAL C 133 -22.98 9.47 -39.77
CA VAL C 133 -21.97 9.37 -40.82
C VAL C 133 -21.38 7.97 -40.78
N MET C 134 -21.39 7.29 -41.93
CA MET C 134 -20.93 5.92 -42.03
C MET C 134 -19.92 5.81 -43.16
N MET C 135 -18.71 5.35 -42.87
CA MET C 135 -17.67 5.33 -43.88
C MET C 135 -17.15 3.90 -44.10
N ILE C 136 -16.95 3.56 -45.36
CA ILE C 136 -16.38 2.30 -45.77
C ILE C 136 -15.40 2.56 -46.91
N ASN C 137 -14.14 2.21 -46.84
CA ASN C 137 -13.17 2.58 -47.89
C ASN C 137 -13.18 4.09 -48.28
N GLU C 138 -13.70 4.51 -49.43
CA GLU C 138 -13.72 5.93 -49.71
C GLU C 138 -15.17 6.30 -49.92
N GLU C 139 -16.09 5.65 -49.21
CA GLU C 139 -17.49 5.96 -49.44
C GLU C 139 -18.13 6.36 -48.12
N VAL C 140 -18.86 7.47 -48.13
CA VAL C 140 -19.46 8.04 -46.94
C VAL C 140 -20.97 8.17 -47.16
N PHE C 141 -21.74 7.69 -46.20
CA PHE C 141 -23.19 7.77 -46.22
C PHE C 141 -23.64 8.63 -45.06
N GLY C 142 -24.54 9.59 -45.33
CA GLY C 142 -24.94 10.58 -44.36
C GLY C 142 -26.44 10.56 -44.08
N ARG C 143 -26.82 11.38 -43.08
CA ARG C 143 -28.19 11.59 -42.57
C ARG C 143 -29.01 10.28 -42.47
N LEU C 144 -28.32 9.22 -42.07
CA LEU C 144 -28.90 7.89 -42.03
C LEU C 144 -29.72 7.67 -40.76
N THR C 145 -30.05 6.41 -40.52
CA THR C 145 -30.67 5.97 -39.29
C THR C 145 -30.32 4.49 -39.10
N VAL C 146 -30.93 3.88 -38.09
CA VAL C 146 -30.69 2.46 -37.82
C VAL C 146 -31.29 1.59 -38.93
N ASP C 147 -32.35 2.08 -39.58
CA ASP C 147 -33.04 1.28 -40.60
C ASP C 147 -32.16 1.03 -41.82
N GLU C 148 -31.35 2.00 -42.21
CA GLU C 148 -30.55 1.89 -43.42
C GLU C 148 -29.33 1.00 -43.27
N ILE C 149 -29.01 0.56 -42.05
CA ILE C 149 -27.79 -0.19 -41.75
C ILE C 149 -27.72 -1.54 -42.47
N PRO C 150 -28.74 -2.43 -42.43
CA PRO C 150 -28.58 -3.70 -43.16
C PRO C 150 -28.52 -3.52 -44.66
N GLY C 151 -29.26 -2.55 -45.21
CA GLY C 151 -29.23 -2.33 -46.66
C GLY C 151 -27.88 -1.84 -47.15
N ILE C 152 -27.26 -0.92 -46.41
CA ILE C 152 -25.93 -0.44 -46.77
C ILE C 152 -24.87 -1.52 -46.53
N LEU C 153 -24.98 -2.27 -45.43
CA LEU C 153 -24.02 -3.33 -45.14
C LEU C 153 -24.09 -4.43 -46.19
N GLU C 154 -25.27 -4.68 -46.75
CA GLU C 154 -25.42 -5.70 -47.78
C GLU C 154 -25.02 -5.20 -49.17
N LYS C 155 -24.71 -3.91 -49.33
CA LYS C 155 -24.13 -3.45 -50.59
C LYS C 155 -22.75 -4.02 -50.83
N TYR C 156 -21.97 -4.21 -49.78
CA TYR C 156 -20.64 -4.79 -49.89
C TYR C 156 -20.59 -6.13 -49.18
N MET D 1 22.98 -16.26 46.35
CA MET D 1 22.86 -16.56 44.92
C MET D 1 23.38 -17.96 44.60
N LYS D 2 22.73 -18.62 43.65
CA LYS D 2 23.07 -19.98 43.25
C LYS D 2 23.57 -19.98 41.81
N GLU D 3 24.68 -20.68 41.59
CA GLU D 3 25.32 -20.72 40.29
C GLU D 3 24.90 -21.97 39.52
N ILE D 4 24.43 -21.77 38.29
CA ILE D 4 23.92 -22.86 37.48
C ILE D 4 24.63 -22.82 36.13
N THR D 5 24.76 -23.98 35.49
CA THR D 5 25.59 -24.18 34.31
C THR D 5 24.72 -24.43 33.09
N PHE D 6 25.12 -23.87 31.95
CA PHE D 6 24.52 -24.29 30.69
C PHE D 6 25.56 -24.15 29.58
N LYS D 7 25.14 -24.53 28.37
CA LYS D 7 25.96 -24.36 27.18
C LYS D 7 25.09 -23.77 26.08
N ILE D 8 25.47 -22.58 25.60
CA ILE D 8 24.81 -21.91 24.49
C ILE D 8 25.69 -22.02 23.24
N ASN D 9 25.19 -22.73 22.24
CA ASN D 9 25.88 -22.96 20.95
C ASN D 9 27.26 -23.57 21.14
N GLY D 10 27.41 -24.42 22.16
CA GLY D 10 28.70 -25.02 22.47
C GLY D 10 29.60 -24.19 23.35
N GLN D 11 29.11 -23.11 23.96
CA GLN D 11 29.89 -22.26 24.84
C GLN D 11 29.34 -22.35 26.24
N GLU D 12 30.18 -22.71 27.20
CA GLU D 12 29.76 -22.92 28.57
C GLU D 12 29.57 -21.58 29.29
N MET D 13 28.59 -21.53 30.19
CA MET D 13 28.37 -20.31 30.95
C MET D 13 27.73 -20.63 32.29
N ILE D 14 28.21 -19.93 33.32
CA ILE D 14 27.70 -20.00 34.69
C ILE D 14 26.89 -18.73 34.95
N VAL D 15 25.63 -18.88 35.32
CA VAL D 15 24.78 -17.73 35.60
C VAL D 15 24.10 -17.90 36.94
N PRO D 16 23.70 -16.80 37.58
CA PRO D 16 22.91 -16.91 38.81
C PRO D 16 21.49 -17.41 38.54
N GLU D 17 20.83 -17.77 39.63
CA GLU D 17 19.44 -18.21 39.57
C GLU D 17 18.55 -17.08 39.07
N GLY D 18 17.54 -17.44 38.27
CA GLY D 18 16.64 -16.47 37.69
C GLY D 18 17.03 -16.01 36.29
N THR D 19 18.22 -16.38 35.83
CA THR D 19 18.64 -15.94 34.51
C THR D 19 18.01 -16.80 33.44
N THR D 20 17.28 -16.16 32.53
CA THR D 20 16.67 -16.85 31.42
C THR D 20 17.65 -16.93 30.25
N ILE D 21 17.25 -17.70 29.24
CA ILE D 21 18.10 -17.89 28.05
C ILE D 21 18.21 -16.59 27.26
N LEU D 22 17.14 -15.80 27.24
CA LEU D 22 17.09 -14.62 26.38
C LEU D 22 18.11 -13.57 26.82
N GLU D 23 18.12 -13.23 28.11
CA GLU D 23 19.03 -12.19 28.59
C GLU D 23 20.47 -12.69 28.61
N ALA D 24 20.69 -13.98 28.86
CA ALA D 24 22.04 -14.52 28.85
C ALA D 24 22.59 -14.57 27.43
N ALA D 25 21.74 -14.91 26.46
CA ALA D 25 22.15 -14.89 25.06
C ALA D 25 22.47 -13.47 24.60
N ARG D 26 21.65 -12.51 25.02
CA ARG D 26 21.94 -11.11 24.71
C ARG D 26 23.24 -10.68 25.36
N MET D 27 23.49 -11.13 26.59
CA MET D 27 24.78 -10.88 27.22
C MET D 27 25.91 -11.57 26.47
N ASN D 28 25.63 -12.71 25.84
CA ASN D 28 26.68 -13.43 25.13
C ASN D 28 26.56 -13.19 23.63
N ASN D 29 26.20 -11.95 23.28
CA ASN D 29 26.11 -11.50 21.88
C ASN D 29 25.29 -12.37 20.93
N ILE D 30 24.09 -12.74 21.38
CA ILE D 30 23.14 -13.50 20.58
C ILE D 30 21.80 -12.78 20.65
N ASP D 31 21.18 -12.52 19.50
CA ASP D 31 19.95 -11.74 19.44
C ASP D 31 18.78 -12.59 18.97
N ILE D 32 17.66 -12.46 19.67
CA ILE D 32 16.45 -13.27 19.46
C ILE D 32 15.23 -12.34 19.40
N PRO D 33 14.32 -12.52 18.45
CA PRO D 33 13.16 -11.61 18.35
C PRO D 33 12.19 -11.77 19.50
N THR D 34 11.52 -10.67 19.84
CA THR D 34 10.46 -10.68 20.84
C THR D 34 9.47 -9.55 20.57
N LEU D 35 8.20 -9.82 20.80
CA LEU D 35 7.16 -8.82 20.95
C LEU D 35 6.48 -8.93 22.31
N CYS D 36 6.41 -10.14 22.86
CA CYS D 36 5.76 -10.41 24.13
C CYS D 36 6.46 -9.74 25.30
N TYR D 37 7.78 -9.75 25.35
CA TYR D 37 8.50 -9.45 26.58
C TYR D 37 8.83 -7.96 26.70
N LEU D 38 8.75 -7.47 27.94
CA LEU D 38 9.36 -6.22 28.35
C LEU D 38 9.89 -6.44 29.76
N LYS D 39 10.91 -5.65 30.12
CA LYS D 39 11.59 -5.83 31.41
C LYS D 39 10.64 -5.64 32.59
N ASP D 40 10.59 -6.66 33.46
CA ASP D 40 10.09 -6.63 34.84
C ASP D 40 8.55 -6.52 34.84
N ILE D 41 7.93 -6.36 33.68
CA ILE D 41 6.50 -6.03 33.68
C ILE D 41 5.70 -7.15 33.03
N ASN D 42 5.94 -7.38 31.73
CA ASN D 42 5.18 -8.30 30.92
C ASN D 42 5.97 -9.55 30.53
N GLU D 43 5.72 -10.65 31.22
CA GLU D 43 6.39 -11.92 30.94
C GLU D 43 5.33 -13.02 30.77
N ILE D 44 4.80 -13.12 29.55
CA ILE D 44 3.76 -14.09 29.25
C ILE D 44 4.24 -14.98 28.11
N GLY D 45 5.08 -14.43 27.25
CA GLY D 45 5.55 -15.17 26.10
C GLY D 45 4.52 -15.39 25.03
N ALA D 46 3.39 -14.67 25.11
CA ALA D 46 2.24 -14.98 24.27
C ALA D 46 2.42 -14.60 22.81
N CYS D 47 3.44 -13.80 22.49
CA CYS D 47 3.71 -13.51 21.09
C CYS D 47 4.18 -14.74 20.33
N ARG D 48 4.91 -15.62 21.01
CA ARG D 48 5.46 -16.85 20.44
C ARG D 48 6.32 -16.55 19.21
N MET D 49 7.09 -15.47 19.29
CA MET D 49 8.12 -15.16 18.32
C MET D 49 9.52 -15.46 18.81
N CYS D 50 9.70 -15.76 20.09
CA CYS D 50 11.01 -15.96 20.70
C CYS D 50 11.35 -17.44 20.83
N LEU D 51 11.01 -18.24 19.84
CA LEU D 51 11.22 -19.68 19.93
C LEU D 51 12.67 -20.03 19.65
N VAL D 52 13.25 -20.83 20.54
CA VAL D 52 14.58 -21.40 20.35
C VAL D 52 14.46 -22.91 20.54
N GLU D 53 15.21 -23.67 19.75
CA GLU D 53 15.20 -25.12 19.89
C GLU D 53 15.98 -25.53 21.12
N ILE D 54 15.37 -26.41 21.91
CA ILE D 54 16.03 -27.04 23.06
C ILE D 54 16.09 -28.54 22.78
N ALA D 55 17.29 -29.10 22.87
CA ALA D 55 17.48 -30.52 22.56
C ALA D 55 16.81 -31.40 23.60
N GLY D 56 16.21 -32.49 23.13
CA GLY D 56 15.52 -33.43 24.00
C GLY D 56 14.10 -33.05 24.34
N ALA D 57 13.58 -31.95 23.81
CA ALA D 57 12.24 -31.49 24.10
C ALA D 57 11.25 -32.05 23.09
N ARG D 58 9.99 -32.19 23.53
CA ARG D 58 8.96 -32.71 22.65
C ARG D 58 8.53 -31.68 21.62
N ALA D 59 8.40 -30.42 22.04
CA ALA D 59 8.13 -29.33 21.13
C ALA D 59 9.07 -28.17 21.51
N LEU D 60 9.01 -27.10 20.72
CA LEU D 60 9.87 -25.96 20.97
C LEU D 60 9.34 -25.15 22.15
N GLN D 61 10.23 -24.37 22.77
CA GLN D 61 9.86 -23.55 23.91
C GLN D 61 10.29 -22.11 23.69
N ALA D 62 9.56 -21.20 24.33
CA ALA D 62 9.83 -19.78 24.23
C ALA D 62 10.98 -19.39 25.13
N ALA D 63 11.94 -18.64 24.57
CA ALA D 63 13.16 -18.29 25.29
C ALA D 63 12.92 -17.38 26.50
N CYS D 64 12.00 -16.43 26.38
CA CYS D 64 11.78 -15.46 27.44
C CYS D 64 11.28 -16.12 28.72
N VAL D 65 10.38 -17.09 28.58
CA VAL D 65 9.73 -17.70 29.74
C VAL D 65 10.51 -18.90 30.28
N TYR D 66 11.33 -19.55 29.47
CA TYR D 66 11.96 -20.81 29.87
C TYR D 66 13.09 -20.53 30.86
N PRO D 67 13.06 -21.09 32.06
CA PRO D 67 14.20 -20.95 32.97
C PRO D 67 15.25 -22.01 32.71
N VAL D 68 16.50 -21.66 33.00
CA VAL D 68 17.61 -22.54 32.67
C VAL D 68 17.67 -23.71 33.65
N ALA D 69 18.45 -24.72 33.28
CA ALA D 69 18.72 -25.88 34.11
C ALA D 69 20.18 -26.27 33.90
N ASN D 70 20.60 -27.31 34.62
CA ASN D 70 22.00 -27.73 34.59
C ASN D 70 22.31 -28.52 33.33
N GLY D 71 23.25 -28.01 32.53
CA GLY D 71 23.83 -28.76 31.43
C GLY D 71 22.94 -29.06 30.26
N ILE D 72 22.21 -28.08 29.74
CA ILE D 72 21.39 -28.30 28.55
C ILE D 72 22.01 -27.56 27.37
N GLU D 73 22.23 -28.30 26.28
CA GLU D 73 22.79 -27.77 25.04
C GLU D 73 21.65 -27.44 24.08
N VAL D 74 21.62 -26.21 23.59
CA VAL D 74 20.50 -25.70 22.79
C VAL D 74 21.05 -25.03 21.54
N LEU D 75 20.25 -24.97 20.49
CA LEU D 75 20.63 -24.35 19.23
C LEU D 75 19.51 -23.46 18.70
N THR D 76 19.89 -22.47 17.90
CA THR D 76 18.96 -21.46 17.41
C THR D 76 19.02 -21.22 15.91
N ASN D 77 19.48 -22.20 15.13
CA ASN D 77 19.65 -22.02 13.70
C ASN D 77 19.13 -23.22 12.92
N SER D 78 18.07 -23.85 13.42
CA SER D 78 17.56 -25.04 12.77
C SER D 78 16.55 -24.67 11.69
N PRO D 79 16.36 -25.55 10.70
CA PRO D 79 15.21 -25.39 9.80
C PRO D 79 13.87 -25.46 10.52
N LYS D 80 13.78 -26.26 11.58
CA LYS D 80 12.52 -26.41 12.31
C LYS D 80 12.04 -25.09 12.88
N VAL D 81 12.91 -24.38 13.57
CA VAL D 81 12.53 -23.13 14.23
C VAL D 81 12.22 -22.06 13.19
N ARG D 82 13.02 -21.99 12.12
CA ARG D 82 12.79 -20.95 11.13
C ARG D 82 11.48 -21.17 10.38
N GLU D 83 11.14 -22.43 10.09
CA GLU D 83 9.86 -22.70 9.42
C GLU D 83 8.69 -22.46 10.36
N ALA D 84 8.85 -22.82 11.64
CA ALA D 84 7.78 -22.60 12.61
C ALA D 84 7.50 -21.11 12.78
N ARG D 85 8.55 -20.30 12.94
CA ARG D 85 8.34 -18.87 13.12
C ARG D 85 7.85 -18.22 11.83
N ARG D 86 8.22 -18.77 10.66
CA ARG D 86 7.65 -18.28 9.42
C ARG D 86 6.14 -18.53 9.37
N VAL D 87 5.71 -19.73 9.77
CA VAL D 87 4.28 -20.04 9.82
C VAL D 87 3.55 -19.12 10.79
N ASN D 88 4.12 -18.91 11.99
CA ASN D 88 3.43 -18.09 12.97
C ASN D 88 3.40 -16.62 12.56
N LEU D 89 4.44 -16.14 11.87
CA LEU D 89 4.44 -14.74 11.44
C LEU D 89 3.46 -14.54 10.28
N GLU D 90 3.40 -15.51 9.36
CA GLU D 90 2.35 -15.52 8.33
C GLU D 90 0.98 -15.46 8.96
N LEU D 91 0.77 -16.24 10.02
CA LEU D 91 -0.53 -16.29 10.67
C LEU D 91 -0.87 -14.97 11.35
N ILE D 92 0.07 -14.39 12.09
CA ILE D 92 -0.23 -13.21 12.87
C ILE D 92 -0.30 -11.98 11.97
N LEU D 93 0.27 -12.05 10.77
CA LEU D 93 0.19 -10.93 9.83
C LEU D 93 -1.23 -10.72 9.29
N SER D 94 -2.08 -11.74 9.35
CA SER D 94 -3.38 -11.72 8.68
C SER D 94 -4.34 -10.67 9.22
N ASN D 95 -4.29 -10.37 10.52
CA ASN D 95 -5.25 -9.47 11.14
C ASN D 95 -5.06 -7.97 10.95
N HIS D 96 -3.92 -7.45 11.37
CA HIS D 96 -3.64 -6.02 11.27
C HIS D 96 -3.78 -5.53 9.82
N ASN D 97 -4.37 -4.35 9.63
CA ASN D 97 -4.53 -3.82 8.28
C ASN D 97 -3.18 -3.55 7.57
N ARG D 98 -2.96 -4.14 6.40
CA ARG D 98 -1.70 -3.96 5.70
C ARG D 98 -1.55 -2.57 5.07
N GLU D 99 -2.42 -1.63 5.40
CA GLU D 99 -2.31 -0.28 4.86
C GLU D 99 -1.27 0.54 5.61
N CYS D 100 0.00 0.12 5.48
CA CYS D 100 1.09 0.70 6.24
C CYS D 100 1.47 2.10 5.81
N THR D 101 0.95 2.59 4.69
CA THR D 101 1.18 3.97 4.32
C THR D 101 0.45 4.95 5.23
N THR D 102 -0.55 4.48 5.97
CA THR D 102 -1.30 5.33 6.89
C THR D 102 -1.08 4.95 8.34
N CYS D 103 -0.24 3.96 8.62
CA CYS D 103 0.12 3.63 10.01
C CYS D 103 0.88 4.79 10.61
N ILE D 104 0.53 5.13 11.86
CA ILE D 104 0.93 6.42 12.42
C ILE D 104 2.43 6.48 12.64
N ARG D 105 3.01 5.45 13.26
CA ARG D 105 4.47 5.45 13.40
C ARG D 105 5.14 5.09 12.09
N SER D 106 4.53 4.18 11.32
CA SER D 106 5.02 3.70 10.04
C SER D 106 6.40 3.08 10.14
N GLU D 107 7.50 3.85 10.06
CA GLU D 107 8.83 3.25 9.95
C GLU D 107 9.41 2.71 11.24
N ASN D 108 8.85 3.14 12.37
CA ASN D 108 9.33 2.68 13.64
C ASN D 108 8.55 1.46 14.12
N CYS D 109 7.52 1.04 13.39
CA CYS D 109 6.77 -0.10 13.90
C CYS D 109 7.62 -1.36 13.72
N GLU D 110 7.92 -2.04 14.83
CA GLU D 110 8.93 -3.10 14.77
C GLU D 110 8.37 -4.33 14.09
N LEU D 111 7.04 -4.43 13.99
CA LEU D 111 6.43 -5.52 13.23
C LEU D 111 6.88 -5.48 11.78
N GLN D 112 7.13 -4.26 11.29
CA GLN D 112 7.64 -4.08 9.95
C GLN D 112 9.08 -4.60 9.90
N THR D 113 9.83 -4.39 10.98
CA THR D 113 11.21 -4.87 11.02
C THR D 113 11.26 -6.38 11.04
N LEU D 114 10.35 -7.02 11.79
CA LEU D 114 10.25 -8.47 11.76
C LEU D 114 9.84 -8.98 10.39
N ALA D 115 8.95 -8.25 9.71
CA ALA D 115 8.53 -8.66 8.38
C ALA D 115 9.67 -8.59 7.38
N THR D 116 10.41 -7.49 7.36
CA THR D 116 11.53 -7.37 6.43
C THR D 116 12.74 -8.17 6.89
N ASP D 117 12.73 -8.65 8.13
CA ASP D 117 13.87 -9.41 8.62
C ASP D 117 13.69 -10.91 8.38
N LEU D 118 12.47 -11.42 8.54
CA LEU D 118 12.29 -12.86 8.46
C LEU D 118 11.99 -13.35 7.06
N GLY D 119 12.05 -12.47 6.06
CA GLY D 119 11.90 -12.88 4.68
C GLY D 119 10.53 -13.41 4.33
N VAL D 120 9.48 -12.84 4.91
CA VAL D 120 8.12 -13.21 4.55
C VAL D 120 7.87 -12.78 3.10
N SER D 121 7.44 -13.73 2.27
CA SER D 121 7.35 -13.51 0.83
C SER D 121 5.94 -13.19 0.38
N ASP D 122 4.99 -14.08 0.62
CA ASP D 122 3.63 -13.90 0.18
C ASP D 122 2.68 -13.89 1.37
N ILE D 123 1.43 -13.53 1.11
CA ILE D 123 0.35 -13.68 2.07
C ILE D 123 -0.68 -14.61 1.44
N PRO D 124 -0.53 -15.93 1.63
CA PRO D 124 -1.50 -16.87 1.06
C PRO D 124 -2.83 -16.87 1.79
N PHE D 125 -2.93 -16.18 2.91
CA PHE D 125 -4.04 -16.39 3.84
C PHE D 125 -4.84 -15.10 3.95
N GLU D 126 -5.88 -15.00 3.12
CA GLU D 126 -6.86 -13.93 3.24
C GLU D 126 -7.91 -14.33 4.27
N GLY D 127 -8.79 -13.41 4.60
CA GLY D 127 -9.84 -13.72 5.55
C GLY D 127 -10.51 -12.47 6.07
N GLU D 128 -11.31 -12.67 7.10
CA GLU D 128 -12.16 -11.64 7.67
C GLU D 128 -11.73 -11.38 9.11
N LYS D 129 -11.77 -10.12 9.52
CA LYS D 129 -11.19 -9.68 10.79
C LYS D 129 -12.29 -9.50 11.83
N SER D 130 -11.95 -8.90 12.98
CA SER D 130 -12.87 -8.77 14.10
C SER D 130 -13.97 -7.75 13.80
N GLY D 131 -14.76 -7.46 14.84
CA GLY D 131 -15.81 -6.46 14.76
C GLY D 131 -15.29 -5.05 14.88
N LYS D 132 -15.47 -4.23 13.85
CA LYS D 132 -14.79 -2.95 13.79
C LYS D 132 -15.63 -1.82 14.38
N LEU D 133 -14.99 -1.00 15.20
CA LEU D 133 -15.54 0.26 15.66
C LEU D 133 -14.38 1.15 16.08
N ILE D 134 -14.56 2.46 15.98
CA ILE D 134 -13.54 3.42 16.35
C ILE D 134 -14.14 4.39 17.37
N ASP D 135 -13.54 4.45 18.55
CA ASP D 135 -14.02 5.32 19.62
C ASP D 135 -13.23 6.63 19.60
N ASP D 136 -13.55 7.45 18.60
CA ASP D 136 -12.91 8.75 18.43
C ASP D 136 -13.76 9.82 19.13
N LEU D 137 -13.93 9.63 20.44
CA LEU D 137 -14.73 10.57 21.22
C LEU D 137 -13.92 11.09 22.40
N SER D 138 -12.96 10.30 22.88
CA SER D 138 -12.09 10.74 23.96
C SER D 138 -11.20 11.88 23.48
N THR D 139 -10.98 12.85 24.37
CA THR D 139 -10.28 14.07 24.00
C THR D 139 -8.77 13.89 23.95
N SER D 140 -8.23 12.78 24.43
CA SER D 140 -6.80 12.58 24.50
C SER D 140 -6.34 11.40 23.65
N VAL D 141 -6.91 10.22 23.88
CA VAL D 141 -6.37 8.97 23.35
C VAL D 141 -7.49 8.23 22.63
N VAL D 142 -7.17 7.70 21.44
CA VAL D 142 -8.12 7.03 20.57
C VAL D 142 -7.59 5.64 20.27
N ARG D 143 -8.46 4.64 20.34
CA ARG D 143 -8.10 3.26 20.06
C ARG D 143 -8.57 2.88 18.66
N ASP D 144 -7.92 1.87 18.08
CA ASP D 144 -8.37 1.22 16.84
C ASP D 144 -7.93 -0.24 16.87
N GLU D 145 -8.90 -1.15 17.00
CA GLU D 145 -8.59 -2.56 17.12
C GLU D 145 -8.23 -3.21 15.80
N SER D 146 -8.34 -2.49 14.68
CA SER D 146 -7.93 -3.06 13.40
C SER D 146 -6.43 -3.27 13.31
N LYS D 147 -5.67 -2.59 14.16
CA LYS D 147 -4.22 -2.72 14.13
C LYS D 147 -3.68 -3.52 15.31
N CYS D 148 -4.47 -3.68 16.37
CA CYS D 148 -4.02 -4.37 17.58
C CYS D 148 -3.84 -5.86 17.33
N ILE D 149 -2.78 -6.41 17.92
CA ILE D 149 -2.49 -7.84 17.80
C ILE D 149 -2.53 -8.52 19.15
N LEU D 150 -3.12 -7.86 20.15
CA LEU D 150 -3.48 -8.46 21.44
C LEU D 150 -2.26 -8.95 22.22
N CYS D 151 -1.28 -8.06 22.41
CA CYS D 151 -0.08 -8.49 23.12
C CYS D 151 -0.20 -8.41 24.63
N LYS D 152 -1.31 -7.91 25.15
CA LYS D 152 -1.62 -7.76 26.58
C LYS D 152 -0.69 -6.78 27.30
N ARG D 153 0.22 -6.11 26.62
CA ARG D 153 1.18 -5.29 27.36
C ARG D 153 0.56 -4.00 27.84
N CYS D 154 -0.42 -3.48 27.09
CA CYS D 154 -1.11 -2.25 27.49
C CYS D 154 -1.88 -2.45 28.79
N VAL D 155 -2.64 -3.53 28.89
CA VAL D 155 -3.42 -3.77 30.10
C VAL D 155 -2.49 -4.11 31.26
N SER D 156 -1.35 -4.74 30.97
CA SER D 156 -0.39 -5.05 32.04
C SER D 156 0.26 -3.79 32.58
N VAL D 157 0.59 -2.84 31.71
CA VAL D 157 1.28 -1.65 32.18
C VAL D 157 0.31 -0.69 32.84
N CYS D 158 -0.96 -0.71 32.43
CA CYS D 158 -1.95 0.09 33.14
C CYS D 158 -2.36 -0.53 34.46
N ARG D 159 -2.32 -1.86 34.55
CA ARG D 159 -2.84 -2.55 35.73
C ARG D 159 -1.94 -2.38 36.94
N ASP D 160 -0.63 -2.58 36.75
CA ASP D 160 0.25 -2.85 37.87
C ASP D 160 1.16 -1.68 38.21
N VAL D 161 1.97 -1.23 37.24
CA VAL D 161 2.98 -0.23 37.53
C VAL D 161 2.39 1.17 37.64
N GLN D 162 1.20 1.31 37.08
CA GLN D 162 0.44 2.51 37.22
C GLN D 162 -0.61 2.41 38.36
N SER D 163 -1.07 1.19 38.73
CA SER D 163 -2.10 0.88 39.72
C SER D 163 -3.43 1.56 39.37
N VAL D 164 -3.76 1.59 38.08
CA VAL D 164 -5.01 2.19 37.65
C VAL D 164 -6.00 1.08 37.35
N ALA D 165 -5.63 0.18 36.44
CA ALA D 165 -6.36 -1.05 36.13
C ALA D 165 -7.80 -0.74 35.68
N VAL D 166 -7.89 -0.14 34.50
CA VAL D 166 -9.16 0.16 33.87
C VAL D 166 -9.34 -0.53 32.53
N LEU D 167 -8.43 -1.43 32.16
CA LEU D 167 -8.52 -2.16 30.91
C LEU D 167 -8.66 -3.65 31.20
N GLY D 168 -9.09 -4.41 30.19
CA GLY D 168 -9.22 -5.85 30.33
C GLY D 168 -9.45 -6.51 28.98
N THR D 169 -9.54 -7.83 29.02
CA THR D 169 -9.80 -8.65 27.85
C THR D 169 -11.27 -9.03 27.84
N VAL D 170 -11.86 -9.13 26.66
CA VAL D 170 -13.24 -9.57 26.53
C VAL D 170 -13.32 -10.64 25.44
N GLY D 171 -14.35 -11.47 25.55
CA GLY D 171 -14.73 -12.37 24.47
C GLY D 171 -13.84 -13.58 24.33
N ARG D 172 -14.27 -14.47 23.44
CA ARG D 172 -13.59 -15.72 23.12
C ARG D 172 -13.40 -15.80 21.62
N GLY D 173 -12.29 -16.40 21.20
CA GLY D 173 -12.00 -16.46 19.77
C GLY D 173 -11.63 -15.09 19.25
N PHE D 174 -12.29 -14.66 18.17
CA PHE D 174 -12.04 -13.32 17.65
C PHE D 174 -12.72 -12.26 18.49
N THR D 175 -13.74 -12.65 19.26
CA THR D 175 -14.39 -11.69 20.14
C THR D 175 -13.48 -11.28 21.30
N SER D 176 -12.39 -12.00 21.53
CA SER D 176 -11.35 -11.57 22.44
C SER D 176 -10.70 -10.29 21.94
N GLN D 177 -10.76 -9.23 22.73
CA GLN D 177 -10.12 -7.97 22.41
C GLN D 177 -9.95 -7.15 23.68
N VAL D 178 -9.12 -6.12 23.60
CA VAL D 178 -8.83 -5.30 24.77
C VAL D 178 -9.81 -4.12 24.82
N GLN D 179 -10.53 -4.02 25.93
CA GLN D 179 -11.61 -3.06 26.15
C GLN D 179 -11.61 -2.52 27.58
N PRO D 180 -12.19 -1.35 27.80
CA PRO D 180 -12.50 -0.94 29.17
C PRO D 180 -13.72 -1.65 29.70
N VAL D 181 -14.18 -1.25 30.88
CA VAL D 181 -15.30 -1.91 31.52
C VAL D 181 -16.60 -1.50 30.83
N PHE D 182 -17.37 -2.50 30.41
CA PHE D 182 -18.70 -2.37 29.84
C PHE D 182 -18.75 -1.51 28.58
N ASN D 183 -17.66 -1.53 27.81
CA ASN D 183 -17.54 -0.97 26.45
C ASN D 183 -18.18 0.42 26.27
N LYS D 184 -17.93 1.31 27.22
CA LYS D 184 -18.12 2.74 26.97
C LYS D 184 -16.77 3.36 26.64
N SER D 185 -16.80 4.65 26.29
CA SER D 185 -15.61 5.39 25.91
C SER D 185 -14.71 5.61 27.12
N LEU D 186 -13.45 5.93 26.83
CA LEU D 186 -12.48 6.20 27.88
C LEU D 186 -12.72 7.54 28.57
N ALA D 187 -13.58 8.39 28.01
CA ALA D 187 -13.79 9.73 28.54
C ALA D 187 -14.62 9.74 29.81
N ASP D 188 -15.50 8.75 30.02
CA ASP D 188 -16.38 8.74 31.17
C ASP D 188 -15.95 7.76 32.25
N VAL D 189 -14.92 6.97 32.00
CA VAL D 189 -14.45 5.98 32.97
C VAL D 189 -13.16 6.50 33.59
N GLY D 190 -12.67 5.79 34.61
CA GLY D 190 -11.60 6.31 35.44
C GLY D 190 -10.20 6.31 34.85
N CYS D 191 -10.08 6.48 33.54
CA CYS D 191 -8.78 6.69 32.92
C CYS D 191 -8.18 8.00 33.38
N ILE D 192 -6.86 8.03 33.50
CA ILE D 192 -6.17 9.17 34.07
C ILE D 192 -5.37 9.93 33.03
N ASN D 193 -5.57 9.63 31.75
CA ASN D 193 -4.69 10.10 30.67
C ASN D 193 -3.23 9.85 31.00
N CYS D 194 -2.94 8.60 31.36
CA CYS D 194 -1.61 8.25 31.87
C CYS D 194 -0.54 8.49 30.82
N GLY D 195 -0.80 8.11 29.58
CA GLY D 195 0.18 8.21 28.54
C GLY D 195 1.13 7.03 28.48
N GLN D 196 1.21 6.23 29.54
CA GLN D 196 1.96 4.99 29.42
C GLN D 196 1.13 3.92 28.76
N CYS D 197 -0.18 4.17 28.64
CA CYS D 197 -1.03 3.30 27.84
C CYS D 197 -0.62 3.35 26.38
N ILE D 198 -0.27 4.52 25.88
CA ILE D 198 0.08 4.63 24.47
C ILE D 198 1.54 4.34 24.18
N ILE D 199 2.45 4.62 25.11
CA ILE D 199 3.87 4.59 24.79
C ILE D 199 4.39 3.16 24.70
N ASN D 200 3.64 2.18 25.18
CA ASN D 200 4.14 0.81 25.18
C ASN D 200 3.39 -0.10 24.23
N CYS D 201 2.33 0.36 23.59
CA CYS D 201 1.63 -0.46 22.60
C CYS D 201 2.52 -0.65 21.38
N PRO D 202 2.70 -1.88 20.91
CA PRO D 202 3.67 -2.17 19.85
C PRO D 202 3.16 -1.96 18.44
N VAL D 203 1.89 -1.62 18.25
CA VAL D 203 1.31 -1.55 16.91
C VAL D 203 0.66 -0.22 16.60
N GLY D 204 0.66 0.77 17.48
CA GLY D 204 0.03 2.02 17.13
C GLY D 204 -1.48 1.96 17.10
N ALA D 205 -2.06 0.96 17.75
CA ALA D 205 -3.50 0.93 17.96
C ALA D 205 -3.96 2.03 18.89
N LEU D 206 -3.04 2.61 19.66
CA LEU D 206 -3.33 3.72 20.54
C LEU D 206 -2.73 4.97 19.92
N LYS D 207 -3.53 6.03 19.81
CA LYS D 207 -3.10 7.21 19.09
C LYS D 207 -3.58 8.47 19.79
N GLU D 208 -2.92 9.59 19.48
CA GLU D 208 -3.36 10.89 19.94
C GLU D 208 -4.45 11.42 18.99
N LYS D 209 -5.02 12.56 19.37
CA LYS D 209 -5.87 13.29 18.46
C LYS D 209 -5.03 14.29 17.67
N SER D 210 -4.77 13.99 16.40
CA SER D 210 -3.98 14.87 15.55
C SER D 210 -4.81 16.11 15.24
N ASP D 211 -4.48 17.22 15.90
CA ASP D 211 -5.27 18.45 15.84
C ASP D 211 -4.46 19.54 15.16
N ILE D 212 -3.82 19.19 14.04
CA ILE D 212 -2.93 20.10 13.34
C ILE D 212 -3.71 21.02 12.40
N GLN D 213 -4.94 20.64 12.04
CA GLN D 213 -5.70 21.40 11.05
C GLN D 213 -6.09 22.77 11.59
N ARG D 214 -6.39 22.87 12.88
CA ARG D 214 -6.68 24.20 13.40
C ARG D 214 -5.41 24.96 13.74
N VAL D 215 -4.28 24.28 13.90
CA VAL D 215 -2.99 24.98 13.91
C VAL D 215 -2.79 25.68 12.58
N TRP D 216 -3.07 24.97 11.49
CA TRP D 216 -2.92 25.56 10.16
C TRP D 216 -3.93 26.66 9.91
N ASP D 217 -5.15 26.50 10.43
CA ASP D 217 -6.15 27.56 10.29
C ASP D 217 -5.74 28.80 11.08
N ALA D 218 -5.20 28.63 12.29
CA ALA D 218 -4.78 29.76 13.10
C ALA D 218 -3.60 30.49 12.47
N ILE D 219 -2.62 29.75 11.96
CA ILE D 219 -1.49 30.42 11.30
C ILE D 219 -1.90 30.97 9.94
N ALA D 220 -2.99 30.46 9.35
CA ALA D 220 -3.42 30.91 8.03
C ALA D 220 -4.11 32.27 8.05
N ASP D 221 -4.60 32.71 9.22
CA ASP D 221 -5.24 34.01 9.31
C ASP D 221 -4.19 35.07 9.62
N PRO D 222 -4.05 36.11 8.79
CA PRO D 222 -3.06 37.16 9.09
C PRO D 222 -3.43 38.02 10.28
N SER D 223 -4.71 38.15 10.61
CA SER D 223 -5.14 39.02 11.70
C SER D 223 -4.90 38.41 13.06
N LYS D 224 -4.66 37.10 13.16
CA LYS D 224 -4.39 36.44 14.42
C LYS D 224 -2.88 36.31 14.59
N THR D 225 -2.36 36.83 15.69
CA THR D 225 -0.95 36.71 16.01
C THR D 225 -0.71 35.53 16.93
N VAL D 226 0.34 34.78 16.65
CA VAL D 226 0.58 33.46 17.25
C VAL D 226 1.80 33.54 18.15
N ILE D 227 1.67 32.96 19.35
CA ILE D 227 2.75 32.96 20.32
C ILE D 227 2.98 31.52 20.76
N VAL D 228 4.16 31.00 20.33
CA VAL D 228 4.55 29.66 20.63
C VAL D 228 5.35 29.52 21.90
N GLN D 229 5.28 28.33 22.49
CA GLN D 229 5.92 28.10 23.75
C GLN D 229 6.64 26.76 23.93
N THR D 230 7.91 26.78 24.37
CA THR D 230 8.73 25.57 24.56
C THR D 230 8.85 25.06 26.02
N ALA D 231 8.45 23.82 26.31
CA ALA D 231 8.59 23.25 27.68
C ALA D 231 10.05 23.05 28.03
N PRO D 232 10.37 23.09 29.34
CA PRO D 232 11.82 23.06 29.64
C PRO D 232 12.48 21.71 29.39
N ALA D 233 11.75 20.69 28.96
CA ALA D 233 12.37 19.37 28.84
C ALA D 233 12.14 18.72 27.47
N VAL D 234 11.68 19.48 26.48
CA VAL D 234 11.42 18.89 25.17
C VAL D 234 12.71 18.71 24.38
N ARG D 235 13.72 19.55 24.62
CA ARG D 235 14.90 19.60 23.75
C ARG D 235 15.78 18.38 23.86
N ALA D 236 15.55 17.49 24.82
CA ALA D 236 16.33 16.27 24.92
C ALA D 236 15.72 15.11 24.15
N ALA D 237 14.69 15.36 23.33
CA ALA D 237 13.99 14.28 22.65
C ALA D 237 13.80 14.47 21.16
N LEU D 238 14.17 15.62 20.58
CA LEU D 238 13.95 15.82 19.15
C LEU D 238 14.95 15.02 18.32
N GLY D 239 16.22 15.06 18.71
CA GLY D 239 17.24 14.31 17.99
C GLY D 239 17.01 12.81 17.98
N GLU D 240 16.25 12.30 18.96
CA GLU D 240 15.82 10.91 18.98
C GLU D 240 15.06 10.54 17.73
N GLU D 241 14.17 11.41 17.27
CA GLU D 241 13.47 11.16 16.01
C GLU D 241 14.20 11.79 14.82
N PHE D 242 15.35 12.42 15.07
CA PHE D 242 16.29 12.80 14.03
C PHE D 242 17.54 11.91 14.01
N GLY D 243 17.51 10.79 14.73
CA GLY D 243 18.61 9.84 14.70
C GLY D 243 19.90 10.33 15.32
N TYR D 244 19.86 11.39 16.10
CA TYR D 244 21.07 11.91 16.71
C TYR D 244 21.57 10.98 17.82
N PRO D 245 22.89 11.03 18.10
CA PRO D 245 23.41 10.39 19.32
C PRO D 245 22.78 10.93 20.59
N MET D 246 23.11 10.30 21.71
CA MET D 246 22.32 10.49 22.92
C MET D 246 22.60 11.86 23.53
N GLY D 247 21.55 12.56 23.93
CA GLY D 247 21.68 13.79 24.68
C GLY D 247 22.29 14.97 23.96
N THR D 248 21.83 15.29 22.76
CA THR D 248 22.34 16.44 22.02
C THR D 248 21.33 17.59 22.12
N SER D 249 21.80 18.74 22.60
CA SER D 249 20.96 19.93 22.74
C SER D 249 20.78 20.59 21.38
N VAL D 250 19.53 20.74 20.96
CA VAL D 250 19.21 21.26 19.63
C VAL D 250 18.44 22.55 19.87
N THR D 251 18.77 23.24 20.96
CA THR D 251 17.93 24.33 21.47
C THR D 251 17.88 25.51 20.50
N GLY D 252 19.04 26.12 20.22
CA GLY D 252 19.05 27.25 19.31
C GLY D 252 18.67 26.87 17.89
N LYS D 253 18.92 25.61 17.52
CA LYS D 253 18.54 25.14 16.19
C LYS D 253 17.03 25.08 16.03
N MET D 254 16.32 24.55 17.03
CA MET D 254 14.86 24.52 16.93
C MET D 254 14.29 25.91 17.11
N ALA D 255 14.98 26.78 17.85
CA ALA D 255 14.58 28.18 17.91
C ALA D 255 14.63 28.82 16.53
N ALA D 256 15.72 28.58 15.79
CA ALA D 256 15.84 29.11 14.45
C ALA D 256 14.82 28.48 13.51
N ALA D 257 14.52 27.20 13.71
CA ALA D 257 13.54 26.51 12.87
C ALA D 257 12.14 27.08 13.06
N LEU D 258 11.72 27.26 14.32
CA LEU D 258 10.40 27.83 14.59
C LEU D 258 10.34 29.31 14.19
N ARG D 259 11.48 29.99 14.19
CA ARG D 259 11.51 31.33 13.60
C ARG D 259 11.32 31.27 12.09
N ARG D 260 11.92 30.26 11.44
CA ARG D 260 11.78 30.10 10.00
C ARG D 260 10.37 29.67 9.61
N LEU D 261 9.62 29.07 10.54
CA LEU D 261 8.25 28.69 10.24
C LEU D 261 7.31 29.90 10.19
N GLY D 262 7.76 31.06 10.65
CA GLY D 262 6.98 32.27 10.53
C GLY D 262 6.12 32.60 11.73
N PHE D 263 6.34 31.93 12.86
CA PHE D 263 5.52 32.17 14.05
C PHE D 263 5.92 33.49 14.70
N ASP D 264 4.91 34.22 15.19
CA ASP D 264 5.10 35.63 15.51
C ASP D 264 5.91 35.84 16.78
N LYS D 265 5.65 35.08 17.84
CA LYS D 265 6.41 35.24 19.06
C LYS D 265 6.83 33.88 19.62
N VAL D 266 8.01 33.83 20.22
CA VAL D 266 8.57 32.61 20.79
C VAL D 266 8.91 32.85 22.25
N PHE D 267 8.52 31.91 23.12
CA PHE D 267 8.85 32.03 24.53
C PHE D 267 8.88 30.65 25.17
N ASP D 268 9.29 30.62 26.44
CA ASP D 268 9.51 29.39 27.17
C ASP D 268 8.72 29.34 28.48
N THR D 269 8.68 28.14 29.07
CA THR D 269 7.97 27.87 30.31
C THR D 269 8.81 28.24 31.53
N ASP D 270 10.09 28.59 31.30
CA ASP D 270 11.07 28.84 32.35
C ASP D 270 10.62 29.96 33.29
N PHE D 271 10.19 31.08 32.74
CA PHE D 271 9.94 32.27 33.55
C PHE D 271 8.67 32.08 34.38
N GLY D 272 7.63 31.51 33.77
CA GLY D 272 6.42 31.20 34.51
C GLY D 272 6.66 30.15 35.59
N ALA D 273 7.56 29.20 35.34
CA ALA D 273 7.93 28.24 36.37
C ALA D 273 8.63 28.93 37.53
N ASP D 274 9.49 29.91 37.23
CA ASP D 274 10.14 30.71 38.28
C ASP D 274 9.10 31.45 39.11
N VAL D 275 8.11 32.06 38.43
CA VAL D 275 7.04 32.77 39.12
C VAL D 275 6.24 31.82 40.01
N CYS D 276 5.98 30.61 39.50
CA CYS D 276 5.22 29.62 40.26
C CYS D 276 5.98 29.14 41.49
N ILE D 277 7.30 28.94 41.37
CA ILE D 277 8.08 28.52 42.53
C ILE D 277 8.12 29.62 43.59
N MET D 278 8.29 30.87 43.16
CA MET D 278 8.23 31.99 44.10
C MET D 278 6.87 32.07 44.79
N GLU D 279 5.80 31.88 44.02
CA GLU D 279 4.46 31.94 44.59
C GLU D 279 4.24 30.81 45.58
N GLU D 280 4.63 29.58 45.21
CA GLU D 280 4.42 28.42 46.07
C GLU D 280 5.21 28.55 47.35
N GLY D 281 6.41 29.13 47.29
CA GLY D 281 7.11 29.49 48.51
C GLY D 281 6.36 30.52 49.35
N THR D 282 5.65 31.44 48.69
CA THR D 282 4.89 32.43 49.46
C THR D 282 3.71 31.79 50.19
N GLU D 283 2.95 30.90 49.53
CA GLU D 283 1.93 30.19 50.33
C GLU D 283 2.54 29.20 51.31
N LEU D 284 3.75 28.71 51.07
CA LEU D 284 4.45 27.95 52.11
C LEU D 284 4.62 28.77 53.37
N ILE D 285 5.15 29.99 53.22
CA ILE D 285 5.33 30.87 54.37
C ILE D 285 3.97 31.20 55.01
N GLY D 286 2.96 31.43 54.18
CA GLY D 286 1.64 31.75 54.70
C GLY D 286 1.02 30.62 55.51
N ARG D 287 1.13 29.38 55.01
CA ARG D 287 0.51 28.26 55.70
C ARG D 287 1.32 27.83 56.92
N VAL D 288 2.65 27.95 56.88
CA VAL D 288 3.44 27.62 58.06
C VAL D 288 3.23 28.64 59.16
N THR D 289 3.25 29.92 58.80
CA THR D 289 3.13 30.97 59.81
C THR D 289 1.73 31.05 60.41
N ASN D 290 0.71 30.52 59.72
CA ASN D 290 -0.65 30.53 60.25
C ASN D 290 -1.09 29.14 60.67
N GLY D 291 -0.20 28.15 60.62
CA GLY D 291 -0.55 26.79 61.03
C GLY D 291 -1.59 26.15 60.14
N GLY D 292 -1.42 26.26 58.83
CA GLY D 292 -2.41 25.78 57.90
C GLY D 292 -2.46 24.26 57.80
N VAL D 293 -3.19 23.81 56.77
CA VAL D 293 -3.38 22.37 56.55
C VAL D 293 -2.06 21.73 56.13
N LEU D 294 -1.70 20.65 56.83
CA LEU D 294 -0.46 19.94 56.56
C LEU D 294 -0.73 18.50 56.17
N PRO D 295 0.05 17.93 55.23
CA PRO D 295 1.04 18.63 54.39
C PRO D 295 0.37 19.36 53.24
N MET D 296 1.06 20.36 52.68
CA MET D 296 0.61 21.01 51.46
C MET D 296 1.27 20.34 50.26
N ILE D 297 0.55 20.29 49.15
CA ILE D 297 0.95 19.52 47.99
C ILE D 297 0.81 20.41 46.76
N THR D 298 1.80 20.34 45.87
CA THR D 298 1.84 21.18 44.68
C THR D 298 0.82 20.69 43.64
N SER D 299 0.84 21.30 42.45
CA SER D 299 -0.09 20.96 41.38
C SER D 299 0.61 20.99 40.02
N CYS D 300 1.78 20.36 39.93
CA CYS D 300 2.56 20.45 38.70
C CYS D 300 1.95 19.62 37.56
N SER D 301 1.40 18.46 37.87
CA SER D 301 0.85 17.61 36.84
C SER D 301 -0.67 17.57 36.88
N PRO D 302 -1.33 17.63 35.73
CA PRO D 302 -2.80 17.47 35.73
C PRO D 302 -3.24 16.05 35.97
N GLY D 303 -2.38 15.08 35.70
CA GLY D 303 -2.75 13.68 35.76
C GLY D 303 -3.14 13.20 37.14
N TRP D 304 -2.23 13.34 38.10
CA TRP D 304 -2.53 12.79 39.42
C TRP D 304 -3.53 13.66 40.18
N ILE D 305 -3.61 14.95 39.88
CA ILE D 305 -4.64 15.75 40.54
C ILE D 305 -6.01 15.37 40.01
N LYS D 306 -6.12 15.06 38.71
CA LYS D 306 -7.39 14.55 38.20
C LYS D 306 -7.67 13.18 38.80
N PHE D 307 -6.61 12.38 39.00
CA PHE D 307 -6.74 11.08 39.65
C PHE D 307 -7.32 11.21 41.05
N ILE D 308 -6.83 12.19 41.82
CA ILE D 308 -7.33 12.39 43.19
C ILE D 308 -8.78 12.87 43.15
N GLU D 309 -9.07 13.88 42.33
CA GLU D 309 -10.44 14.40 42.34
C GLU D 309 -11.45 13.45 41.74
N THR D 310 -11.02 12.48 40.92
CA THR D 310 -11.93 11.45 40.45
C THR D 310 -11.95 10.22 41.36
N TYR D 311 -10.98 10.11 42.26
CA TYR D 311 -10.93 8.96 43.16
C TYR D 311 -11.11 9.32 44.63
N TYR D 312 -10.44 10.37 45.12
CA TYR D 312 -10.34 10.64 46.55
C TYR D 312 -10.79 12.06 46.82
N PRO D 313 -12.11 12.30 46.83
CA PRO D 313 -12.60 13.67 47.06
C PRO D 313 -12.43 14.15 48.50
N GLU D 314 -12.12 13.27 49.44
CA GLU D 314 -11.90 13.67 50.82
C GLU D 314 -10.55 14.34 51.05
N ALA D 315 -9.65 14.31 50.07
CA ALA D 315 -8.32 14.86 50.21
C ALA D 315 -8.19 16.27 49.64
N ILE D 316 -9.31 16.94 49.33
CA ILE D 316 -9.25 18.27 48.73
C ILE D 316 -8.57 19.35 49.58
N PRO D 317 -8.76 19.47 50.92
CA PRO D 317 -8.25 20.68 51.59
C PRO D 317 -6.73 20.77 51.69
N HIS D 318 -5.99 19.81 51.16
CA HIS D 318 -4.54 19.82 51.24
C HIS D 318 -3.88 20.33 49.95
N LEU D 319 -4.66 20.77 48.97
CA LEU D 319 -4.09 21.13 47.68
C LEU D 319 -3.51 22.53 47.69
N SER D 320 -2.89 22.90 46.57
CA SER D 320 -2.39 24.24 46.33
C SER D 320 -3.32 24.97 45.36
N SER D 321 -3.68 26.20 45.70
CA SER D 321 -4.62 26.96 44.88
C SER D 321 -4.00 27.45 43.57
N CYS D 322 -2.68 27.46 43.46
CA CYS D 322 -2.03 27.87 42.22
C CYS D 322 -2.22 26.80 41.14
N LYS D 323 -2.03 27.21 39.89
CA LYS D 323 -2.17 26.31 38.77
C LYS D 323 -0.81 25.85 38.24
N SER D 324 -0.86 25.14 37.12
CA SER D 324 0.35 24.74 36.40
C SER D 324 1.04 25.99 35.84
N PRO D 325 2.36 25.91 35.61
CA PRO D 325 3.07 27.09 35.06
C PRO D 325 2.56 27.56 33.71
N GLN D 326 2.08 26.64 32.88
CA GLN D 326 1.68 26.99 31.52
C GLN D 326 0.44 27.88 31.54
N ASN D 327 -0.50 27.57 32.44
CA ASN D 327 -1.68 28.40 32.63
C ASN D 327 -1.28 29.80 33.10
N ILE D 328 -0.30 29.87 33.98
CA ILE D 328 0.16 31.14 34.52
C ILE D 328 0.77 31.99 33.42
N THR D 329 1.59 31.37 32.57
CA THR D 329 2.17 32.07 31.42
C THR D 329 1.10 32.56 30.46
N GLY D 330 0.09 31.72 30.21
CA GLY D 330 -1.00 32.13 29.34
C GLY D 330 -1.77 33.31 29.88
N ALA D 331 -2.06 33.29 31.19
CA ALA D 331 -2.81 34.40 31.80
C ALA D 331 -2.00 35.69 31.79
N LEU D 332 -0.73 35.63 32.18
CA LEU D 332 0.08 36.85 32.19
C LEU D 332 0.28 37.38 30.78
N LEU D 333 0.40 36.48 29.80
CA LEU D 333 0.58 36.91 28.43
C LEU D 333 -0.68 37.54 27.85
N LYS D 334 -1.85 37.04 28.22
CA LYS D 334 -3.06 37.65 27.68
C LYS D 334 -3.52 38.84 28.51
N ASN D 335 -2.89 39.14 29.64
CA ASN D 335 -3.25 40.33 30.39
C ASN D 335 -2.19 41.42 30.32
N HIS D 336 -0.97 41.16 30.79
CA HIS D 336 0.03 42.21 30.90
C HIS D 336 0.55 42.61 29.52
N TYR D 337 0.88 41.62 28.68
CA TYR D 337 1.35 41.92 27.33
C TYR D 337 0.25 42.57 26.49
N ALA D 338 -0.99 42.14 26.69
CA ALA D 338 -2.11 42.73 25.96
C ALA D 338 -2.32 44.18 26.35
N GLN D 339 -2.22 44.49 27.64
CA GLN D 339 -2.41 45.88 28.07
C GLN D 339 -1.23 46.75 27.68
N THR D 340 -0.02 46.18 27.69
CA THR D 340 1.16 46.94 27.30
C THR D 340 1.18 47.23 25.81
N ASN D 341 0.80 46.26 24.99
CA ASN D 341 0.94 46.36 23.54
C ASN D 341 -0.35 46.75 22.84
N ASN D 342 -1.45 46.93 23.57
CA ASN D 342 -2.75 47.37 23.03
C ASN D 342 -3.26 46.44 21.93
N ILE D 343 -3.09 45.13 22.14
CA ILE D 343 -3.55 44.12 21.21
C ILE D 343 -4.71 43.38 21.86
N ASP D 344 -5.80 43.23 21.11
CA ASP D 344 -7.03 42.66 21.65
C ASP D 344 -6.83 41.21 22.05
N PRO D 345 -7.29 40.81 23.25
CA PRO D 345 -7.03 39.43 23.73
C PRO D 345 -7.64 38.35 22.87
N LYS D 346 -8.81 38.60 22.28
CA LYS D 346 -9.44 37.59 21.44
C LYS D 346 -8.86 37.54 20.04
N ASP D 347 -7.95 38.45 19.70
CA ASP D 347 -7.24 38.40 18.43
C ASP D 347 -5.87 37.75 18.54
N MET D 348 -5.50 37.23 19.71
CA MET D 348 -4.24 36.54 19.91
C MET D 348 -4.50 35.05 20.08
N VAL D 349 -3.59 34.22 19.57
CA VAL D 349 -3.61 32.78 19.78
C VAL D 349 -2.26 32.36 20.37
N VAL D 350 -2.31 31.52 21.39
CA VAL D 350 -1.11 31.01 22.04
C VAL D 350 -1.11 29.48 21.97
N VAL D 351 -0.03 28.92 21.47
CA VAL D 351 0.14 27.48 21.39
C VAL D 351 1.44 27.11 22.07
N SER D 352 1.43 26.01 22.79
CA SER D 352 2.55 25.59 23.60
C SER D 352 2.74 24.08 23.51
N ILE D 353 3.95 23.64 23.79
CA ILE D 353 4.28 22.22 23.74
C ILE D 353 4.58 21.73 25.15
N MET D 354 4.11 20.51 25.44
CA MET D 354 4.53 19.77 26.62
C MET D 354 4.21 18.30 26.39
N PRO D 355 5.18 17.40 26.60
CA PRO D 355 4.96 15.98 26.32
C PRO D 355 3.92 15.29 27.19
N CYS D 356 3.51 15.89 28.30
CA CYS D 356 2.52 15.27 29.17
C CYS D 356 1.16 15.34 28.51
N THR D 357 0.60 14.17 28.18
CA THR D 357 -0.60 14.07 27.36
C THR D 357 -1.86 14.47 28.10
N ALA D 358 -1.81 14.53 29.44
CA ALA D 358 -2.97 14.93 30.21
C ALA D 358 -3.34 16.40 30.03
N LYS D 359 -2.42 17.21 29.49
CA LYS D 359 -2.65 18.63 29.28
C LYS D 359 -3.81 18.88 28.34
N LYS D 360 -4.00 18.01 27.34
CA LYS D 360 -5.12 18.16 26.42
C LYS D 360 -6.45 18.02 27.14
N TYR D 361 -6.46 17.40 28.32
CA TYR D 361 -7.68 17.38 29.12
C TYR D 361 -7.99 18.75 29.70
N GLU D 362 -6.98 19.45 30.25
CA GLU D 362 -7.31 20.64 31.01
C GLU D 362 -7.71 21.79 30.11
N VAL D 363 -7.29 21.76 28.85
CA VAL D 363 -7.77 22.73 27.87
C VAL D 363 -9.27 22.53 27.63
N GLN D 364 -9.73 21.29 27.77
CA GLN D 364 -11.17 21.02 27.80
C GLN D 364 -11.85 21.67 28.99
N ARG D 365 -11.15 21.80 30.12
CA ARG D 365 -11.77 22.36 31.32
C ARG D 365 -12.07 23.84 31.15
N GLU D 366 -13.27 24.24 31.52
CA GLU D 366 -13.71 25.62 31.36
C GLU D 366 -13.34 26.50 32.54
N GLU D 367 -13.00 25.89 33.69
CA GLU D 367 -12.83 26.67 34.92
C GLU D 367 -11.54 27.46 34.92
N LEU D 368 -10.56 27.03 34.11
CA LEU D 368 -9.29 27.76 33.97
C LEU D 368 -9.50 28.84 32.91
N CYS D 369 -10.25 29.88 33.29
CA CYS D 369 -10.60 30.94 32.37
C CYS D 369 -10.33 32.29 33.03
N THR D 370 -9.87 33.24 32.22
CA THR D 370 -9.60 34.60 32.65
C THR D 370 -10.59 35.53 31.98
N ASP D 371 -11.50 36.12 32.79
CA ASP D 371 -12.61 36.95 32.32
C ASP D 371 -13.44 36.18 31.27
N GLY D 372 -13.71 34.92 31.55
CA GLY D 372 -14.44 34.07 30.63
C GLY D 372 -13.66 33.61 29.42
N ASN D 373 -12.36 33.88 29.37
CA ASN D 373 -11.52 33.49 28.24
C ASN D 373 -10.52 32.44 28.69
N ALA D 374 -10.42 31.35 27.93
CA ALA D 374 -9.49 30.27 28.25
C ALA D 374 -8.05 30.77 28.19
N ASP D 375 -7.23 30.31 29.14
CA ASP D 375 -5.88 30.82 29.28
C ASP D 375 -5.00 30.46 28.09
N VAL D 376 -5.03 29.20 27.67
CA VAL D 376 -4.41 28.76 26.44
C VAL D 376 -5.44 27.97 25.65
N ASP D 377 -5.58 28.31 24.37
CA ASP D 377 -6.65 27.77 23.54
C ASP D 377 -6.24 26.56 22.72
N ILE D 378 -4.96 26.24 22.67
CA ILE D 378 -4.44 25.20 21.78
C ILE D 378 -3.06 24.79 22.22
N SER D 379 -2.78 23.49 22.11
CA SER D 379 -1.48 22.94 22.49
C SER D 379 -1.20 21.66 21.72
N ILE D 380 0.07 21.43 21.40
CA ILE D 380 0.51 20.26 20.66
C ILE D 380 1.61 19.57 21.45
N THR D 381 1.98 18.37 21.01
CA THR D 381 2.98 17.56 21.69
C THR D 381 4.29 17.53 20.92
N THR D 382 5.27 16.82 21.50
CA THR D 382 6.57 16.68 20.86
C THR D 382 6.47 15.82 19.60
N ARG D 383 5.69 14.74 19.66
CA ARG D 383 5.44 13.95 18.45
C ARG D 383 4.63 14.75 17.44
N GLU D 384 3.67 15.55 17.92
CA GLU D 384 2.90 16.41 17.04
C GLU D 384 3.80 17.45 16.39
N LEU D 385 4.73 18.03 17.16
CA LEU D 385 5.70 18.96 16.62
C LEU D 385 6.62 18.28 15.60
N ALA D 386 6.99 17.02 15.88
CA ALA D 386 7.83 16.29 14.94
C ALA D 386 7.10 16.04 13.63
N ARG D 387 5.82 15.69 13.71
CA ARG D 387 5.04 15.49 12.49
C ARG D 387 4.87 16.80 11.72
N MET D 388 4.69 17.91 12.44
CA MET D 388 4.52 19.19 11.76
C MET D 388 5.83 19.66 11.13
N ILE D 389 6.96 19.45 11.82
CA ILE D 389 8.23 19.88 11.25
C ILE D 389 8.64 18.98 10.11
N LYS D 390 8.25 17.69 10.12
CA LYS D 390 8.47 16.88 8.93
C LYS D 390 7.47 17.18 7.83
N GLU D 391 6.35 17.82 8.13
CA GLU D 391 5.59 18.43 7.05
C GLU D 391 6.43 19.57 6.46
N ALA D 392 6.98 20.40 7.34
CA ALA D 392 7.86 21.48 6.88
C ALA D 392 9.16 20.93 6.34
N ARG D 393 9.61 19.77 6.87
CA ARG D 393 10.76 18.95 6.43
C ARG D 393 11.99 19.80 6.07
N ILE D 394 12.22 20.81 6.89
CA ILE D 394 13.38 21.67 6.77
C ILE D 394 14.61 20.83 7.08
N LEU D 395 15.72 21.14 6.42
CA LEU D 395 16.92 20.34 6.60
C LEU D 395 17.54 20.74 7.94
N PHE D 396 17.19 19.97 8.98
CA PHE D 396 17.38 20.39 10.37
C PHE D 396 18.85 20.47 10.77
N ASN D 397 19.70 19.65 10.18
CA ASN D 397 21.04 19.45 10.72
C ASN D 397 22.01 20.58 10.39
N LYS D 398 21.60 21.58 9.60
CA LYS D 398 22.49 22.66 9.21
C LYS D 398 21.93 24.04 9.57
N LEU D 399 21.29 24.18 10.74
CA LEU D 399 20.77 25.46 11.19
C LEU D 399 21.76 26.15 12.13
N PRO D 400 21.76 27.49 12.14
CA PRO D 400 22.48 28.23 13.19
C PRO D 400 21.66 28.33 14.47
N ASP D 401 22.18 29.05 15.46
CA ASP D 401 21.55 29.15 16.77
C ASP D 401 21.05 30.57 17.03
N GLU D 402 19.95 30.68 17.75
CA GLU D 402 19.33 31.96 18.09
C GLU D 402 18.88 31.95 19.55
N ASP D 403 18.51 33.12 20.04
CA ASP D 403 18.05 33.30 21.40
C ASP D 403 16.61 33.82 21.38
N PHE D 404 15.93 33.70 22.51
CA PHE D 404 14.54 34.12 22.64
C PHE D 404 14.47 35.63 22.91
N ASP D 405 13.24 36.10 23.17
CA ASP D 405 13.01 37.53 23.18
C ASP D 405 12.79 38.07 24.60
N ASP D 406 12.54 39.36 24.66
CA ASP D 406 12.46 40.16 25.87
C ASP D 406 11.00 40.51 26.15
N TYR D 407 10.58 40.40 27.41
CA TYR D 407 11.40 40.12 28.59
C TYR D 407 11.40 38.64 28.93
N TYR D 408 10.41 37.94 28.43
CA TYR D 408 9.84 36.78 29.11
C TYR D 408 10.56 35.46 28.79
N GLY D 409 11.79 35.51 28.27
CA GLY D 409 12.49 34.29 27.91
C GLY D 409 13.80 34.04 28.62
N GLU D 410 14.01 34.69 29.76
CA GLU D 410 15.29 34.61 30.45
C GLU D 410 15.48 33.24 31.10
N SER D 411 16.74 32.91 31.39
CA SER D 411 17.13 31.56 31.75
C SER D 411 17.84 31.51 33.10
N THR D 412 17.42 30.56 33.95
CA THR D 412 18.13 30.20 35.17
C THR D 412 18.20 28.69 35.28
N GLY D 413 19.25 28.20 35.94
CA GLY D 413 19.42 26.76 36.08
C GLY D 413 18.47 26.11 37.06
N ALA D 414 17.97 26.89 38.04
CA ALA D 414 17.04 26.37 39.04
C ALA D 414 15.73 25.90 38.43
N ALA D 415 15.37 26.41 37.25
CA ALA D 415 14.27 25.87 36.47
C ALA D 415 14.73 25.18 35.20
N VAL D 416 16.04 25.09 34.97
CA VAL D 416 16.54 24.07 34.04
C VAL D 416 16.33 22.69 34.68
N ILE D 417 16.52 22.60 35.99
CA ILE D 417 16.32 21.33 36.72
C ILE D 417 14.85 21.16 37.11
N PHE D 418 13.98 22.04 36.59
CA PHE D 418 12.55 21.91 36.85
C PHE D 418 11.98 20.66 36.22
N GLY D 419 12.46 20.30 35.02
CA GLY D 419 11.93 19.14 34.32
C GLY D 419 12.38 17.81 34.88
N ALA D 420 13.37 17.82 35.78
CA ALA D 420 13.84 16.59 36.38
C ALA D 420 12.89 16.14 37.49
N THR D 421 13.21 15.02 38.12
CA THR D 421 12.36 14.46 39.17
C THR D 421 12.78 15.05 40.51
N GLY D 422 11.97 15.96 41.03
CA GLY D 422 12.22 16.54 42.34
C GLY D 422 12.95 17.88 42.34
N GLY D 423 13.22 18.45 41.17
CA GLY D 423 13.86 19.76 41.13
C GLY D 423 12.96 20.88 41.58
N VAL D 424 11.65 20.67 41.57
CA VAL D 424 10.70 21.67 42.04
C VAL D 424 10.90 21.92 43.53
N MET D 425 11.02 20.85 44.31
CA MET D 425 11.26 20.98 45.74
C MET D 425 12.65 21.53 46.01
N GLU D 426 13.61 21.21 45.14
CA GLU D 426 14.96 21.74 45.27
C GLU D 426 14.95 23.26 45.14
N ALA D 427 14.30 23.77 44.08
CA ALA D 427 14.22 25.22 43.91
C ALA D 427 13.38 25.88 45.00
N ALA D 428 12.34 25.19 45.47
CA ALA D 428 11.51 25.74 46.54
C ALA D 428 12.29 25.88 47.84
N VAL D 429 13.07 24.86 48.21
CA VAL D 429 13.85 24.96 49.43
C VAL D 429 14.97 25.97 49.25
N ARG D 430 15.49 26.11 48.02
CA ARG D 430 16.50 27.13 47.75
C ARG D 430 15.96 28.54 47.99
N THR D 431 14.78 28.85 47.43
CA THR D 431 14.24 30.20 47.57
C THR D 431 13.77 30.46 48.99
N VAL D 432 13.23 29.44 49.67
CA VAL D 432 12.78 29.69 51.04
C VAL D 432 13.95 29.82 51.98
N ALA D 433 15.08 29.16 51.67
CA ALA D 433 16.27 29.31 52.50
C ALA D 433 16.94 30.64 52.26
N ASP D 434 16.92 31.13 51.02
CA ASP D 434 17.50 32.44 50.74
C ASP D 434 16.62 33.55 51.32
N VAL D 435 15.30 33.37 51.32
CA VAL D 435 14.41 34.39 51.87
C VAL D 435 14.49 34.41 53.39
N LEU D 436 14.37 33.25 54.03
CA LEU D 436 14.21 33.23 55.48
C LEU D 436 15.52 33.15 56.24
N ASN D 437 16.54 32.50 55.69
CA ASN D 437 17.79 32.30 56.41
C ASN D 437 19.05 32.59 55.61
N LYS D 438 18.92 33.07 54.37
CA LYS D 438 20.06 33.43 53.51
C LYS D 438 21.02 32.25 53.29
N LYS D 439 20.45 31.09 53.02
CA LYS D 439 21.22 29.86 52.80
C LYS D 439 21.27 29.53 51.31
N ASP D 440 22.46 29.22 50.82
CA ASP D 440 22.70 28.95 49.40
C ASP D 440 23.08 27.48 49.24
N ILE D 441 22.10 26.67 48.84
CA ILE D 441 22.28 25.24 48.67
C ILE D 441 22.02 24.89 47.21
N GLN D 442 22.68 23.83 46.73
CA GLN D 442 22.51 23.37 45.35
C GLN D 442 22.02 21.93 45.25
N GLU D 443 22.49 21.05 46.12
CA GLU D 443 22.12 19.64 46.09
C GLU D 443 21.76 19.18 47.50
N ILE D 444 20.89 18.17 47.56
CA ILE D 444 20.33 17.69 48.82
C ILE D 444 20.57 16.20 48.93
N ASP D 445 21.02 15.75 50.10
CA ASP D 445 21.17 14.34 50.40
C ASP D 445 19.81 13.64 50.35
N TYR D 446 19.77 12.48 49.71
CA TYR D 446 18.54 11.72 49.53
C TYR D 446 18.70 10.33 50.11
N GLN D 447 17.80 9.95 51.01
CA GLN D 447 17.73 8.58 51.51
C GLN D 447 16.47 7.92 50.94
N ILE D 448 16.67 6.93 50.08
CA ILE D 448 15.56 6.24 49.43
C ILE D 448 15.14 5.08 50.31
N VAL D 449 13.83 4.89 50.45
CA VAL D 449 13.29 3.80 51.26
C VAL D 449 13.72 2.46 50.66
N ARG D 450 14.18 1.55 51.52
CA ARG D 450 14.68 0.27 51.07
C ARG D 450 13.53 -0.62 50.58
N GLY D 451 13.72 -1.24 49.42
CA GLY D 451 12.73 -2.13 48.86
C GLY D 451 11.76 -1.47 47.90
N VAL D 452 11.61 -0.16 47.95
CA VAL D 452 10.72 0.59 47.06
C VAL D 452 11.54 1.62 46.31
N ASP D 453 11.50 1.56 44.99
CA ASP D 453 12.15 2.55 44.14
C ASP D 453 11.11 3.49 43.55
N GLY D 454 11.38 4.79 43.62
CA GLY D 454 10.45 5.81 43.22
C GLY D 454 9.94 6.66 44.37
N ILE D 455 10.02 6.16 45.59
CA ILE D 455 9.73 6.96 46.78
C ILE D 455 11.07 7.42 47.35
N LYS D 456 11.09 8.67 47.81
CA LYS D 456 12.32 9.28 48.30
C LYS D 456 11.99 10.18 49.48
N LYS D 457 12.81 10.11 50.52
CA LYS D 457 12.57 10.85 51.75
C LYS D 457 13.83 11.59 52.13
N ALA D 458 13.65 12.76 52.74
CA ALA D 458 14.77 13.55 53.23
C ALA D 458 14.27 14.45 54.35
N SER D 459 15.21 15.06 55.07
CA SER D 459 14.89 16.04 56.11
C SER D 459 15.90 17.17 55.99
N VAL D 460 15.44 18.34 55.53
CA VAL D 460 16.30 19.48 55.31
C VAL D 460 16.02 20.51 56.39
N GLU D 461 17.08 20.95 57.06
CA GLU D 461 16.97 22.00 58.07
C GLU D 461 16.91 23.35 57.35
N VAL D 462 15.70 23.82 57.09
CA VAL D 462 15.53 25.12 56.45
C VAL D 462 15.97 26.23 57.41
N THR D 463 15.51 26.16 58.65
CA THR D 463 15.92 27.05 59.73
C THR D 463 16.29 26.19 60.93
N PRO D 464 17.16 26.71 61.81
CA PRO D 464 17.44 25.98 63.06
C PRO D 464 16.22 25.80 63.96
N ASP D 465 15.21 26.64 63.80
CA ASP D 465 13.95 26.48 64.54
C ASP D 465 12.99 25.52 63.87
N LEU D 466 12.96 25.46 62.54
CA LEU D 466 11.96 24.66 61.83
C LEU D 466 12.68 23.82 60.78
N THR D 467 12.57 22.50 60.90
CA THR D 467 13.13 21.55 59.95
C THR D 467 12.00 20.98 59.09
N VAL D 468 12.20 20.98 57.78
CA VAL D 468 11.14 20.58 56.86
C VAL D 468 11.50 19.23 56.24
N ASN D 469 10.54 18.31 56.26
CA ASN D 469 10.74 16.99 55.67
C ASN D 469 10.33 16.99 54.20
N LEU D 470 11.00 16.15 53.41
CA LEU D 470 10.82 16.05 51.97
C LEU D 470 10.36 14.65 51.61
N VAL D 471 9.28 14.56 50.84
CA VAL D 471 8.79 13.29 50.29
C VAL D 471 8.58 13.49 48.79
N VAL D 472 9.27 12.69 47.98
CA VAL D 472 9.13 12.71 46.53
C VAL D 472 8.62 11.35 46.07
N ALA D 473 7.46 11.35 45.40
CA ALA D 473 6.83 10.11 44.98
C ALA D 473 6.43 10.23 43.51
N HIS D 474 7.08 9.46 42.66
CA HIS D 474 6.80 9.45 41.23
C HIS D 474 6.60 8.01 40.77
N GLY D 475 5.57 7.79 39.96
CA GLY D 475 5.17 6.43 39.61
C GLY D 475 3.83 6.17 40.28
N GLY D 476 2.97 5.43 39.56
CA GLY D 476 1.60 5.23 40.03
C GLY D 476 1.51 4.42 41.31
N ALA D 477 2.34 3.38 41.42
CA ALA D 477 2.32 2.55 42.63
C ALA D 477 2.80 3.35 43.84
N ASN D 478 3.81 4.19 43.66
CA ASN D 478 4.30 5.04 44.73
C ASN D 478 3.23 6.01 45.19
N ILE D 479 2.52 6.63 44.25
CA ILE D 479 1.43 7.55 44.59
C ILE D 479 0.32 6.81 45.32
N ARG D 480 0.01 5.59 44.86
CA ARG D 480 -1.02 4.79 45.50
C ARG D 480 -0.67 4.47 46.95
N GLU D 481 0.58 4.07 47.20
CA GLU D 481 0.93 3.67 48.56
C GLU D 481 1.14 4.86 49.49
N VAL D 482 1.64 6.00 48.99
CA VAL D 482 1.68 7.18 49.84
C VAL D 482 0.28 7.69 50.13
N MET D 483 -0.65 7.55 49.16
CA MET D 483 -2.05 7.89 49.42
C MET D 483 -2.64 7.00 50.51
N GLU D 484 -2.34 5.70 50.45
CA GLU D 484 -2.85 4.78 51.46
C GLU D 484 -2.30 5.13 52.85
N GLN D 485 -1.01 5.42 52.98
CA GLN D 485 -0.52 5.71 54.32
C GLN D 485 -0.91 7.11 54.80
N LEU D 486 -1.11 8.08 53.90
CA LEU D 486 -1.62 9.36 54.42
C LEU D 486 -3.10 9.26 54.75
N LYS D 487 -3.80 8.29 54.17
CA LYS D 487 -5.20 8.09 54.49
C LYS D 487 -5.36 7.68 55.95
N ALA D 488 -4.47 6.82 56.46
CA ALA D 488 -4.42 6.54 57.89
C ALA D 488 -3.74 7.65 58.68
N GLY D 489 -3.10 8.61 58.01
CA GLY D 489 -2.47 9.71 58.70
C GLY D 489 -1.12 9.39 59.32
N GLU D 490 -0.39 8.42 58.75
CA GLU D 490 0.90 8.03 59.30
C GLU D 490 1.98 9.10 59.10
N LEU D 491 1.88 9.92 58.06
CA LEU D 491 2.94 10.84 57.68
C LEU D 491 2.51 12.29 57.91
N ALA D 492 1.91 12.56 59.07
CA ALA D 492 1.51 13.93 59.40
C ALA D 492 2.71 14.83 59.67
N ASP D 493 3.87 14.25 59.96
CA ASP D 493 5.05 15.03 60.31
C ASP D 493 5.60 15.85 59.15
N THR D 494 5.57 15.31 57.94
CA THR D 494 6.21 15.97 56.81
C THR D 494 5.38 17.15 56.33
N HIS D 495 5.97 17.96 55.45
CA HIS D 495 5.35 19.16 54.94
C HIS D 495 5.24 19.16 53.41
N PHE D 496 6.24 18.62 52.73
CA PHE D 496 6.23 18.52 51.28
C PHE D 496 5.88 17.09 50.85
N ILE D 497 4.89 16.98 49.98
CA ILE D 497 4.58 15.75 49.27
C ILE D 497 4.66 16.04 47.78
N GLU D 498 5.57 15.36 47.10
CA GLU D 498 5.76 15.55 45.67
C GLU D 498 5.14 14.38 44.92
N LEU D 499 3.94 14.58 44.38
CA LEU D 499 3.24 13.58 43.60
C LEU D 499 3.46 13.89 42.13
N MET D 500 3.96 12.91 41.39
CA MET D 500 4.32 13.08 39.99
C MET D 500 3.70 11.94 39.20
N ALA D 501 2.81 12.29 38.27
CA ALA D 501 1.94 11.31 37.60
C ALA D 501 2.72 10.28 36.81
N CYS D 502 3.59 10.75 35.93
CA CYS D 502 4.42 9.82 35.19
C CYS D 502 5.58 9.34 36.04
N PRO D 503 6.02 8.10 35.83
CA PRO D 503 7.25 7.65 36.49
C PRO D 503 8.48 8.22 35.78
N GLY D 504 9.53 8.46 36.55
CA GLY D 504 10.79 8.88 35.98
C GLY D 504 10.85 10.30 35.50
N GLY D 505 9.93 11.16 35.93
CA GLY D 505 9.93 12.55 35.52
C GLY D 505 9.30 12.74 34.16
N CYS D 506 9.00 14.01 33.85
CA CYS D 506 8.45 14.36 32.55
C CYS D 506 9.45 14.16 31.43
N VAL D 507 10.72 13.93 31.74
CA VAL D 507 11.68 13.41 30.78
C VAL D 507 11.41 11.95 30.42
N ASN D 508 10.48 11.30 31.11
CA ASN D 508 9.93 10.01 30.73
C ASN D 508 8.45 10.15 30.43
N GLY D 509 8.08 11.25 29.77
CA GLY D 509 6.68 11.56 29.53
C GLY D 509 6.14 10.93 28.25
N GLY D 510 4.84 11.16 28.03
CA GLY D 510 4.16 10.50 26.94
C GLY D 510 4.53 11.04 25.56
N GLY D 511 4.71 12.36 25.45
CA GLY D 511 4.83 12.97 24.14
C GLY D 511 6.15 12.72 23.44
N GLN D 512 7.13 12.19 24.18
CA GLN D 512 8.46 11.93 23.65
C GLN D 512 8.36 10.81 22.59
N PRO D 513 9.12 10.85 21.43
CA PRO D 513 9.01 9.85 20.38
C PRO D 513 9.44 8.48 20.86
N ILE D 514 8.93 7.46 20.17
CA ILE D 514 9.02 6.08 20.65
C ILE D 514 10.46 5.57 20.61
N VAL D 515 10.80 4.77 21.60
CA VAL D 515 12.04 4.01 21.62
C VAL D 515 11.66 2.54 21.67
N SER D 516 12.42 1.71 20.97
CA SER D 516 12.16 0.28 20.95
C SER D 516 12.54 -0.34 22.30
N ALA D 517 12.03 -1.55 22.55
CA ALA D 517 12.40 -2.24 23.79
C ALA D 517 13.84 -2.72 23.74
N LYS D 518 14.42 -2.83 22.55
CA LYS D 518 15.81 -3.22 22.42
C LYS D 518 16.75 -2.17 22.99
N ASP D 519 16.45 -0.89 22.74
CA ASP D 519 17.33 0.16 23.23
C ASP D 519 17.13 0.41 24.72
N LYS D 520 15.98 0.04 25.26
CA LYS D 520 15.79 0.14 26.70
C LYS D 520 16.53 -0.94 27.46
N MET D 521 16.97 -2.00 26.76
CA MET D 521 17.73 -3.06 27.39
C MET D 521 19.10 -2.59 27.86
N ASP D 522 19.80 -1.78 27.06
CA ASP D 522 21.17 -1.41 27.38
C ASP D 522 21.23 -0.32 28.46
N ILE D 523 20.68 0.85 28.15
CA ILE D 523 20.75 2.02 29.02
C ILE D 523 19.35 2.56 29.21
N ASP D 524 18.96 2.80 30.46
CA ASP D 524 17.72 3.50 30.74
C ASP D 524 17.84 4.94 30.24
N ILE D 525 16.86 5.37 29.45
CA ILE D 525 16.99 6.62 28.71
C ILE D 525 16.88 7.83 29.63
N ARG D 526 16.20 7.68 30.78
CA ARG D 526 16.09 8.78 31.73
C ARG D 526 17.45 9.16 32.29
N THR D 527 18.39 8.22 32.31
CA THR D 527 19.75 8.53 32.74
C THR D 527 20.41 9.54 31.80
N GLU D 528 20.23 9.36 30.49
CA GLU D 528 20.89 10.29 29.57
C GLU D 528 20.11 11.59 29.44
N ARG D 529 18.79 11.56 29.62
CA ARG D 529 18.04 12.80 29.83
C ARG D 529 18.59 13.57 31.02
N ALA D 530 18.85 12.87 32.13
CA ALA D 530 19.40 13.51 33.31
C ALA D 530 20.78 14.08 33.06
N LYS D 531 21.63 13.36 32.32
CA LYS D 531 22.96 13.89 32.04
C LYS D 531 22.91 15.11 31.13
N ALA D 532 22.06 15.09 30.09
CA ALA D 532 21.94 16.24 29.22
C ALA D 532 21.37 17.45 29.97
N LEU D 533 20.35 17.22 30.79
CA LEU D 533 19.77 18.29 31.60
C LEU D 533 20.77 18.85 32.58
N TYR D 534 21.59 17.99 33.20
CA TYR D 534 22.55 18.47 34.19
C TYR D 534 23.70 19.21 33.53
N ASP D 535 24.10 18.79 32.32
CA ASP D 535 25.11 19.55 31.59
C ASP D 535 24.57 20.90 31.14
N GLU D 536 23.28 20.97 30.79
CA GLU D 536 22.66 22.26 30.52
C GLU D 536 22.60 23.13 31.76
N ASP D 537 22.33 22.52 32.92
CA ASP D 537 22.19 23.26 34.17
C ASP D 537 23.54 23.81 34.66
N ALA D 538 24.59 22.98 34.62
CA ALA D 538 25.87 23.37 35.18
C ALA D 538 26.59 24.42 34.35
N ASN D 539 26.15 24.65 33.11
CA ASN D 539 26.79 25.61 32.22
C ASN D 539 26.05 26.94 32.15
N VAL D 540 25.05 27.15 33.00
CA VAL D 540 24.32 28.42 33.03
C VAL D 540 25.23 29.46 33.68
N LEU D 541 25.64 30.45 32.89
CA LEU D 541 26.74 31.33 33.25
C LEU D 541 26.32 32.55 34.07
N THR D 542 25.02 32.79 34.25
CA THR D 542 24.58 34.01 34.91
C THR D 542 23.90 33.80 36.26
N TYR D 543 22.87 32.97 36.37
CA TYR D 543 22.11 32.83 37.60
C TYR D 543 21.86 31.37 37.88
N ARG D 544 21.89 30.99 39.17
CA ARG D 544 21.44 29.69 39.60
C ARG D 544 20.24 29.76 40.55
N LYS D 545 19.80 30.97 40.90
CA LYS D 545 18.70 31.15 41.83
C LYS D 545 17.51 31.80 41.14
N SER D 546 16.32 31.46 41.64
CA SER D 546 15.08 31.79 40.97
C SER D 546 14.67 33.24 41.22
N HIS D 547 14.48 33.61 42.48
CA HIS D 547 13.93 34.92 42.84
C HIS D 547 14.90 36.06 42.62
N GLN D 548 16.15 35.78 42.30
CA GLN D 548 17.16 36.80 42.07
C GLN D 548 17.11 37.37 40.66
N ASN D 549 16.19 36.88 39.84
CA ASN D 549 15.98 37.45 38.51
C ASN D 549 15.39 38.85 38.63
N PRO D 550 15.96 39.84 37.93
CA PRO D 550 15.38 41.19 37.98
C PRO D 550 14.00 41.29 37.36
N SER D 551 13.71 40.50 36.33
CA SER D 551 12.48 40.67 35.57
C SER D 551 11.25 40.30 36.39
N VAL D 552 11.36 39.26 37.23
CA VAL D 552 10.21 38.84 38.02
C VAL D 552 9.86 39.89 39.08
N ILE D 553 10.86 40.50 39.73
CA ILE D 553 10.51 41.54 40.70
C ILE D 553 10.09 42.81 39.97
N ARG D 554 10.61 43.04 38.75
CA ARG D 554 10.12 44.15 37.95
C ARG D 554 8.63 44.01 37.69
N LEU D 555 8.18 42.81 37.29
CA LEU D 555 6.75 42.62 37.07
C LEU D 555 5.98 42.57 38.39
N TYR D 556 6.68 42.29 39.51
CA TYR D 556 6.01 42.31 40.80
C TYR D 556 5.64 43.73 41.23
N GLU D 557 6.63 44.61 41.38
CA GLU D 557 6.27 46.00 41.71
C GLU D 557 5.79 46.82 40.51
N GLU D 558 5.76 46.27 39.31
CA GLU D 558 5.07 46.95 38.22
C GLU D 558 3.58 46.63 38.19
N TYR D 559 3.21 45.38 38.15
CA TYR D 559 1.82 45.06 37.84
C TYR D 559 1.14 44.17 38.88
N LEU D 560 1.87 43.22 39.47
CA LEU D 560 1.26 42.20 40.31
C LEU D 560 1.45 42.44 41.80
N GLU D 561 1.91 43.63 42.20
CA GLU D 561 2.11 44.04 43.59
C GLU D 561 3.04 43.08 44.32
N GLU D 562 2.47 42.17 45.10
CA GLU D 562 3.20 41.15 45.83
C GLU D 562 2.49 39.82 45.63
N PRO D 563 3.18 38.70 45.86
CA PRO D 563 2.49 37.40 45.86
C PRO D 563 1.43 37.33 46.95
N ASN D 564 0.35 36.60 46.65
CA ASN D 564 -0.89 36.58 47.43
C ASN D 564 -1.44 37.98 47.70
N SER D 565 -1.47 38.81 46.65
CA SER D 565 -2.32 39.98 46.66
C SER D 565 -3.75 39.56 46.36
N PRO D 566 -4.75 40.36 46.77
CA PRO D 566 -6.15 40.02 46.42
C PRO D 566 -6.40 39.90 44.93
N LYS D 567 -5.80 40.77 44.11
CA LYS D 567 -5.91 40.63 42.67
C LYS D 567 -5.25 39.35 42.18
N ALA D 568 -4.07 39.04 42.72
CA ALA D 568 -3.44 37.77 42.42
C ALA D 568 -4.23 36.60 42.99
N HIS D 569 -4.96 36.82 44.08
CA HIS D 569 -5.86 35.77 44.55
C HIS D 569 -7.01 35.56 43.58
N HIS D 570 -7.39 36.57 42.84
CA HIS D 570 -8.42 36.38 41.83
C HIS D 570 -7.90 35.84 40.48
N ILE D 571 -6.62 36.06 40.13
CA ILE D 571 -6.19 35.63 38.81
C ILE D 571 -5.11 34.54 38.86
N LEU D 572 -4.37 34.39 39.97
CA LEU D 572 -3.36 33.36 40.11
C LEU D 572 -3.76 32.20 41.04
N HIS D 573 -4.81 32.32 41.84
CA HIS D 573 -5.22 31.14 42.64
C HIS D 573 -6.77 30.92 42.34
N THR D 574 -7.25 29.68 42.40
CA THR D 574 -8.64 29.28 42.14
C THR D 574 -8.92 27.94 42.81
N LYS D 575 -10.20 27.60 42.97
CA LYS D 575 -10.58 26.36 43.64
C LYS D 575 -10.83 25.17 42.69
N TYR D 576 -10.72 23.97 43.24
CA TYR D 576 -10.96 22.72 42.52
C TYR D 576 -12.20 22.03 43.07
N SER D 577 -12.84 21.24 42.22
CA SER D 577 -14.05 20.52 42.57
C SER D 577 -13.86 19.04 42.25
N ALA D 578 -14.60 18.20 42.98
CA ALA D 578 -14.58 16.77 42.73
C ALA D 578 -15.26 16.45 41.40
N LYS D 579 -14.94 15.27 40.87
CA LYS D 579 -15.46 14.88 39.58
C LYS D 579 -16.24 13.57 39.71
N PRO D 580 -17.25 13.34 38.88
CA PRO D 580 -18.04 12.11 39.00
C PRO D 580 -17.23 10.87 38.65
N LYS D 581 -17.53 9.78 39.35
CA LYS D 581 -16.84 8.52 39.19
C LYS D 581 -17.80 7.46 38.69
N LEU D 582 -17.50 6.88 37.53
CA LEU D 582 -18.20 5.70 37.02
C LEU D 582 -17.07 4.78 36.55
N VAL D 583 -16.60 3.93 37.46
CA VAL D 583 -15.48 3.04 37.15
C VAL D 583 -16.02 1.70 36.66
N ASN E 130 -23.84 -45.44 51.29
CA ASN E 130 -23.86 -45.98 52.63
C ASN E 130 -22.44 -46.28 53.11
N ILE E 131 -22.04 -45.59 54.19
CA ILE E 131 -20.72 -45.83 54.78
C ILE E 131 -20.62 -47.21 55.41
N ASP E 132 -21.73 -47.76 55.91
CA ASP E 132 -21.68 -49.10 56.51
C ASP E 132 -21.62 -50.19 55.44
N GLU E 133 -22.25 -49.96 54.29
CA GLU E 133 -22.17 -50.92 53.20
C GLU E 133 -20.80 -50.86 52.53
N TYR E 134 -20.13 -49.70 52.60
CA TYR E 134 -18.80 -49.58 52.02
C TYR E 134 -17.76 -50.32 52.85
N ILE E 135 -17.81 -50.17 54.19
CA ILE E 135 -16.84 -50.84 55.05
C ILE E 135 -17.09 -52.34 55.12
N GLY E 136 -18.27 -52.80 54.74
CA GLY E 136 -18.51 -54.22 54.54
C GLY E 136 -17.94 -54.75 53.24
N PHE E 137 -17.47 -53.87 52.36
CA PHE E 137 -16.80 -54.22 51.12
C PHE E 137 -15.29 -54.01 51.25
N ASP E 138 -14.75 -54.35 52.42
CA ASP E 138 -13.34 -54.11 52.79
C ASP E 138 -12.98 -52.63 52.67
N GLY E 139 -13.80 -51.80 53.31
CA GLY E 139 -13.69 -50.35 53.20
C GLY E 139 -12.71 -49.77 54.19
N TYR E 140 -11.87 -48.86 53.69
CA TYR E 140 -10.87 -48.09 54.46
C TYR E 140 -9.83 -48.99 55.12
N LEU E 141 -9.66 -50.21 54.63
CA LEU E 141 -8.60 -51.08 55.12
C LEU E 141 -7.22 -50.61 54.65
N ALA E 142 -7.18 -49.86 53.55
CA ALA E 142 -5.91 -49.40 52.99
C ALA E 142 -5.25 -48.36 53.88
N LEU E 143 -6.03 -47.43 54.44
CA LEU E 143 -5.47 -46.40 55.30
C LEU E 143 -4.99 -46.97 56.63
N GLU E 144 -5.56 -48.09 57.06
CA GLU E 144 -5.20 -48.67 58.35
C GLU E 144 -3.76 -49.18 58.34
N LYS E 145 -3.37 -49.86 57.27
CA LYS E 145 -2.05 -50.49 57.22
C LYS E 145 -0.94 -49.49 56.94
N VAL E 146 -1.18 -48.50 56.08
CA VAL E 146 -0.08 -47.63 55.66
C VAL E 146 0.28 -46.62 56.75
N LEU E 147 -0.66 -46.32 57.65
CA LEU E 147 -0.39 -45.37 58.73
C LEU E 147 0.28 -46.02 59.93
N LEU E 148 0.45 -47.34 59.93
CA LEU E 148 1.00 -48.06 61.07
C LEU E 148 2.22 -48.90 60.74
N THR E 149 2.44 -49.28 59.49
CA THR E 149 3.51 -50.19 59.13
C THR E 149 4.58 -49.55 58.24
N MET E 150 4.19 -49.01 57.10
CA MET E 150 5.14 -48.68 56.04
C MET E 150 5.41 -47.18 55.95
N SER E 151 6.65 -46.84 55.60
CA SER E 151 7.10 -45.46 55.50
C SER E 151 6.55 -44.80 54.24
N PRO E 152 6.52 -43.46 54.19
CA PRO E 152 6.16 -42.77 52.94
C PRO E 152 7.12 -43.03 51.79
N VAL E 153 8.36 -43.44 52.06
CA VAL E 153 9.29 -43.78 50.99
C VAL E 153 8.85 -45.06 50.30
N ASP E 154 8.28 -46.00 51.06
CA ASP E 154 7.98 -47.33 50.53
C ASP E 154 6.80 -47.31 49.57
N VAL E 155 5.82 -46.43 49.80
CA VAL E 155 4.63 -46.41 48.95
C VAL E 155 4.97 -45.86 47.57
N ILE E 156 5.99 -45.01 47.48
CA ILE E 156 6.44 -44.52 46.18
C ILE E 156 7.11 -45.64 45.40
N ASN E 157 7.87 -46.50 46.09
CA ASN E 157 8.61 -47.56 45.41
C ASN E 157 7.68 -48.65 44.87
N GLU E 158 6.49 -48.78 45.45
CA GLU E 158 5.59 -49.86 45.05
C GLU E 158 4.91 -49.57 43.72
N VAL E 159 4.52 -48.32 43.48
CA VAL E 159 3.83 -47.99 42.23
C VAL E 159 4.81 -48.05 41.06
N LYS E 160 6.10 -47.84 41.32
CA LYS E 160 7.11 -48.06 40.29
C LYS E 160 7.22 -49.54 39.94
N ALA E 161 7.02 -50.42 40.92
CA ALA E 161 6.93 -51.85 40.64
C ALA E 161 5.64 -52.21 39.91
N SER E 162 4.57 -51.44 40.13
CA SER E 162 3.32 -51.67 39.41
C SER E 162 3.39 -51.23 37.96
N GLY E 163 4.26 -50.28 37.63
CA GLY E 163 4.34 -49.76 36.28
C GLY E 163 3.22 -48.84 35.88
N LEU E 164 2.51 -48.26 36.84
CA LEU E 164 1.39 -47.37 36.51
C LEU E 164 1.90 -46.05 35.95
N ARG E 165 1.23 -45.60 34.88
CA ARG E 165 1.48 -44.30 34.29
C ARG E 165 0.18 -43.51 34.26
N GLY E 166 0.28 -42.23 33.92
CA GLY E 166 -0.86 -41.35 33.90
C GLY E 166 -1.92 -41.72 32.87
N ARG E 167 -3.16 -41.88 33.33
CA ARG E 167 -4.29 -42.19 32.45
C ARG E 167 -5.04 -40.95 32.00
N GLY E 168 -4.62 -39.76 32.44
CA GLY E 168 -5.30 -38.55 32.03
C GLY E 168 -4.97 -38.09 30.62
N GLY E 169 -3.93 -38.66 30.01
CA GLY E 169 -3.52 -38.25 28.69
C GLY E 169 -2.09 -37.78 28.65
N GLY E 170 -1.50 -37.57 29.83
CA GLY E 170 -0.11 -37.13 29.89
C GLY E 170 0.86 -38.18 29.39
N GLY E 171 0.66 -39.43 29.80
CA GLY E 171 1.56 -40.50 29.44
C GLY E 171 2.81 -40.60 30.28
N PHE E 172 2.97 -39.73 31.27
CA PHE E 172 4.15 -39.76 32.11
C PHE E 172 4.01 -40.86 33.17
N PRO E 173 5.12 -41.43 33.64
CA PRO E 173 5.04 -42.31 34.82
C PRO E 173 4.62 -41.52 36.05
N THR E 174 3.56 -42.00 36.70
CA THR E 174 2.93 -41.24 37.76
C THR E 174 3.78 -41.21 39.02
N GLY E 175 4.38 -42.36 39.38
CA GLY E 175 5.15 -42.41 40.62
C GLY E 175 6.45 -41.62 40.55
N LEU E 176 6.93 -41.37 39.34
CA LEU E 176 8.14 -40.56 39.17
C LEU E 176 7.90 -39.13 39.60
N LYS E 177 6.71 -38.59 39.30
CA LYS E 177 6.41 -37.21 39.66
C LYS E 177 6.19 -37.04 41.16
N TRP E 178 5.89 -38.14 41.87
CA TRP E 178 5.84 -38.06 43.32
C TRP E 178 7.23 -37.91 43.93
N GLN E 179 8.25 -38.48 43.29
CA GLN E 179 9.62 -38.31 43.77
C GLN E 179 10.05 -36.86 43.70
N PHE E 180 9.69 -36.16 42.62
CA PHE E 180 9.96 -34.73 42.54
C PHE E 180 9.10 -33.96 43.54
N ALA E 181 7.91 -34.47 43.85
CA ALA E 181 6.98 -33.72 44.69
C ALA E 181 7.45 -33.68 46.15
N HIS E 182 7.89 -34.81 46.69
CA HIS E 182 8.32 -34.83 48.08
C HIS E 182 9.70 -34.19 48.25
N ASP E 183 10.58 -34.40 47.27
CA ASP E 183 11.97 -33.98 47.42
C ASP E 183 12.19 -32.50 47.08
N ALA E 184 11.17 -31.81 46.59
CA ALA E 184 11.31 -30.41 46.23
C ALA E 184 11.48 -29.54 47.47
N VAL E 185 12.03 -28.35 47.28
CA VAL E 185 12.27 -27.40 48.37
C VAL E 185 11.08 -26.46 48.45
N SER E 186 10.56 -26.30 49.66
CA SER E 186 9.44 -25.41 49.93
C SER E 186 9.81 -24.38 50.98
N GLU E 187 9.37 -23.14 50.75
CA GLU E 187 9.73 -22.04 51.64
C GLU E 187 8.94 -22.09 52.95
N ASP E 188 7.80 -22.77 52.97
CA ASP E 188 6.92 -22.77 54.13
C ASP E 188 6.63 -24.17 54.66
N GLY E 189 7.13 -25.21 54.01
CA GLY E 189 6.99 -26.56 54.52
C GLY E 189 5.62 -27.19 54.35
N ILE E 190 4.72 -26.54 53.64
CA ILE E 190 3.39 -27.08 53.35
C ILE E 190 3.33 -27.42 51.87
N LYS E 191 2.61 -28.49 51.54
CA LYS E 191 2.43 -28.93 50.16
C LYS E 191 0.98 -29.28 49.92
N TYR E 192 0.51 -29.04 48.70
CA TYR E 192 -0.85 -29.34 48.30
C TYR E 192 -0.91 -30.60 47.47
N VAL E 193 -2.03 -31.32 47.62
CA VAL E 193 -2.41 -32.41 46.73
C VAL E 193 -3.85 -32.19 46.33
N ALA E 194 -4.13 -32.25 45.03
CA ALA E 194 -5.49 -32.07 44.53
C ALA E 194 -5.82 -33.17 43.53
N CYS E 195 -7.08 -33.22 43.13
CA CYS E 195 -7.59 -34.25 42.24
C CYS E 195 -8.29 -33.62 41.05
N ASN E 196 -8.28 -34.33 39.92
CA ASN E 196 -8.96 -33.90 38.70
C ASN E 196 -10.20 -34.77 38.53
N ALA E 197 -11.37 -34.15 38.63
CA ALA E 197 -12.65 -34.83 38.46
C ALA E 197 -13.46 -34.22 37.32
N ASP E 198 -12.78 -33.60 36.36
CA ASP E 198 -13.44 -32.91 35.25
C ASP E 198 -13.40 -33.77 33.99
N GLU E 199 -14.52 -33.81 33.28
CA GLU E 199 -14.65 -34.56 32.04
C GLU E 199 -14.65 -33.58 30.87
N GLY E 200 -13.80 -33.86 29.87
CA GLY E 200 -13.70 -32.98 28.73
C GLY E 200 -14.49 -33.38 27.51
N ASP E 201 -14.32 -34.62 27.06
CA ASP E 201 -14.90 -35.05 25.77
C ASP E 201 -16.42 -35.17 25.87
N PRO E 202 -17.15 -34.73 24.87
CA PRO E 202 -18.61 -34.88 24.89
C PRO E 202 -19.00 -36.35 24.74
N GLY E 203 -19.94 -36.79 25.58
CA GLY E 203 -20.35 -38.17 25.61
C GLY E 203 -19.45 -39.09 26.40
N ALA E 204 -18.30 -38.60 26.86
CA ALA E 204 -17.37 -39.37 27.68
C ALA E 204 -17.88 -39.29 29.12
N PHE E 205 -18.61 -40.32 29.54
CA PHE E 205 -19.28 -40.36 30.83
C PHE E 205 -18.51 -41.17 31.85
N MET E 206 -17.17 -41.10 31.82
CA MET E 206 -16.33 -41.99 32.60
C MET E 206 -16.22 -41.58 34.06
N ASP E 207 -15.73 -40.36 34.33
CA ASP E 207 -15.43 -39.96 35.69
C ASP E 207 -16.70 -39.79 36.53
N ARG E 208 -17.84 -39.55 35.88
CA ARG E 208 -19.06 -39.33 36.63
C ARG E 208 -19.60 -40.60 37.28
N SER E 209 -19.36 -41.78 36.68
CA SER E 209 -19.93 -43.01 37.19
C SER E 209 -19.28 -43.43 38.51
N VAL E 210 -17.96 -43.32 38.62
CA VAL E 210 -17.29 -43.66 39.86
C VAL E 210 -17.58 -42.61 40.93
N LEU E 211 -17.86 -41.38 40.53
CA LEU E 211 -18.28 -40.35 41.48
C LEU E 211 -19.65 -40.69 42.06
N GLU E 212 -20.57 -41.18 41.23
CA GLU E 212 -21.88 -41.58 41.74
C GLU E 212 -21.94 -43.04 42.18
N GLY E 213 -20.88 -43.80 41.93
CA GLY E 213 -20.89 -45.22 42.28
C GLY E 213 -20.24 -45.53 43.61
N ASP E 214 -19.05 -44.99 43.84
CA ASP E 214 -18.29 -45.27 45.06
C ASP E 214 -17.30 -44.14 45.31
N PRO E 215 -17.76 -43.03 45.90
CA PRO E 215 -16.84 -41.92 46.16
C PRO E 215 -16.04 -42.07 47.45
N HIS E 216 -16.29 -43.12 48.24
CA HIS E 216 -15.55 -43.30 49.49
C HIS E 216 -14.11 -43.69 49.23
N ALA E 217 -13.87 -44.50 48.19
CA ALA E 217 -12.51 -44.80 47.78
C ALA E 217 -11.80 -43.59 47.20
N VAL E 218 -12.56 -42.64 46.65
CA VAL E 218 -11.97 -41.42 46.10
C VAL E 218 -11.34 -40.59 47.22
N ILE E 219 -12.13 -40.27 48.25
CA ILE E 219 -11.63 -39.44 49.34
C ILE E 219 -10.61 -40.20 50.18
N GLU E 220 -10.68 -41.54 50.16
CA GLU E 220 -9.67 -42.34 50.84
C GLU E 220 -8.31 -42.19 50.18
N ALA E 221 -8.30 -41.99 48.86
CA ALA E 221 -7.06 -41.99 48.10
C ALA E 221 -6.20 -40.77 48.34
N MET E 222 -6.78 -39.60 48.58
CA MET E 222 -5.96 -38.42 48.87
C MET E 222 -5.33 -38.54 50.25
N ALA E 223 -5.98 -39.25 51.16
CA ALA E 223 -5.37 -39.49 52.47
C ALA E 223 -4.15 -40.39 52.36
N ILE E 224 -4.16 -41.35 51.44
CA ILE E 224 -2.93 -42.06 51.09
C ILE E 224 -1.95 -41.11 50.42
N ALA E 225 -2.46 -40.26 49.51
CA ALA E 225 -1.60 -39.33 48.79
C ALA E 225 -1.02 -38.27 49.73
N GLY E 226 -1.83 -37.80 50.69
CA GLY E 226 -1.33 -36.82 51.63
C GLY E 226 -0.33 -37.41 52.61
N TYR E 227 -0.40 -38.72 52.82
CA TYR E 227 0.56 -39.39 53.69
C TYR E 227 1.94 -39.49 53.03
N ALA E 228 1.96 -39.71 51.71
CA ALA E 228 3.22 -40.01 51.03
C ALA E 228 4.12 -38.79 50.93
N VAL E 229 3.55 -37.62 50.65
CA VAL E 229 4.34 -36.42 50.40
C VAL E 229 4.27 -35.39 51.52
N GLY E 230 3.41 -35.59 52.51
CA GLY E 230 3.31 -34.63 53.60
C GLY E 230 2.37 -33.48 53.33
N ALA E 231 1.10 -33.75 53.06
CA ALA E 231 0.11 -32.73 52.78
C ALA E 231 -0.90 -32.65 53.92
N SER E 232 -1.33 -31.42 54.23
CA SER E 232 -2.31 -31.19 55.28
C SER E 232 -3.62 -30.63 54.76
N LYS E 233 -3.64 -30.09 53.53
CA LYS E 233 -4.85 -29.49 52.98
C LYS E 233 -4.97 -29.87 51.52
N GLY E 234 -6.20 -29.82 51.00
CA GLY E 234 -6.45 -30.11 49.60
C GLY E 234 -7.84 -29.67 49.21
N TYR E 235 -8.12 -29.76 47.90
CA TYR E 235 -9.41 -29.37 47.36
C TYR E 235 -9.84 -30.36 46.29
N VAL E 236 -11.17 -30.48 46.12
CA VAL E 236 -11.76 -31.32 45.09
C VAL E 236 -12.58 -30.43 44.16
N TYR E 237 -12.36 -30.57 42.86
CA TYR E 237 -13.00 -29.74 41.86
C TYR E 237 -14.13 -30.55 41.22
N VAL E 238 -15.36 -30.03 41.31
CA VAL E 238 -16.53 -30.73 40.80
C VAL E 238 -17.39 -29.76 40.00
N ARG E 239 -17.97 -30.27 38.92
CA ARG E 239 -18.82 -29.49 38.03
C ARG E 239 -20.16 -29.18 38.69
N ALA E 240 -20.63 -27.94 38.51
CA ALA E 240 -21.90 -27.54 39.10
C ALA E 240 -23.10 -28.01 38.29
N GLU E 241 -22.89 -28.49 37.07
CA GLU E 241 -23.99 -28.91 36.20
C GLU E 241 -24.44 -30.34 36.44
N TYR E 242 -23.84 -31.04 37.41
CA TYR E 242 -24.26 -32.40 37.73
C TYR E 242 -24.91 -32.44 39.10
N PRO E 243 -26.25 -32.43 39.18
CA PRO E 243 -26.91 -32.60 40.49
C PRO E 243 -26.83 -34.01 41.03
N ILE E 244 -26.42 -34.98 40.22
CA ILE E 244 -26.40 -36.38 40.65
C ILE E 244 -25.32 -36.61 41.70
N ALA E 245 -24.11 -36.11 41.45
CA ALA E 245 -22.98 -36.50 42.29
C ALA E 245 -22.60 -35.41 43.29
N VAL E 246 -22.94 -34.15 42.99
CA VAL E 246 -22.55 -33.03 43.86
C VAL E 246 -23.20 -33.15 45.23
N ASN E 247 -24.49 -33.44 45.27
CA ASN E 247 -25.16 -33.67 46.54
C ASN E 247 -24.73 -34.97 47.19
N ARG E 248 -24.36 -35.97 46.39
CA ARG E 248 -23.94 -37.26 46.94
C ARG E 248 -22.58 -37.16 47.63
N LEU E 249 -21.66 -36.39 47.05
CA LEU E 249 -20.29 -36.36 47.57
C LEU E 249 -20.20 -35.60 48.89
N GLN E 250 -21.03 -34.56 49.06
CA GLN E 250 -21.12 -33.87 50.35
C GLN E 250 -21.59 -34.78 51.46
N ILE E 251 -22.49 -35.71 51.15
CA ILE E 251 -22.93 -36.71 52.12
C ILE E 251 -21.76 -37.59 52.53
N ALA E 252 -20.93 -37.98 51.55
CA ALA E 252 -19.77 -38.81 51.83
C ALA E 252 -18.72 -38.09 52.66
N ILE E 253 -18.51 -36.79 52.41
CA ILE E 253 -17.54 -36.02 53.19
C ILE E 253 -17.99 -35.90 54.64
N ASP E 254 -19.29 -35.68 54.86
CA ASP E 254 -19.81 -35.45 56.20
C ASP E 254 -19.68 -36.69 57.08
N GLN E 255 -20.01 -37.87 56.55
CA GLN E 255 -19.98 -39.09 57.35
C GLN E 255 -18.56 -39.56 57.61
N ALA E 256 -17.63 -39.22 56.71
CA ALA E 256 -16.25 -39.66 56.86
C ALA E 256 -15.58 -38.99 58.05
N LYS E 257 -15.86 -37.70 58.26
CA LYS E 257 -15.25 -36.99 59.38
C LYS E 257 -15.87 -37.37 60.72
N GLU E 258 -17.08 -37.95 60.71
CA GLU E 258 -17.68 -38.41 61.96
C GLU E 258 -16.95 -39.63 62.51
N TYR E 259 -16.52 -40.54 61.63
CA TYR E 259 -15.65 -41.65 62.03
C TYR E 259 -14.27 -41.19 62.43
N GLY E 260 -13.83 -40.03 61.97
CA GLY E 260 -12.47 -39.57 62.15
C GLY E 260 -11.55 -39.82 60.98
N ILE E 261 -12.09 -40.22 59.82
CA ILE E 261 -11.27 -40.55 58.67
C ILE E 261 -10.62 -39.29 58.10
N LEU E 262 -11.43 -38.25 57.85
CA LEU E 262 -10.93 -36.98 57.34
C LEU E 262 -10.96 -35.96 58.46
N GLY E 263 -9.83 -35.28 58.66
CA GLY E 263 -9.75 -34.31 59.74
C GLY E 263 -8.46 -34.37 60.53
N GLU E 264 -8.58 -34.59 61.83
CA GLU E 264 -7.46 -34.61 62.75
C GLU E 264 -7.37 -35.96 63.45
N ASN E 265 -6.14 -36.32 63.85
CA ASN E 265 -5.86 -37.55 64.60
C ASN E 265 -6.34 -38.79 63.84
N ILE E 266 -5.90 -38.88 62.59
CA ILE E 266 -6.42 -39.90 61.68
C ILE E 266 -5.89 -41.27 62.10
N PHE E 267 -6.81 -42.14 62.53
CA PHE E 267 -6.50 -43.47 63.07
C PHE E 267 -5.49 -43.40 64.20
N GLU E 268 -5.70 -42.42 65.09
CA GLU E 268 -4.85 -42.16 66.26
C GLU E 268 -3.38 -41.95 65.87
N THR E 269 -3.15 -41.15 64.84
CA THR E 269 -1.82 -40.77 64.40
C THR E 269 -1.67 -39.24 64.47
N ASP E 270 -0.45 -38.76 64.22
CA ASP E 270 -0.14 -37.35 64.34
C ASP E 270 -0.33 -36.58 63.04
N PHE E 271 -0.81 -37.23 61.98
CA PHE E 271 -0.98 -36.58 60.68
C PHE E 271 -2.40 -36.03 60.58
N SER E 272 -2.51 -34.74 60.26
CA SER E 272 -3.80 -34.08 60.09
C SER E 272 -3.96 -33.64 58.65
N PHE E 273 -5.05 -34.08 58.02
CA PHE E 273 -5.36 -33.71 56.66
C PHE E 273 -6.81 -33.29 56.55
N ASP E 274 -7.06 -32.19 55.85
CA ASP E 274 -8.39 -31.63 55.71
C ASP E 274 -8.68 -31.35 54.25
N LEU E 275 -9.97 -31.27 53.92
CA LEU E 275 -10.42 -31.01 52.56
C LEU E 275 -11.54 -29.97 52.57
N GLU E 276 -11.70 -29.30 51.43
CA GLU E 276 -12.82 -28.39 51.22
C GLU E 276 -13.27 -28.53 49.77
N ILE E 277 -14.57 -28.62 49.57
CA ILE E 277 -15.12 -28.82 48.23
C ILE E 277 -15.06 -27.52 47.44
N ARG E 278 -14.68 -27.62 46.18
CA ARG E 278 -14.64 -26.50 45.26
C ARG E 278 -15.61 -26.76 44.12
N LEU E 279 -16.55 -25.84 43.92
CA LEU E 279 -17.62 -26.01 42.95
C LEU E 279 -17.25 -25.27 41.67
N GLY E 280 -16.71 -26.02 40.70
CA GLY E 280 -16.52 -25.51 39.37
C GLY E 280 -17.73 -25.80 38.48
N ALA E 281 -17.60 -25.43 37.21
CA ALA E 281 -18.69 -25.65 36.28
C ALA E 281 -18.22 -26.31 34.99
N GLY E 282 -17.05 -26.96 35.04
CA GLY E 282 -16.57 -27.78 33.94
C GLY E 282 -16.30 -27.05 32.63
N ALA E 283 -15.44 -26.04 32.67
CA ALA E 283 -15.02 -25.34 31.47
C ALA E 283 -14.05 -26.24 30.72
N PHE E 284 -14.29 -26.42 29.42
CA PHE E 284 -13.53 -27.39 28.63
C PHE E 284 -12.07 -26.98 28.49
N VAL E 285 -11.80 -25.68 28.41
CA VAL E 285 -10.41 -25.22 28.35
C VAL E 285 -9.74 -25.34 29.71
N CYS E 286 -10.51 -25.43 30.79
CA CYS E 286 -9.96 -25.46 32.14
C CYS E 286 -9.39 -26.81 32.53
N GLY E 287 -9.52 -27.84 31.69
CA GLY E 287 -9.00 -29.15 32.00
C GLY E 287 -7.48 -29.24 32.03
N GLU E 288 -6.78 -28.25 31.48
CA GLU E 288 -5.33 -28.23 31.49
C GLU E 288 -4.80 -28.13 32.91
N GLU E 289 -3.58 -28.67 33.11
CA GLU E 289 -3.03 -28.84 34.44
C GLU E 289 -2.83 -27.51 35.16
N THR E 290 -2.26 -26.51 34.46
CA THR E 290 -2.06 -25.22 35.08
C THR E 290 -3.37 -24.43 35.15
N ALA E 291 -4.39 -24.85 34.39
CA ALA E 291 -5.66 -24.16 34.42
C ALA E 291 -6.44 -24.47 35.70
N LEU E 292 -6.23 -25.65 36.29
CA LEU E 292 -6.83 -25.95 37.60
C LEU E 292 -6.29 -25.02 38.68
N MET E 293 -5.00 -24.71 38.62
CA MET E 293 -4.41 -23.83 39.63
C MET E 293 -4.95 -22.41 39.51
N ASN E 294 -5.10 -21.92 38.28
CA ASN E 294 -5.67 -20.59 38.09
C ASN E 294 -7.17 -20.58 38.33
N SER E 295 -7.82 -21.74 38.25
CA SER E 295 -9.26 -21.82 38.51
C SER E 295 -9.58 -21.53 39.97
N ILE E 296 -8.81 -22.11 40.89
CA ILE E 296 -9.06 -21.89 42.31
C ILE E 296 -8.49 -20.54 42.77
N GLU E 297 -7.51 -20.02 42.03
CA GLU E 297 -7.03 -18.68 42.34
C GLU E 297 -8.01 -17.59 41.93
N GLY E 298 -9.01 -17.91 41.11
CA GLY E 298 -10.05 -16.97 40.78
C GLY E 298 -9.82 -16.12 39.55
N LYS E 299 -8.64 -16.21 38.93
CA LYS E 299 -8.39 -15.52 37.68
C LYS E 299 -9.06 -16.28 36.54
N ARG E 300 -8.86 -15.83 35.31
CA ARG E 300 -9.36 -16.57 34.16
C ARG E 300 -8.53 -17.83 33.95
N GLY E 301 -9.02 -18.70 33.09
CA GLY E 301 -8.39 -19.98 32.84
C GLY E 301 -7.16 -19.84 31.97
N GLU E 302 -6.07 -19.36 32.58
CA GLU E 302 -4.93 -18.88 31.83
C GLU E 302 -3.81 -19.92 31.89
N PRO E 303 -3.55 -20.66 30.81
CA PRO E 303 -2.43 -21.61 30.84
C PRO E 303 -1.10 -20.89 30.74
N ARG E 304 -0.28 -21.02 31.77
CA ARG E 304 1.05 -20.43 31.73
C ARG E 304 2.06 -21.45 31.18
N PRO E 305 3.11 -20.99 30.51
CA PRO E 305 4.12 -21.92 30.00
C PRO E 305 4.91 -22.54 31.14
N ARG E 306 5.39 -23.75 30.89
CA ARG E 306 6.21 -24.46 31.85
C ARG E 306 7.52 -24.90 31.21
N PRO E 307 8.62 -25.02 31.98
CA PRO E 307 8.89 -24.80 33.41
C PRO E 307 8.75 -23.35 33.86
N PRO E 308 8.58 -23.08 35.17
CA PRO E 308 8.49 -23.97 36.36
C PRO E 308 7.23 -24.83 36.40
N PHE E 309 7.39 -26.05 36.89
CA PHE E 309 6.31 -27.02 36.81
C PHE E 309 5.33 -26.83 37.98
N PRO E 310 4.05 -27.18 37.78
CA PRO E 310 3.10 -27.12 38.90
C PRO E 310 3.41 -28.09 40.02
N ALA E 311 4.18 -29.15 39.75
CA ALA E 311 4.69 -30.01 40.80
C ALA E 311 5.98 -29.46 41.41
N ASN E 312 6.45 -28.31 40.95
CA ASN E 312 7.56 -27.59 41.53
C ASN E 312 7.19 -26.19 41.98
N LYS E 313 6.44 -25.46 41.16
CA LYS E 313 5.93 -24.13 41.52
C LYS E 313 4.46 -24.09 41.07
N GLY E 314 3.56 -24.39 42.00
CA GLY E 314 2.15 -24.44 41.67
C GLY E 314 1.31 -23.41 42.41
N LEU E 315 0.42 -23.88 43.28
CA LEU E 315 -0.38 -22.98 44.11
C LEU E 315 0.53 -22.21 45.05
N PHE E 316 0.44 -20.88 44.99
CA PHE E 316 1.20 -19.96 45.84
C PHE E 316 2.71 -20.12 45.68
N GLY E 317 3.16 -20.62 44.52
CA GLY E 317 4.57 -20.84 44.30
C GLY E 317 5.18 -22.01 45.03
N LYS E 318 4.37 -22.95 45.50
CA LYS E 318 4.85 -24.13 46.21
C LYS E 318 4.17 -25.37 45.65
N PRO E 319 4.87 -26.52 45.65
CA PRO E 319 4.46 -27.64 44.78
C PRO E 319 3.09 -28.22 45.09
N THR E 320 2.44 -28.72 44.04
CA THR E 320 1.12 -29.32 44.10
C THR E 320 1.16 -30.68 43.40
N VAL E 321 0.14 -31.50 43.64
CA VAL E 321 -0.01 -32.80 43.01
C VAL E 321 -1.40 -32.87 42.41
N LEU E 322 -1.51 -33.24 41.13
CA LEU E 322 -2.79 -33.34 40.44
C LEU E 322 -2.86 -34.69 39.73
N ASN E 323 -3.93 -35.45 39.96
CA ASN E 323 -4.10 -36.75 39.32
C ASN E 323 -5.56 -36.99 38.99
N ASN E 324 -5.85 -37.84 38.01
CA ASN E 324 -7.24 -38.09 37.66
C ASN E 324 -7.91 -39.09 38.57
N VAL E 325 -9.24 -39.04 38.61
CA VAL E 325 -9.96 -39.92 39.53
C VAL E 325 -9.62 -41.38 39.26
N GLU E 326 -9.49 -41.75 37.98
CA GLU E 326 -9.24 -43.14 37.62
C GLU E 326 -7.89 -43.63 38.12
N THR E 327 -6.91 -42.73 38.25
CA THR E 327 -5.67 -43.08 38.93
C THR E 327 -5.94 -43.41 40.40
N TYR E 328 -6.84 -42.66 41.03
CA TYR E 328 -7.11 -42.87 42.45
C TYR E 328 -7.96 -44.11 42.70
N ALA E 329 -8.52 -44.69 41.63
CA ALA E 329 -9.37 -45.88 41.79
C ALA E 329 -8.56 -47.11 42.20
N ASN E 330 -7.40 -47.32 41.57
CA ASN E 330 -6.66 -48.55 41.82
C ASN E 330 -5.70 -48.42 43.00
N ILE E 331 -5.61 -47.22 43.61
CA ILE E 331 -4.71 -47.02 44.74
C ILE E 331 -5.02 -47.90 45.95
N PRO E 332 -6.28 -48.03 46.41
CA PRO E 332 -6.50 -49.03 47.48
C PRO E 332 -6.36 -50.46 47.02
N LYS E 333 -6.48 -50.71 45.71
CA LYS E 333 -6.27 -52.05 45.19
C LYS E 333 -4.81 -52.47 45.23
N ILE E 334 -3.90 -51.59 44.79
CA ILE E 334 -2.49 -51.99 44.64
C ILE E 334 -1.83 -52.17 46.00
N ILE E 335 -2.33 -51.46 47.02
CA ILE E 335 -1.75 -51.58 48.35
C ILE E 335 -2.31 -52.79 49.08
N LEU E 336 -3.52 -53.22 48.72
CA LEU E 336 -4.13 -54.35 49.40
C LEU E 336 -3.81 -55.67 48.71
N ASN E 337 -3.96 -55.69 47.39
CA ASN E 337 -3.69 -56.91 46.62
C ASN E 337 -2.21 -57.10 46.30
N GLY E 338 -1.47 -56.02 46.17
CA GLY E 338 -0.06 -56.12 45.84
C GLY E 338 0.14 -55.69 44.39
N ALA E 339 1.22 -54.94 44.15
CA ALA E 339 1.48 -54.40 42.82
C ALA E 339 1.90 -55.48 41.82
N GLU E 340 2.28 -56.66 42.31
CA GLU E 340 2.72 -57.73 41.41
C GLU E 340 1.57 -58.27 40.59
N TRP E 341 0.35 -58.21 41.11
CA TRP E 341 -0.81 -58.61 40.34
C TRP E 341 -1.18 -57.59 39.29
N PHE E 342 -0.95 -56.30 39.58
CA PHE E 342 -1.23 -55.26 38.59
C PHE E 342 -0.26 -55.34 37.43
N ALA E 343 1.01 -55.66 37.69
CA ALA E 343 1.97 -55.86 36.61
C ALA E 343 1.84 -57.23 35.95
N SER E 344 1.03 -58.12 36.51
CA SER E 344 0.84 -59.45 35.95
C SER E 344 -0.07 -59.46 34.73
N VAL E 345 -0.87 -58.41 34.52
CA VAL E 345 -1.83 -58.35 33.42
C VAL E 345 -1.42 -57.21 32.51
N GLY E 346 -1.26 -57.52 31.22
CA GLY E 346 -0.96 -56.53 30.22
C GLY E 346 0.39 -56.73 29.57
N THR E 347 0.72 -55.81 28.67
CA THR E 347 1.97 -55.86 27.94
C THR E 347 3.10 -55.28 28.78
N GLU E 348 4.33 -55.32 28.22
CA GLU E 348 5.50 -54.89 28.98
C GLU E 348 5.56 -53.37 29.08
N LYS E 349 5.20 -52.66 28.00
CA LYS E 349 5.29 -51.20 28.01
C LYS E 349 4.24 -50.59 28.93
N SER E 350 3.00 -51.04 28.82
CA SER E 350 1.91 -50.54 29.65
C SER E 350 1.32 -51.67 30.47
N LYS E 351 1.29 -51.49 31.79
CA LYS E 351 0.81 -52.50 32.71
C LYS E 351 -0.50 -52.04 33.35
N GLY E 352 -1.38 -53.01 33.60
CA GLY E 352 -2.65 -52.72 34.23
C GLY E 352 -3.82 -52.75 33.26
N THR E 353 -4.94 -52.15 33.66
CA THR E 353 -6.15 -52.16 32.85
C THR E 353 -6.66 -50.73 32.67
N LYS E 354 -7.43 -50.54 31.60
CA LYS E 354 -8.01 -49.25 31.28
C LYS E 354 -9.49 -49.43 30.94
N VAL E 355 -10.28 -48.41 31.27
CA VAL E 355 -11.73 -48.42 31.07
C VAL E 355 -12.02 -47.44 29.94
N PHE E 356 -13.06 -47.72 29.16
CA PHE E 356 -13.50 -46.83 28.10
C PHE E 356 -14.99 -46.56 28.24
N ALA E 357 -15.49 -45.64 27.42
CA ALA E 357 -16.92 -45.34 27.33
C ALA E 357 -17.29 -45.27 25.85
N LEU E 358 -17.89 -46.34 25.36
CA LEU E 358 -18.18 -46.46 23.94
C LEU E 358 -19.36 -45.57 23.54
N GLY E 359 -19.49 -45.36 22.23
CA GLY E 359 -20.57 -44.55 21.71
C GLY E 359 -20.54 -44.56 20.20
N GLY E 360 -21.50 -43.85 19.62
CA GLY E 360 -21.64 -43.78 18.17
C GLY E 360 -22.78 -44.64 17.67
N LYS E 361 -22.72 -44.94 16.38
CA LYS E 361 -23.70 -45.82 15.76
C LYS E 361 -23.44 -47.26 16.17
N ILE E 362 -23.95 -47.66 17.33
CA ILE E 362 -23.66 -48.95 17.92
C ILE E 362 -24.96 -49.64 18.29
N ASN E 363 -24.94 -50.98 18.23
CA ASN E 363 -26.11 -51.76 18.65
C ASN E 363 -26.37 -51.60 20.14
N ASN E 364 -25.33 -51.76 20.95
CA ASN E 364 -25.47 -51.73 22.40
C ASN E 364 -24.61 -50.61 22.97
N THR E 365 -25.22 -49.79 23.83
CA THR E 365 -24.51 -48.72 24.52
C THR E 365 -24.36 -49.10 26.00
N GLY E 366 -23.20 -48.80 26.56
CA GLY E 366 -22.98 -49.11 27.96
C GLY E 366 -21.52 -48.93 28.34
N LEU E 367 -21.17 -49.48 29.50
CA LEU E 367 -19.84 -49.36 30.07
C LEU E 367 -19.10 -50.70 29.97
N LEU E 368 -17.81 -50.64 29.68
CA LEU E 368 -16.99 -51.81 29.48
C LEU E 368 -15.74 -51.72 30.36
N GLU E 369 -15.24 -52.89 30.76
CA GLU E 369 -14.02 -53.01 31.56
C GLU E 369 -13.13 -54.03 30.86
N ILE E 370 -12.14 -53.54 30.12
CA ILE E 370 -11.25 -54.42 29.35
C ILE E 370 -9.83 -54.30 29.86
N PRO E 371 -9.00 -55.33 29.75
CA PRO E 371 -7.60 -55.21 30.15
C PRO E 371 -6.73 -54.69 29.01
N MET E 372 -5.46 -54.46 29.36
CA MET E 372 -4.44 -54.25 28.36
C MET E 372 -4.27 -55.52 27.53
N GLY E 373 -4.26 -55.37 26.22
CA GLY E 373 -4.30 -56.49 25.31
C GLY E 373 -5.59 -56.65 24.53
N THR E 374 -6.19 -55.54 24.08
CA THR E 374 -7.45 -55.62 23.35
C THR E 374 -7.32 -55.00 21.95
N THR E 375 -7.81 -55.71 20.95
CA THR E 375 -7.77 -55.25 19.57
C THR E 375 -9.11 -54.68 19.14
N LEU E 376 -9.12 -54.01 17.97
CA LEU E 376 -10.30 -53.28 17.56
C LEU E 376 -11.40 -54.18 17.00
N ARG E 377 -11.03 -55.24 16.29
CA ARG E 377 -12.06 -56.07 15.65
C ARG E 377 -12.80 -56.92 16.67
N GLU E 378 -12.16 -57.26 17.79
CA GLU E 378 -12.88 -58.01 18.82
C GLU E 378 -13.82 -57.10 19.60
N ILE E 379 -13.48 -55.81 19.74
CA ILE E 379 -14.23 -54.97 20.64
C ILE E 379 -15.50 -54.46 19.95
N ILE E 380 -15.50 -54.38 18.62
CA ILE E 380 -16.62 -53.76 17.93
C ILE E 380 -17.71 -54.78 17.63
N TYR E 381 -17.34 -56.05 17.47
CA TYR E 381 -18.30 -57.07 17.04
C TYR E 381 -18.80 -57.91 18.20
N GLU E 382 -17.91 -58.66 18.85
CA GLU E 382 -18.34 -59.60 19.86
C GLU E 382 -18.73 -58.91 21.17
N ILE E 383 -18.00 -57.88 21.57
CA ILE E 383 -18.31 -57.14 22.79
C ILE E 383 -19.23 -55.96 22.51
N GLY E 384 -18.95 -55.20 21.44
CA GLY E 384 -19.76 -54.04 21.12
C GLY E 384 -21.12 -54.33 20.55
N GLY E 385 -21.37 -55.58 20.12
CA GLY E 385 -22.64 -55.93 19.55
C GLY E 385 -22.78 -55.67 18.06
N GLY E 386 -21.71 -55.25 17.39
CA GLY E 386 -21.74 -55.06 15.96
C GLY E 386 -22.48 -53.80 15.53
N ILE E 387 -22.48 -53.60 14.22
CA ILE E 387 -23.10 -52.42 13.60
C ILE E 387 -24.62 -52.60 13.54
N PRO E 388 -25.40 -51.65 14.04
CA PRO E 388 -26.86 -51.77 13.97
C PRO E 388 -27.38 -51.64 12.54
N ASN E 389 -28.56 -52.24 12.33
CA ASN E 389 -29.34 -52.16 11.10
C ASN E 389 -28.61 -52.70 9.88
N GLY E 390 -27.66 -53.61 10.06
CA GLY E 390 -27.05 -54.29 8.94
C GLY E 390 -26.10 -53.46 8.12
N LYS E 391 -25.61 -52.34 8.65
CA LYS E 391 -24.61 -51.56 7.94
C LYS E 391 -23.23 -52.16 8.19
N ALA E 392 -22.22 -51.60 7.52
CA ALA E 392 -20.86 -52.11 7.61
C ALA E 392 -19.93 -51.02 8.14
N PHE E 393 -18.81 -51.45 8.72
CA PHE E 393 -17.88 -50.53 9.38
C PHE E 393 -17.04 -49.78 8.36
N LYS E 394 -16.82 -48.48 8.62
CA LYS E 394 -15.82 -47.71 7.88
C LYS E 394 -14.69 -47.24 8.79
N ALA E 395 -15.00 -46.51 9.86
CA ALA E 395 -13.96 -45.93 10.70
C ALA E 395 -14.54 -45.67 12.09
N ALA E 396 -13.66 -45.68 13.09
CA ALA E 396 -14.03 -45.47 14.48
C ALA E 396 -13.14 -44.39 15.07
N GLN E 397 -13.75 -43.40 15.71
CA GLN E 397 -12.99 -42.31 16.31
C GLN E 397 -12.83 -42.56 17.81
N THR E 398 -11.62 -42.35 18.31
CA THR E 398 -11.32 -42.48 19.72
C THR E 398 -10.68 -41.19 20.22
N GLY E 399 -10.74 -40.99 21.54
CA GLY E 399 -10.05 -39.88 22.16
C GLY E 399 -10.69 -38.53 22.00
N GLY E 400 -11.89 -38.46 21.43
CA GLY E 400 -12.58 -37.20 21.27
C GLY E 400 -11.90 -36.28 20.27
N PRO E 401 -11.98 -34.97 20.54
CA PRO E 401 -11.39 -33.99 19.60
C PRO E 401 -9.87 -34.02 19.55
N SER E 402 -9.19 -34.63 20.52
CA SER E 402 -7.75 -34.74 20.51
C SER E 402 -7.24 -36.02 19.88
N GLY E 403 -8.12 -36.98 19.59
CA GLY E 403 -7.69 -38.23 19.01
C GLY E 403 -7.78 -38.24 17.50
N GLY E 404 -8.37 -39.30 16.94
CA GLY E 404 -8.50 -39.42 15.51
C GLY E 404 -9.36 -40.60 15.15
N CYS E 405 -9.56 -40.78 13.85
CA CYS E 405 -10.42 -41.82 13.30
C CYS E 405 -9.58 -43.04 12.92
N LEU E 406 -10.00 -44.20 13.40
CA LEU E 406 -9.28 -45.45 13.14
C LEU E 406 -10.08 -46.29 12.15
N PRO E 407 -9.58 -46.49 10.93
CA PRO E 407 -10.37 -47.20 9.92
C PRO E 407 -10.32 -48.71 10.03
N GLU E 408 -10.91 -49.38 9.04
CA GLU E 408 -10.96 -50.84 9.00
C GLU E 408 -9.60 -51.49 8.83
N SER E 409 -8.64 -50.78 8.22
CA SER E 409 -7.36 -51.38 7.87
C SER E 409 -6.50 -51.74 9.07
N LEU E 410 -6.84 -51.27 10.27
CA LEU E 410 -6.05 -51.49 11.47
C LEU E 410 -6.90 -52.10 12.60
N LEU E 411 -7.97 -52.82 12.24
CA LEU E 411 -8.83 -53.44 13.24
C LEU E 411 -8.13 -54.55 14.01
N ASP E 412 -7.12 -55.18 13.43
CA ASP E 412 -6.39 -56.25 14.11
C ASP E 412 -5.38 -55.71 15.11
N THR E 413 -5.13 -54.40 15.10
CA THR E 413 -4.07 -53.81 15.90
C THR E 413 -4.46 -53.70 17.36
N GLU E 414 -3.45 -53.71 18.23
CA GLU E 414 -3.68 -53.48 19.65
C GLU E 414 -3.86 -52.00 19.92
N ILE E 415 -4.43 -51.68 21.08
CA ILE E 415 -4.57 -50.30 21.53
C ILE E 415 -3.62 -50.08 22.71
N ASP E 416 -2.84 -49.00 22.64
CA ASP E 416 -1.79 -48.72 23.63
C ASP E 416 -1.39 -47.26 23.48
N TYR E 417 -0.65 -46.75 24.46
CA TYR E 417 -0.02 -45.44 24.34
C TYR E 417 0.94 -45.40 23.16
N ASP E 418 1.79 -46.43 23.02
CA ASP E 418 2.75 -46.47 21.94
C ASP E 418 2.10 -46.81 20.60
N ASN E 419 1.01 -47.58 20.62
CA ASN E 419 0.38 -48.02 19.38
C ASN E 419 -0.42 -46.91 18.70
N LEU E 420 -1.17 -46.11 19.47
CA LEU E 420 -2.05 -45.12 18.87
C LEU E 420 -1.31 -43.90 18.35
N ILE E 421 -0.20 -43.51 18.99
CA ILE E 421 0.53 -42.33 18.57
C ILE E 421 1.22 -42.54 17.23
N ALA E 422 1.61 -43.79 16.93
CA ALA E 422 2.07 -44.10 15.58
C ALA E 422 0.90 -44.19 14.62
N ALA E 423 -0.29 -44.50 15.13
CA ALA E 423 -1.49 -44.63 14.30
C ALA E 423 -2.20 -43.30 14.07
N GLY E 424 -1.82 -42.24 14.79
CA GLY E 424 -2.42 -40.94 14.58
C GLY E 424 -3.60 -40.61 15.47
N SER E 425 -3.54 -40.96 16.76
CA SER E 425 -4.63 -40.69 17.68
C SER E 425 -4.09 -40.64 19.11
N MET E 426 -5.02 -40.43 20.05
CA MET E 426 -4.70 -40.36 21.46
C MET E 426 -5.86 -40.96 22.23
N MET E 427 -5.57 -41.46 23.44
CA MET E 427 -6.60 -42.10 24.27
C MET E 427 -7.71 -41.13 24.65
N GLY E 428 -7.34 -39.89 24.95
CA GLY E 428 -8.34 -38.88 25.31
C GLY E 428 -8.98 -39.18 26.65
N SER E 429 -10.28 -38.93 26.73
CA SER E 429 -11.03 -39.21 27.96
C SER E 429 -11.51 -40.65 28.03
N GLY E 430 -11.19 -41.47 27.04
CA GLY E 430 -11.66 -42.84 26.97
C GLY E 430 -12.90 -43.05 26.13
N GLY E 431 -13.31 -42.04 25.35
CA GLY E 431 -14.50 -42.19 24.54
C GLY E 431 -14.25 -43.05 23.31
N LEU E 432 -15.34 -43.32 22.59
CA LEU E 432 -15.29 -44.04 21.33
C LEU E 432 -16.44 -43.57 20.46
N ILE E 433 -16.13 -43.20 19.22
CA ILE E 433 -17.13 -42.79 18.25
C ILE E 433 -17.01 -43.68 17.03
N VAL E 434 -18.05 -44.47 16.77
CA VAL E 434 -18.07 -45.39 15.64
C VAL E 434 -18.97 -44.82 14.57
N MET E 435 -18.65 -45.11 13.32
CA MET E 435 -19.28 -44.47 12.18
C MET E 435 -19.72 -45.50 11.14
N ASP E 436 -20.64 -45.07 10.28
CA ASP E 436 -21.19 -45.90 9.21
C ASP E 436 -21.03 -45.19 7.87
N GLU E 437 -21.65 -45.76 6.84
CA GLU E 437 -21.51 -45.21 5.48
C GLU E 437 -22.24 -43.89 5.33
N ASP E 438 -23.35 -43.70 6.05
CA ASP E 438 -24.28 -42.62 5.79
C ASP E 438 -23.75 -41.24 6.10
N ASN E 439 -22.61 -41.12 6.79
CA ASN E 439 -22.06 -39.81 7.10
C ASN E 439 -20.93 -39.44 6.16
N CYS E 440 -20.79 -38.14 5.90
CA CYS E 440 -19.73 -37.62 5.06
C CYS E 440 -18.48 -37.42 5.91
N MET E 441 -17.35 -37.88 5.41
CA MET E 441 -16.11 -37.81 6.19
C MET E 441 -15.66 -36.36 6.36
N VAL E 442 -16.01 -35.50 5.41
CA VAL E 442 -15.78 -34.08 5.58
C VAL E 442 -16.73 -33.51 6.63
N ASP E 443 -17.94 -34.08 6.73
CA ASP E 443 -18.91 -33.58 7.70
C ASP E 443 -18.52 -33.92 9.13
N VAL E 444 -17.90 -35.09 9.32
CA VAL E 444 -17.42 -35.40 10.67
C VAL E 444 -16.10 -34.69 10.93
N ALA E 445 -15.44 -34.21 9.88
CA ALA E 445 -14.17 -33.53 10.05
C ALA E 445 -14.34 -32.20 10.77
N ARG E 446 -15.33 -31.40 10.37
CA ARG E 446 -15.53 -30.12 11.03
C ARG E 446 -16.47 -30.26 12.24
N PHE E 447 -16.98 -31.48 12.47
CA PHE E 447 -17.88 -31.66 13.61
C PHE E 447 -17.11 -31.74 14.92
N PHE E 448 -15.81 -32.00 14.87
CA PHE E 448 -15.02 -31.97 16.10
C PHE E 448 -14.42 -30.59 16.33
N LEU E 449 -13.87 -29.99 15.29
CA LEU E 449 -13.11 -28.76 15.44
C LEU E 449 -14.00 -27.55 15.74
N ASP E 450 -15.27 -27.60 15.34
CA ASP E 450 -16.17 -26.51 15.71
C ASP E 450 -16.44 -26.49 17.21
N PHE E 451 -16.45 -27.66 17.84
CA PHE E 451 -16.55 -27.75 19.29
C PHE E 451 -15.36 -27.09 19.98
N THR E 452 -14.18 -27.19 19.36
CA THR E 452 -13.00 -26.59 19.96
C THR E 452 -12.80 -25.14 19.55
N GLN E 453 -13.56 -24.67 18.55
CA GLN E 453 -13.42 -23.30 18.09
C GLN E 453 -13.81 -22.30 19.16
N ASP E 454 -14.93 -22.56 19.85
CA ASP E 454 -15.35 -21.67 20.92
C ASP E 454 -14.58 -21.92 22.20
N GLU E 455 -13.87 -23.04 22.29
CA GLU E 455 -13.25 -23.42 23.55
C GLU E 455 -11.76 -23.12 23.62
N SER E 456 -11.19 -22.43 22.63
CA SER E 456 -9.84 -21.93 22.81
C SER E 456 -9.85 -20.76 23.78
N CYS E 457 -8.82 -20.68 24.63
CA CYS E 457 -8.75 -19.52 25.51
C CYS E 457 -8.30 -18.28 24.76
N GLY E 458 -7.65 -18.46 23.60
CA GLY E 458 -7.43 -17.36 22.69
C GLY E 458 -6.11 -16.65 22.79
N LYS E 459 -5.21 -17.08 23.66
CA LYS E 459 -4.01 -16.29 23.92
C LYS E 459 -2.88 -16.65 22.97
N CYS E 460 -2.72 -17.98 22.63
CA CYS E 460 -1.68 -18.02 21.62
C CYS E 460 -2.30 -17.78 20.24
N PRO E 461 -1.62 -17.02 19.39
CA PRO E 461 -2.13 -16.72 18.05
C PRO E 461 -2.38 -17.96 17.20
N PRO E 462 -1.64 -19.07 17.36
CA PRO E 462 -2.10 -20.30 16.70
C PRO E 462 -3.49 -20.75 17.11
N CYS E 463 -3.77 -20.86 18.40
CA CYS E 463 -5.06 -21.39 18.79
C CYS E 463 -6.16 -20.33 18.74
N ARG E 464 -5.82 -19.09 18.43
CA ARG E 464 -6.82 -18.03 18.31
C ARG E 464 -7.30 -17.86 16.88
N ILE E 465 -6.41 -17.49 15.97
CA ILE E 465 -6.83 -17.12 14.62
C ILE E 465 -6.49 -18.23 13.65
N GLY E 466 -5.53 -19.09 14.04
CA GLY E 466 -5.16 -20.19 13.17
C GLY E 466 -6.25 -21.24 13.08
N THR E 467 -7.09 -21.32 14.11
CA THR E 467 -8.14 -22.32 14.11
C THR E 467 -9.20 -22.01 13.06
N LYS E 468 -9.61 -20.75 12.90
CA LYS E 468 -10.71 -20.49 11.98
C LYS E 468 -10.24 -20.56 10.53
N ARG E 469 -8.93 -20.43 10.30
CA ARG E 469 -8.33 -20.53 8.97
C ARG E 469 -8.75 -21.80 8.25
N MET E 470 -8.78 -22.94 8.96
CA MET E 470 -9.17 -24.18 8.33
C MET E 470 -10.69 -24.29 8.17
N LEU E 471 -11.47 -23.58 9.01
CA LEU E 471 -12.93 -23.62 8.87
C LEU E 471 -13.37 -23.09 7.53
N GLU E 472 -12.85 -21.94 7.13
CA GLU E 472 -13.27 -21.33 5.87
C GLU E 472 -12.80 -22.12 4.66
N ILE E 473 -11.79 -22.99 4.81
CA ILE E 473 -11.35 -23.81 3.69
C ILE E 473 -12.41 -24.82 3.30
N LEU E 474 -12.79 -25.70 4.24
CA LEU E 474 -13.73 -26.74 3.86
C LEU E 474 -15.15 -26.21 3.78
N GLU E 475 -15.39 -25.00 4.29
CA GLU E 475 -16.73 -24.42 4.18
C GLU E 475 -17.04 -24.01 2.75
N ARG E 476 -16.02 -23.56 2.01
CA ARG E 476 -16.20 -23.39 0.56
C ARG E 476 -16.27 -24.73 -0.13
N ILE E 477 -15.57 -25.73 0.41
CA ILE E 477 -15.56 -27.06 -0.20
C ILE E 477 -16.92 -27.73 -0.07
N CYS E 478 -17.53 -27.66 1.12
CA CYS E 478 -18.83 -28.30 1.31
C CYS E 478 -19.94 -27.56 0.58
N ASP E 479 -19.72 -26.30 0.23
CA ASP E 479 -20.63 -25.59 -0.66
C ASP E 479 -20.24 -25.71 -2.13
N GLY E 480 -19.01 -26.10 -2.42
CA GLY E 480 -18.56 -26.24 -3.78
C GLY E 480 -17.74 -25.10 -4.32
N LYS E 481 -17.34 -24.15 -3.48
CA LYS E 481 -16.51 -23.03 -3.92
C LYS E 481 -15.03 -23.32 -3.82
N GLY E 482 -14.65 -24.49 -3.31
CA GLY E 482 -13.25 -24.85 -3.22
C GLY E 482 -12.62 -25.07 -4.58
N VAL E 483 -11.32 -24.79 -4.66
CA VAL E 483 -10.60 -24.84 -5.93
C VAL E 483 -9.46 -25.85 -5.85
N GLU E 484 -8.80 -26.10 -6.98
CA GLU E 484 -7.77 -27.11 -7.06
C GLU E 484 -6.51 -26.68 -6.32
N GLY E 485 -5.65 -27.66 -6.04
CA GLY E 485 -4.37 -27.42 -5.41
C GLY E 485 -4.42 -27.21 -3.92
N ASP E 486 -5.59 -27.30 -3.29
CA ASP E 486 -5.73 -27.01 -1.88
C ASP E 486 -5.62 -28.24 -1.00
N ILE E 487 -5.45 -29.43 -1.58
CA ILE E 487 -5.26 -30.63 -0.77
C ILE E 487 -3.90 -30.59 -0.07
N GLU E 488 -2.92 -29.95 -0.68
CA GLU E 488 -1.62 -29.79 -0.04
C GLU E 488 -1.65 -28.63 0.95
N ARG E 489 -2.61 -27.72 0.78
CA ARG E 489 -2.63 -26.44 1.47
C ARG E 489 -2.82 -26.59 2.98
N LEU E 490 -3.49 -27.64 3.43
CA LEU E 490 -3.75 -27.77 4.86
C LEU E 490 -2.49 -28.20 5.62
N GLU E 491 -1.50 -28.75 4.91
CA GLU E 491 -0.37 -29.39 5.60
C GLU E 491 0.61 -28.37 6.17
N GLU E 492 0.74 -27.19 5.54
CA GLU E 492 1.61 -26.17 6.11
C GLU E 492 1.03 -25.61 7.41
N LEU E 493 -0.30 -25.44 7.46
CA LEU E 493 -0.93 -25.04 8.71
C LEU E 493 -0.99 -26.20 9.69
N ALA E 494 -0.88 -27.44 9.22
CA ALA E 494 -0.94 -28.59 10.10
C ALA E 494 0.28 -28.66 11.00
N VAL E 495 1.47 -28.43 10.45
CA VAL E 495 2.68 -28.54 11.25
C VAL E 495 2.87 -27.30 12.13
N GLY E 496 2.31 -26.16 11.73
CA GLY E 496 2.51 -24.95 12.50
C GLY E 496 1.80 -24.96 13.84
N ILE E 497 0.51 -25.31 13.84
CA ILE E 497 -0.25 -25.33 15.09
C ILE E 497 0.11 -26.56 15.91
N LYS E 498 0.69 -27.58 15.26
CA LYS E 498 1.22 -28.71 16.01
C LYS E 498 2.45 -28.31 16.80
N SER E 499 3.27 -27.41 16.27
CA SER E 499 4.56 -27.10 16.85
C SER E 499 4.54 -25.96 17.86
N SER E 500 3.80 -24.88 17.61
CA SER E 500 3.90 -23.67 18.39
C SER E 500 2.68 -23.44 19.28
N ALA E 501 1.87 -24.47 19.47
CA ALA E 501 0.73 -24.37 20.37
C ALA E 501 1.20 -24.27 21.82
N LEU E 502 0.44 -23.52 22.61
CA LEU E 502 0.81 -23.37 24.02
C LEU E 502 0.06 -24.37 24.89
N CYS E 503 -1.27 -24.26 24.94
CA CYS E 503 -2.01 -25.26 25.68
C CYS E 503 -2.23 -26.47 24.78
N GLY E 504 -2.57 -27.61 25.40
CA GLY E 504 -2.62 -28.87 24.68
C GLY E 504 -3.75 -28.98 23.67
N LEU E 505 -4.69 -28.04 23.68
CA LEU E 505 -5.75 -28.05 22.68
C LEU E 505 -5.20 -27.82 21.28
N GLY E 506 -4.21 -26.94 21.15
CA GLY E 506 -3.75 -26.49 19.86
C GLY E 506 -3.10 -27.53 18.97
N GLN E 507 -2.12 -28.27 19.51
CA GLN E 507 -1.43 -29.27 18.69
C GLN E 507 -2.31 -30.48 18.42
N THR E 508 -3.28 -30.75 19.29
CA THR E 508 -4.22 -31.83 19.08
C THR E 508 -5.46 -31.39 18.32
N ALA E 509 -5.58 -30.10 18.00
CA ALA E 509 -6.64 -29.66 17.10
C ALA E 509 -6.53 -30.25 15.70
N PRO E 510 -5.38 -30.28 15.03
CA PRO E 510 -5.32 -30.98 13.73
C PRO E 510 -5.10 -32.48 13.83
N ASN E 511 -5.14 -33.05 15.03
CA ASN E 511 -5.05 -34.51 15.16
C ASN E 511 -6.16 -35.24 14.41
N PRO E 512 -7.43 -34.80 14.42
CA PRO E 512 -8.35 -35.34 13.40
C PRO E 512 -7.94 -35.02 11.97
N VAL E 513 -7.34 -33.84 11.73
CA VAL E 513 -7.02 -33.43 10.36
C VAL E 513 -5.87 -34.25 9.81
N LEU E 514 -4.86 -34.54 10.64
CA LEU E 514 -3.73 -35.34 10.18
C LEU E 514 -4.14 -36.77 9.87
N SER E 515 -4.99 -37.36 10.70
CA SER E 515 -5.37 -38.76 10.51
C SER E 515 -6.23 -38.95 9.27
N THR E 516 -7.16 -38.03 9.01
CA THR E 516 -8.11 -38.19 7.92
C THR E 516 -7.49 -37.99 6.54
N ILE E 517 -6.33 -37.35 6.45
CA ILE E 517 -5.71 -37.16 5.14
C ILE E 517 -4.65 -38.22 4.85
N ARG E 518 -4.18 -38.95 5.86
CA ARG E 518 -3.24 -40.03 5.61
C ARG E 518 -3.95 -41.26 5.05
N PHE E 519 -5.15 -41.57 5.55
CA PHE E 519 -5.84 -42.79 5.18
C PHE E 519 -7.00 -42.56 4.21
N PHE E 520 -7.67 -41.42 4.30
CA PHE E 520 -8.88 -41.13 3.52
C PHE E 520 -8.64 -39.93 2.63
N ARG E 521 -7.52 -39.92 1.91
CA ARG E 521 -7.16 -38.78 1.10
C ARG E 521 -7.97 -38.67 -0.19
N ASP E 522 -8.45 -39.79 -0.73
CA ASP E 522 -8.95 -39.81 -2.09
C ASP E 522 -10.33 -39.15 -2.20
N GLU E 523 -11.19 -39.33 -1.20
CA GLU E 523 -12.58 -38.95 -1.39
C GLU E 523 -12.82 -37.44 -1.27
N TYR E 524 -11.79 -36.66 -0.96
CA TYR E 524 -11.92 -35.21 -1.07
C TYR E 524 -12.13 -34.80 -2.52
N GLU E 525 -11.48 -35.50 -3.45
CA GLU E 525 -11.62 -35.17 -4.87
C GLU E 525 -13.01 -35.45 -5.39
N ALA E 526 -13.79 -36.25 -4.68
CA ALA E 526 -15.22 -36.36 -4.96
C ALA E 526 -15.92 -35.03 -4.71
N HIS E 527 -15.42 -34.24 -3.75
CA HIS E 527 -15.97 -32.92 -3.48
C HIS E 527 -15.21 -31.83 -4.22
N ILE E 528 -13.95 -32.07 -4.58
CA ILE E 528 -13.17 -31.06 -5.29
C ILE E 528 -13.41 -31.15 -6.79
N ARG E 529 -13.31 -32.35 -7.35
CA ARG E 529 -13.42 -32.51 -8.81
C ARG E 529 -14.80 -33.02 -9.22
N ASP E 530 -15.26 -34.10 -8.60
CA ASP E 530 -16.51 -34.73 -9.00
C ASP E 530 -17.71 -33.88 -8.56
N LYS E 531 -17.56 -33.13 -7.47
CA LYS E 531 -18.63 -32.32 -6.87
C LYS E 531 -19.84 -33.16 -6.49
N LYS E 532 -19.59 -34.40 -6.08
CA LYS E 532 -20.61 -35.29 -5.56
C LYS E 532 -20.30 -35.64 -4.12
N CYS E 533 -21.34 -35.90 -3.34
CA CYS E 533 -21.21 -36.42 -1.98
C CYS E 533 -21.87 -37.78 -1.90
N PRO E 534 -21.10 -38.87 -2.00
CA PRO E 534 -21.72 -40.22 -2.00
C PRO E 534 -22.42 -40.58 -0.69
N ALA E 535 -22.09 -39.93 0.41
CA ALA E 535 -22.79 -40.20 1.67
C ALA E 535 -24.21 -39.64 1.67
N GLY E 536 -24.43 -38.46 1.10
CA GLY E 536 -25.77 -37.92 0.99
C GLY E 536 -26.19 -36.98 2.10
N VAL E 537 -25.27 -36.62 2.98
CA VAL E 537 -25.56 -35.66 4.03
C VAL E 537 -24.84 -34.33 3.79
N CYS E 538 -23.73 -34.33 3.05
CA CYS E 538 -23.02 -33.11 2.70
C CYS E 538 -23.87 -32.34 1.71
N LYS E 539 -24.47 -31.23 2.18
CA LYS E 539 -25.77 -30.81 1.66
C LYS E 539 -25.68 -30.02 0.36
N HIS E 540 -24.81 -29.01 0.30
CA HIS E 540 -24.91 -27.96 -0.71
C HIS E 540 -24.40 -28.34 -2.09
N LEU E 541 -24.23 -29.62 -2.38
CA LEU E 541 -23.76 -30.04 -3.70
C LEU E 541 -24.48 -31.26 -4.25
N LEU E 542 -25.52 -31.75 -3.56
CA LEU E 542 -26.25 -32.92 -4.00
C LEU E 542 -27.28 -32.57 -5.07
N ASP E 543 -28.16 -33.52 -5.36
CA ASP E 543 -29.27 -33.34 -6.27
C ASP E 543 -30.39 -34.30 -5.87
N PHE E 544 -31.62 -33.93 -6.19
CA PHE E 544 -32.77 -34.78 -5.93
C PHE E 544 -33.26 -35.41 -7.24
N LYS E 545 -33.43 -36.73 -7.22
CA LYS E 545 -33.98 -37.47 -8.33
C LYS E 545 -35.20 -38.25 -7.85
N ILE E 546 -36.24 -38.22 -8.67
CA ILE E 546 -37.47 -38.94 -8.39
C ILE E 546 -37.37 -40.33 -9.01
N ASN E 547 -37.99 -41.32 -8.37
CA ASN E 547 -38.10 -42.66 -8.90
C ASN E 547 -39.49 -42.82 -9.50
N ALA E 548 -39.57 -42.82 -10.84
CA ALA E 548 -40.85 -42.82 -11.53
C ALA E 548 -41.60 -44.14 -11.37
N ASP E 549 -40.89 -45.22 -11.05
CA ASP E 549 -41.57 -46.50 -10.82
C ASP E 549 -42.42 -46.46 -9.56
N THR E 550 -41.89 -45.90 -8.47
CA THR E 550 -42.57 -45.88 -7.19
C THR E 550 -43.43 -44.63 -6.99
N CYS E 551 -42.96 -43.47 -7.44
CA CYS E 551 -43.71 -42.22 -7.25
C CYS E 551 -44.98 -42.24 -8.10
N LYS E 552 -46.06 -41.75 -7.50
CA LYS E 552 -47.33 -41.64 -8.21
C LYS E 552 -47.47 -40.33 -8.95
N GLY E 553 -46.89 -39.26 -8.43
CA GLY E 553 -47.05 -37.96 -9.05
C GLY E 553 -48.15 -37.16 -8.40
N CYS E 554 -48.25 -37.26 -7.08
CA CYS E 554 -49.32 -36.57 -6.35
C CYS E 554 -49.10 -35.07 -6.27
N GLY E 555 -47.86 -34.60 -6.40
CA GLY E 555 -47.61 -33.17 -6.38
C GLY E 555 -47.66 -32.52 -5.02
N ILE E 556 -47.67 -33.30 -3.94
CA ILE E 556 -47.65 -32.74 -2.60
C ILE E 556 -46.33 -32.02 -2.34
N CYS E 557 -45.23 -32.59 -2.84
CA CYS E 557 -43.92 -31.95 -2.68
C CYS E 557 -43.82 -30.64 -3.44
N ALA E 558 -44.55 -30.52 -4.57
CA ALA E 558 -44.48 -29.31 -5.37
C ALA E 558 -45.07 -28.12 -4.64
N LYS E 559 -46.15 -28.33 -3.89
CA LYS E 559 -46.76 -27.23 -3.13
C LYS E 559 -45.87 -26.80 -1.98
N LYS E 560 -45.18 -27.74 -1.34
CA LYS E 560 -44.31 -27.41 -0.22
C LYS E 560 -42.91 -27.02 -0.66
N CYS E 561 -42.61 -27.01 -1.95
CA CYS E 561 -41.32 -26.53 -2.44
C CYS E 561 -41.28 -25.01 -2.38
N PRO E 562 -40.35 -24.41 -1.63
CA PRO E 562 -40.32 -22.93 -1.55
C PRO E 562 -39.81 -22.28 -2.82
N ALA E 563 -38.94 -22.95 -3.58
CA ALA E 563 -38.29 -22.35 -4.73
C ALA E 563 -39.10 -22.49 -6.01
N ASP E 564 -40.23 -23.19 -5.97
CA ASP E 564 -41.06 -23.49 -7.15
C ASP E 564 -40.23 -24.19 -8.22
N ALA E 565 -39.33 -25.07 -7.77
CA ALA E 565 -38.43 -25.79 -8.66
C ALA E 565 -38.97 -27.15 -9.08
N ILE E 566 -40.18 -27.49 -8.65
CA ILE E 566 -40.79 -28.79 -8.93
C ILE E 566 -41.91 -28.56 -9.93
N SER E 567 -41.87 -29.28 -11.05
CA SER E 567 -42.90 -29.17 -12.07
C SER E 567 -43.37 -30.57 -12.47
N GLY E 568 -44.64 -30.65 -12.83
CA GLY E 568 -45.23 -31.92 -13.23
C GLY E 568 -46.73 -31.84 -13.16
N GLU E 569 -47.36 -32.92 -13.61
CA GLU E 569 -48.81 -33.01 -13.70
C GLU E 569 -49.31 -34.19 -12.88
N LYS E 570 -50.64 -34.33 -12.84
CA LYS E 570 -51.26 -35.40 -12.08
C LYS E 570 -50.92 -36.76 -12.69
N LYS E 571 -50.97 -37.79 -11.86
CA LYS E 571 -50.71 -39.21 -12.14
C LYS E 571 -49.36 -39.46 -12.83
N LYS E 572 -48.46 -38.48 -12.84
CA LYS E 572 -47.15 -38.56 -13.45
C LYS E 572 -46.12 -37.95 -12.50
N PRO E 573 -45.01 -38.66 -12.25
CA PRO E 573 -44.01 -38.16 -11.29
C PRO E 573 -43.40 -36.84 -11.75
N TYR E 574 -43.31 -35.90 -10.82
CA TYR E 574 -42.92 -34.54 -11.12
C TYR E 574 -41.43 -34.48 -11.47
N ASN E 575 -41.06 -33.49 -12.28
CA ASN E 575 -39.69 -33.30 -12.71
C ASN E 575 -39.09 -32.13 -11.96
N ILE E 576 -37.76 -32.12 -11.84
CA ILE E 576 -37.05 -31.24 -10.94
C ILE E 576 -36.15 -30.32 -11.75
N ASP E 577 -35.95 -29.10 -11.24
CA ASP E 577 -34.91 -28.19 -11.73
C ASP E 577 -33.90 -28.04 -10.61
N THR E 578 -32.70 -28.58 -10.82
CA THR E 578 -31.67 -28.52 -9.79
C THR E 578 -31.03 -27.14 -9.69
N SER E 579 -31.26 -26.28 -10.69
CA SER E 579 -30.71 -24.94 -10.65
C SER E 579 -31.40 -24.07 -9.62
N LYS E 580 -32.72 -24.25 -9.44
CA LYS E 580 -33.49 -23.35 -8.59
C LYS E 580 -33.62 -23.84 -7.15
N CYS E 581 -33.39 -25.12 -6.89
CA CYS E 581 -33.48 -25.64 -5.53
C CYS E 581 -32.41 -25.05 -4.63
N ILE E 582 -32.79 -24.74 -3.40
CA ILE E 582 -31.84 -24.40 -2.35
C ILE E 582 -31.21 -25.67 -1.76
N LYS E 583 -31.71 -26.83 -2.19
CA LYS E 583 -31.40 -28.15 -1.60
C LYS E 583 -31.73 -28.16 -0.11
N CYS E 584 -32.82 -27.46 0.24
CA CYS E 584 -33.32 -27.51 1.61
C CYS E 584 -33.90 -28.87 1.94
N GLY E 585 -34.44 -29.56 0.93
CA GLY E 585 -34.94 -30.89 1.14
C GLY E 585 -36.28 -30.98 1.84
N ALA E 586 -37.09 -29.92 1.77
CA ALA E 586 -38.42 -29.99 2.36
C ALA E 586 -39.36 -30.86 1.53
N CYS E 587 -39.00 -31.14 0.27
CA CYS E 587 -39.87 -31.89 -0.61
C CYS E 587 -39.79 -33.40 -0.36
N ILE E 588 -38.66 -33.90 0.14
CA ILE E 588 -38.46 -35.35 0.17
C ILE E 588 -39.35 -36.02 1.22
N GLU E 589 -39.59 -35.37 2.36
CA GLU E 589 -40.57 -35.88 3.32
C GLU E 589 -41.99 -35.46 2.96
N ALA E 590 -42.14 -34.42 2.13
CA ALA E 590 -43.45 -34.08 1.59
C ALA E 590 -43.96 -35.12 0.61
N CYS E 591 -43.10 -35.99 0.12
CA CYS E 591 -43.55 -37.16 -0.63
C CYS E 591 -43.96 -38.26 0.33
N PRO E 592 -45.23 -38.65 0.38
CA PRO E 592 -45.61 -39.80 1.20
C PRO E 592 -45.09 -41.12 0.66
N PHE E 593 -44.87 -41.21 -0.65
CA PHE E 593 -44.31 -42.42 -1.24
C PHE E 593 -42.81 -42.52 -0.96
N GLY E 594 -42.13 -41.39 -0.79
CA GLY E 594 -40.70 -41.38 -0.51
C GLY E 594 -39.84 -41.87 -1.65
N SER E 595 -40.12 -41.44 -2.88
CA SER E 595 -39.38 -41.88 -4.06
C SER E 595 -38.31 -40.89 -4.48
N ILE E 596 -38.05 -39.84 -3.71
CA ILE E 596 -37.02 -38.87 -4.01
C ILE E 596 -35.69 -39.40 -3.50
N SER E 597 -34.66 -39.34 -4.34
CA SER E 597 -33.34 -39.85 -4.00
C SER E 597 -32.32 -38.72 -4.06
N LYS E 598 -31.30 -38.81 -3.21
CA LYS E 598 -30.17 -37.89 -3.27
C LYS E 598 -29.26 -38.27 -4.43
N ALA E 599 -29.44 -37.61 -5.57
CA ALA E 599 -28.60 -37.88 -6.73
C ALA E 599 -27.54 -36.79 -6.90
N MET F 1 -39.41 -16.22 41.55
CA MET F 1 -38.02 -16.60 41.78
C MET F 1 -37.11 -15.37 41.79
N ALA F 2 -37.42 -14.41 40.93
CA ALA F 2 -36.62 -13.20 40.78
C ALA F 2 -37.33 -12.07 41.54
N GLU F 3 -36.79 -11.70 42.70
CA GLU F 3 -37.38 -10.65 43.52
C GLU F 3 -36.71 -9.30 43.27
N LEU F 4 -36.62 -8.91 42.00
CA LEU F 4 -36.22 -7.57 41.55
C LEU F 4 -34.88 -7.09 42.09
N ILE F 5 -34.66 -5.79 42.05
CA ILE F 5 -33.36 -5.19 42.37
C ILE F 5 -33.05 -5.08 43.87
N PRO F 6 -33.81 -4.30 44.69
CA PRO F 6 -33.18 -3.77 45.93
C PRO F 6 -32.91 -4.76 47.06
N VAL F 7 -33.91 -5.55 47.44
CA VAL F 7 -33.84 -6.30 48.69
C VAL F 7 -32.86 -7.46 48.58
N GLU F 8 -32.72 -7.99 47.36
CA GLU F 8 -31.87 -9.16 47.06
C GLU F 8 -30.41 -8.77 46.96
N ASN F 9 -30.16 -7.57 46.47
CA ASN F 9 -28.80 -7.08 46.36
C ASN F 9 -28.30 -6.88 47.79
N LEU F 10 -29.15 -6.29 48.61
CA LEU F 10 -28.83 -6.06 50.02
C LEU F 10 -28.67 -7.38 50.77
N ASP F 11 -29.73 -8.19 50.78
CA ASP F 11 -29.70 -9.46 51.50
C ASP F 11 -28.52 -10.34 51.09
N VAL F 12 -28.40 -10.64 49.80
CA VAL F 12 -27.32 -11.51 49.34
C VAL F 12 -25.93 -10.88 49.41
N VAL F 13 -25.80 -9.56 49.33
CA VAL F 13 -24.43 -9.04 49.38
C VAL F 13 -23.94 -8.61 50.75
N LYS F 14 -24.88 -8.43 51.67
CA LYS F 14 -24.50 -8.16 53.04
C LYS F 14 -24.37 -9.50 53.81
N ALA F 15 -24.77 -10.63 53.21
CA ALA F 15 -24.67 -11.88 53.94
C ALA F 15 -23.43 -12.67 53.55
N ILE F 16 -23.30 -13.06 52.28
CA ILE F 16 -22.29 -14.05 51.90
C ILE F 16 -21.18 -13.47 51.05
N VAL F 17 -20.90 -12.17 51.15
CA VAL F 17 -19.67 -11.63 50.59
C VAL F 17 -18.58 -11.60 51.66
N ALA F 18 -18.94 -11.24 52.89
CA ALA F 18 -17.97 -11.02 53.95
C ALA F 18 -17.45 -12.33 54.54
N GLU F 19 -16.52 -12.98 53.84
CA GLU F 19 -15.78 -14.11 54.40
C GLU F 19 -14.30 -13.93 54.05
N HIS F 20 -13.49 -14.88 54.50
CA HIS F 20 -12.06 -14.88 54.22
C HIS F 20 -11.74 -15.97 53.21
N ARG F 21 -10.53 -15.87 52.63
CA ARG F 21 -9.97 -16.80 51.64
C ARG F 21 -10.80 -16.75 50.35
N GLU F 22 -10.40 -17.52 49.33
CA GLU F 22 -11.12 -17.63 48.05
C GLU F 22 -11.26 -16.25 47.39
N VAL F 23 -10.10 -15.75 46.96
CA VAL F 23 -9.88 -14.34 46.62
C VAL F 23 -10.85 -13.74 45.60
N PRO F 24 -10.97 -14.11 44.29
CA PRO F 24 -12.34 -14.16 43.76
C PRO F 24 -13.13 -15.30 44.36
N GLY F 25 -12.68 -16.54 44.11
CA GLY F 25 -13.18 -17.74 44.74
C GLY F 25 -14.69 -17.88 44.81
N CYS F 26 -15.21 -17.74 46.02
CA CYS F 26 -16.64 -17.83 46.29
C CYS F 26 -17.43 -16.71 45.63
N LEU F 27 -16.77 -15.68 45.10
CA LEU F 27 -17.48 -14.69 44.28
C LEU F 27 -18.06 -15.35 43.04
N MET F 28 -17.32 -16.28 42.41
CA MET F 28 -17.95 -17.07 41.36
C MET F 28 -19.12 -17.86 41.92
N GLN F 29 -18.98 -18.34 43.16
CA GLN F 29 -20.08 -19.03 43.82
C GLN F 29 -21.27 -18.13 44.05
N ILE F 30 -21.06 -16.81 44.20
CA ILE F 30 -22.26 -15.99 44.30
C ILE F 30 -22.71 -15.54 42.92
N LEU F 31 -21.80 -15.56 41.93
CA LEU F 31 -22.18 -15.20 40.56
C LEU F 31 -23.25 -16.14 40.04
N GLN F 32 -23.04 -17.45 40.21
CA GLN F 32 -24.07 -18.42 39.83
C GLN F 32 -25.33 -18.22 40.65
N GLU F 33 -25.19 -17.79 41.91
CA GLU F 33 -26.38 -17.47 42.71
C GLU F 33 -27.17 -16.33 42.10
N THR F 34 -26.47 -15.34 41.51
CA THR F 34 -27.20 -14.30 40.78
C THR F 34 -27.98 -14.90 39.63
N GLN F 35 -27.34 -15.79 38.84
CA GLN F 35 -28.12 -16.41 37.78
C GLN F 35 -28.98 -17.55 38.30
N LEU F 36 -28.90 -17.85 39.60
CA LEU F 36 -29.90 -18.70 40.21
C LEU F 36 -31.20 -17.96 40.49
N LYS F 37 -31.13 -16.63 40.67
CA LYS F 37 -32.32 -15.89 41.09
C LYS F 37 -32.48 -14.52 40.42
N TYR F 38 -31.62 -14.16 39.48
CA TYR F 38 -31.85 -12.98 38.64
C TYR F 38 -32.07 -13.32 37.18
N GLY F 39 -31.41 -14.34 36.65
CA GLY F 39 -31.44 -14.62 35.23
C GLY F 39 -30.46 -13.81 34.42
N TYR F 40 -29.74 -12.88 35.05
CA TYR F 40 -28.77 -12.04 34.37
C TYR F 40 -27.79 -11.52 35.41
N LEU F 41 -26.73 -10.87 34.92
CA LEU F 41 -25.71 -10.28 35.77
C LEU F 41 -25.80 -8.77 35.68
N PRO F 42 -26.06 -8.05 36.77
CA PRO F 42 -26.34 -6.60 36.68
C PRO F 42 -25.12 -5.81 36.27
N LEU F 43 -25.35 -4.74 35.49
CA LEU F 43 -24.25 -3.93 34.98
C LEU F 43 -23.73 -2.97 36.04
N GLU F 44 -24.60 -2.10 36.55
CA GLU F 44 -24.17 -1.04 37.46
C GLU F 44 -23.96 -1.53 38.88
N LEU F 45 -24.25 -2.80 39.16
CA LEU F 45 -24.19 -3.34 40.50
C LEU F 45 -22.93 -4.17 40.74
N GLN F 46 -22.21 -4.52 39.67
CA GLN F 46 -20.86 -5.03 39.83
C GLN F 46 -19.98 -4.01 40.54
N GLY F 47 -20.14 -2.72 40.20
CA GLY F 47 -19.42 -1.68 40.90
C GLY F 47 -19.79 -1.61 42.37
N THR F 48 -21.07 -1.83 42.69
CA THR F 48 -21.50 -1.81 44.08
C THR F 48 -20.88 -2.96 44.87
N ILE F 49 -20.94 -4.17 44.33
CA ILE F 49 -20.40 -5.32 45.06
C ILE F 49 -18.88 -5.26 45.11
N ALA F 50 -18.26 -4.63 44.10
CA ALA F 50 -16.81 -4.50 44.08
C ALA F 50 -16.33 -3.45 45.07
N ASP F 51 -17.03 -2.32 45.16
CA ASP F 51 -16.70 -1.33 46.19
C ASP F 51 -16.98 -1.85 47.58
N GLU F 52 -17.95 -2.77 47.71
CA GLU F 52 -18.08 -3.52 48.95
C GLU F 52 -16.85 -4.40 49.20
N LEU F 53 -16.34 -5.04 48.16
CA LEU F 53 -15.12 -5.83 48.27
C LEU F 53 -13.85 -4.98 48.23
N GLY F 54 -13.93 -3.77 47.68
CA GLY F 54 -12.76 -2.91 47.60
C GLY F 54 -11.76 -3.31 46.54
N ILE F 55 -12.21 -4.01 45.50
CA ILE F 55 -11.33 -4.49 44.44
C ILE F 55 -11.92 -3.99 43.12
N PRO F 56 -11.12 -3.55 42.15
CA PRO F 56 -11.67 -2.96 40.90
C PRO F 56 -12.49 -3.94 40.07
N LEU F 57 -13.04 -3.42 38.98
CA LEU F 57 -14.00 -4.14 38.15
C LEU F 57 -13.40 -4.93 37.01
N THR F 58 -12.11 -4.76 36.70
CA THR F 58 -11.57 -5.39 35.50
C THR F 58 -11.49 -6.90 35.63
N GLU F 59 -11.13 -7.40 36.82
CA GLU F 59 -10.97 -8.85 36.95
C GLU F 59 -12.33 -9.55 37.02
N VAL F 60 -13.34 -8.93 37.64
CA VAL F 60 -14.65 -9.58 37.70
C VAL F 60 -15.35 -9.49 36.35
N TYR F 61 -15.19 -8.37 35.64
CA TYR F 61 -15.74 -8.28 34.29
C TYR F 61 -15.01 -9.21 33.34
N GLY F 62 -13.71 -9.45 33.59
CA GLY F 62 -12.98 -10.44 32.83
C GLY F 62 -13.45 -11.86 33.09
N VAL F 63 -13.78 -12.17 34.35
CA VAL F 63 -14.40 -13.45 34.67
C VAL F 63 -15.75 -13.57 33.98
N ALA F 64 -16.52 -12.47 33.94
CA ALA F 64 -17.83 -12.48 33.32
C ALA F 64 -17.74 -12.74 31.81
N THR F 65 -16.80 -12.08 31.14
CA THR F 65 -16.65 -12.27 29.71
C THR F 65 -15.87 -13.53 29.34
N PHE F 66 -15.19 -14.15 30.30
CA PHE F 66 -14.37 -15.32 29.99
C PHE F 66 -15.24 -16.56 29.82
N TYR F 67 -15.95 -16.94 30.88
CA TYR F 67 -16.83 -18.10 30.81
C TYR F 67 -18.13 -17.74 30.09
N SER F 68 -18.67 -18.70 29.35
CA SER F 68 -20.03 -18.62 28.83
C SER F 68 -21.01 -19.38 29.72
N GLN F 69 -20.76 -19.41 31.04
CA GLN F 69 -21.47 -20.29 31.95
C GLN F 69 -22.77 -19.67 32.47
N PHE F 70 -23.11 -18.47 32.03
CA PHE F 70 -24.29 -17.76 32.51
C PHE F 70 -24.75 -16.79 31.43
N THR F 71 -25.74 -15.96 31.77
CA THR F 71 -26.35 -15.08 30.77
C THR F 71 -26.18 -13.60 31.10
N LEU F 72 -26.65 -12.74 30.22
CA LEU F 72 -26.52 -11.29 30.34
C LEU F 72 -27.91 -10.64 30.27
N LYS F 73 -27.90 -9.31 30.11
CA LYS F 73 -29.06 -8.43 30.01
C LYS F 73 -30.23 -8.89 29.13
N PRO F 74 -30.05 -9.16 27.78
CA PRO F 74 -31.19 -9.05 26.85
C PRO F 74 -32.39 -9.95 27.17
N LYS F 75 -33.46 -9.32 27.66
CA LYS F 75 -34.71 -10.01 28.01
C LYS F 75 -35.81 -8.95 27.91
N GLY F 76 -36.54 -8.95 26.80
CA GLY F 76 -37.59 -7.94 26.66
C GLY F 76 -38.77 -8.18 27.58
N LYS F 77 -39.60 -9.16 27.25
CA LYS F 77 -40.52 -9.72 28.23
C LYS F 77 -40.52 -11.25 28.21
N TYR F 78 -40.48 -11.85 27.02
CA TYR F 78 -40.57 -13.30 26.85
C TYR F 78 -39.39 -13.77 26.02
N LYS F 79 -39.25 -15.10 25.94
CA LYS F 79 -38.24 -15.72 25.09
C LYS F 79 -38.91 -16.78 24.23
N ILE F 80 -38.39 -16.96 23.01
CA ILE F 80 -38.91 -17.93 22.06
C ILE F 80 -37.78 -18.89 21.71
N GLY F 81 -37.83 -20.10 22.26
CA GLY F 81 -36.80 -21.07 22.00
C GLY F 81 -37.17 -22.07 20.93
N ILE F 82 -36.47 -22.01 19.79
CA ILE F 82 -36.66 -22.95 18.69
C ILE F 82 -35.64 -24.06 18.86
N CYS F 83 -36.09 -25.30 18.94
CA CYS F 83 -35.17 -26.42 19.03
C CYS F 83 -34.57 -26.70 17.66
N LEU F 84 -33.25 -26.55 17.56
CA LEU F 84 -32.55 -26.72 16.28
C LEU F 84 -31.29 -27.55 16.48
N GLY F 85 -31.42 -28.68 17.17
CA GLY F 85 -30.33 -29.63 17.29
C GLY F 85 -30.15 -30.42 16.00
N THR F 86 -29.25 -31.41 16.07
CA THR F 86 -28.92 -32.21 14.89
C THR F 86 -30.14 -32.98 14.39
N ALA F 87 -30.86 -33.64 15.30
CA ALA F 87 -32.12 -34.29 14.93
C ALA F 87 -33.16 -33.27 14.49
N CYS F 88 -33.17 -32.11 15.15
CA CYS F 88 -34.07 -31.03 14.74
C CYS F 88 -33.63 -30.35 13.46
N TYR F 89 -32.32 -30.37 13.15
CA TYR F 89 -31.87 -29.88 11.85
C TYR F 89 -32.19 -30.87 10.74
N VAL F 90 -32.31 -32.15 11.06
CA VAL F 90 -32.85 -33.12 10.10
C VAL F 90 -34.31 -32.77 9.77
N ARG F 91 -35.10 -32.45 10.79
CA ARG F 91 -36.45 -31.94 10.56
C ARG F 91 -36.43 -30.53 9.97
N GLY F 92 -35.62 -29.64 10.54
CA GLY F 92 -35.51 -28.29 10.02
C GLY F 92 -36.64 -27.38 10.44
N SER F 93 -36.31 -26.10 10.70
CA SER F 93 -37.33 -25.13 11.06
C SER F 93 -37.07 -23.77 10.42
N GLN F 94 -36.53 -23.74 9.20
CA GLN F 94 -36.11 -22.48 8.60
C GLN F 94 -37.31 -21.69 8.08
N ALA F 95 -38.32 -22.38 7.54
CA ALA F 95 -39.51 -21.69 7.05
C ALA F 95 -40.29 -21.06 8.18
N ILE F 96 -40.24 -21.67 9.37
CA ILE F 96 -40.87 -21.07 10.54
C ILE F 96 -40.14 -19.79 10.94
N ILE F 97 -38.82 -19.78 10.81
CA ILE F 97 -38.04 -18.57 11.09
C ILE F 97 -38.36 -17.48 10.07
N ASP F 98 -38.56 -17.88 8.82
CA ASP F 98 -38.90 -16.93 7.76
C ASP F 98 -40.30 -16.38 8.02
N LYS F 99 -41.16 -17.22 8.58
CA LYS F 99 -42.54 -16.86 8.89
C LYS F 99 -42.62 -15.79 9.99
N VAL F 100 -41.79 -15.92 11.02
CA VAL F 100 -41.78 -14.95 12.11
C VAL F 100 -41.03 -13.68 11.74
N ASN F 101 -40.20 -13.76 10.70
CA ASN F 101 -39.45 -12.60 10.22
C ASN F 101 -40.34 -11.64 9.44
N SER F 102 -41.43 -12.16 8.90
CA SER F 102 -42.38 -11.34 8.14
C SER F 102 -43.56 -10.89 9.00
N VAL F 103 -43.67 -11.41 10.22
CA VAL F 103 -44.77 -11.04 11.11
C VAL F 103 -44.31 -10.49 12.46
N LEU F 104 -43.55 -11.30 13.20
CA LEU F 104 -43.07 -10.89 14.52
C LEU F 104 -42.03 -9.76 14.45
N GLY F 105 -40.91 -10.02 13.79
CA GLY F 105 -39.87 -8.99 13.70
C GLY F 105 -38.57 -9.45 13.05
N THR F 106 -37.43 -9.20 13.69
CA THR F 106 -36.12 -9.56 13.13
C THR F 106 -35.80 -11.06 13.24
N GLN F 107 -34.66 -11.47 12.66
CA GLN F 107 -34.13 -12.83 12.63
C GLN F 107 -33.60 -13.36 14.00
N VAL F 108 -33.01 -14.57 14.05
CA VAL F 108 -32.50 -15.11 15.31
C VAL F 108 -31.31 -14.27 15.79
N GLY F 109 -31.15 -14.19 17.12
CA GLY F 109 -30.04 -13.50 17.72
C GLY F 109 -30.38 -12.15 18.34
N ASP F 110 -31.56 -11.61 18.09
CA ASP F 110 -31.95 -10.29 18.58
C ASP F 110 -33.30 -10.36 19.27
N THR F 111 -33.42 -9.68 20.41
CA THR F 111 -34.73 -9.49 21.02
C THR F 111 -35.56 -8.53 20.18
N THR F 112 -36.89 -8.66 20.30
CA THR F 112 -37.79 -7.87 19.47
C THR F 112 -37.76 -6.40 19.85
N ASP F 120 -33.66 -17.11 21.46
CA ASP F 120 -32.48 -17.69 22.09
C ASP F 120 -32.14 -19.00 21.39
N ALA F 121 -30.94 -19.50 21.63
CA ALA F 121 -30.48 -20.76 21.08
C ALA F 121 -30.46 -21.81 22.17
N THR F 122 -31.02 -22.98 21.89
CA THR F 122 -31.12 -24.05 22.86
C THR F 122 -30.41 -25.30 22.35
N ARG F 123 -29.69 -25.96 23.26
CA ARG F 123 -29.15 -27.28 23.01
C ARG F 123 -30.28 -28.29 23.22
N CYS F 124 -30.03 -29.57 22.93
CA CYS F 124 -31.04 -30.60 23.12
C CYS F 124 -31.38 -30.76 24.60
N VAL F 125 -32.67 -30.76 24.91
CA VAL F 125 -33.15 -30.87 26.29
C VAL F 125 -33.81 -32.20 26.58
N GLY F 126 -34.12 -32.99 25.57
CA GLY F 126 -34.85 -34.24 25.73
C GLY F 126 -36.05 -34.25 24.81
N ALA F 127 -36.69 -35.43 24.74
CA ALA F 127 -37.87 -35.68 23.91
C ALA F 127 -37.59 -35.35 22.43
N CYS F 128 -36.63 -36.09 21.88
CA CYS F 128 -36.15 -35.83 20.52
C CYS F 128 -37.13 -36.28 19.45
N GLY F 129 -38.16 -37.06 19.79
CA GLY F 129 -39.09 -37.55 18.82
C GLY F 129 -40.11 -36.56 18.31
N LEU F 130 -40.25 -35.40 18.95
CA LEU F 130 -41.25 -34.40 18.57
C LEU F 130 -40.59 -33.12 18.07
N ALA F 131 -39.50 -33.26 17.32
CA ALA F 131 -38.79 -32.10 16.79
C ALA F 131 -39.60 -31.41 15.70
N PRO F 132 -39.57 -30.06 15.64
CA PRO F 132 -38.91 -29.14 16.57
C PRO F 132 -39.77 -28.81 17.79
N VAL F 133 -39.18 -28.15 18.77
CA VAL F 133 -39.86 -27.78 20.02
C VAL F 133 -39.86 -26.27 20.14
N MET F 134 -41.02 -25.70 20.44
CA MET F 134 -41.20 -24.27 20.72
C MET F 134 -41.27 -24.09 22.22
N MET F 135 -40.41 -23.23 22.77
CA MET F 135 -40.27 -23.10 24.20
C MET F 135 -40.62 -21.65 24.57
N ILE F 136 -41.76 -21.48 25.23
CA ILE F 136 -42.17 -20.16 25.74
C ILE F 136 -41.92 -20.17 27.24
#